data_3UEZ
#
_entry.id   3UEZ
#
_cell.length_a   235.240
_cell.length_b   235.240
_cell.length_c   95.710
_cell.angle_alpha   90.00
_cell.angle_beta   90.00
_cell.angle_gamma   120.00
#
_symmetry.space_group_name_H-M   'H 3'
#
loop_
_entity.id
_entity.type
_entity.pdbx_description
1 polymer 'Secreted protein BARF1'
2 polymer 'Macrophage colony-stimulating factor 1'
3 branched beta-D-mannopyranose-(1-4)-2-acetamido-2-deoxy-beta-D-glucopyranose-(1-4)-2-acetamido-2-deoxy-beta-D-glucopyranose
#
loop_
_entity_poly.entity_id
_entity_poly.type
_entity_poly.pdbx_seq_one_letter_code
_entity_poly.pdbx_strand_id
1 'polypeptide(L)'
;VTAFLGERVTLTSYWRRVSLGPEIEVSWFKLGPGEEQVLIGRMHHDVIFIEWPFRGFFDIHRSANTFFLVVTAANISHDG
NYLCRMKLGETEVTKQEHLSVVKPLTLSVHSERSQFPDFSVLTVTCTVNAFPHPHVQWLMPEGVEPAPSAANGGVMKEKD
GSLSVAVDLSLPKPWHLPVTCVGKNDKEEAHGVYVSGYLSQKHHHHHH
;
A,B,C,D
2 'polypeptide(L)'
;GSHMEEVSEYCSHMIGSGHLQSLQRLIDSQMETSCQITFEFVDQEQLKDPVCYLKKAFLLVQDIMEDTMRFRDNTPNAIA
IVQLQELSLRLKSCFTKDYEEHDKACVRTFYETPLQLLEKVKNVFNETKNLLDKDWNIFSKNCNNSFAECSSQ
;
E,F,G,H
#
# COMPACT_ATOMS: atom_id res chain seq x y z
N VAL A 1 0.24 -3.72 -36.00
CA VAL A 1 -0.61 -2.93 -35.11
C VAL A 1 -0.38 -1.44 -35.36
N THR A 2 -1.14 -0.60 -34.65
CA THR A 2 -0.98 0.84 -34.76
C THR A 2 -0.77 1.49 -33.40
N ALA A 3 0.14 2.45 -33.33
CA ALA A 3 0.46 3.12 -32.08
C ALA A 3 0.97 4.54 -32.33
N PHE A 4 0.75 5.41 -31.36
CA PHE A 4 1.14 6.80 -31.50
C PHE A 4 2.56 7.04 -30.99
N LEU A 5 3.07 8.24 -31.25
CA LEU A 5 4.44 8.58 -30.91
C LEU A 5 4.63 8.70 -29.40
N GLY A 6 5.68 8.06 -28.90
CA GLY A 6 6.02 8.14 -27.49
C GLY A 6 5.37 7.06 -26.65
N GLU A 7 4.27 6.50 -27.16
CA GLU A 7 3.53 5.49 -26.41
C GLU A 7 4.28 4.17 -26.34
N ARG A 8 3.89 3.34 -25.39
CA ARG A 8 4.41 1.98 -25.30
C ARG A 8 3.64 1.09 -26.26
N VAL A 9 4.33 0.12 -26.85
CA VAL A 9 3.72 -0.74 -27.86
C VAL A 9 4.32 -2.14 -27.78
N THR A 10 3.51 -3.14 -28.11
CA THR A 10 3.97 -4.52 -28.10
C THR A 10 3.52 -5.28 -29.35
N LEU A 11 4.49 -5.88 -30.04
CA LEU A 11 4.18 -6.81 -31.11
C LEU A 11 4.30 -8.21 -30.54
N THR A 12 3.54 -9.16 -31.07
CA THR A 12 3.56 -10.51 -30.54
C THR A 12 3.79 -11.57 -31.61
N SER A 13 4.38 -12.68 -31.17
CA SER A 13 4.50 -13.87 -31.98
C SER A 13 4.21 -15.02 -31.02
N TYR A 14 4.06 -16.23 -31.55
CA TYR A 14 3.71 -17.36 -30.70
C TYR A 14 4.10 -18.68 -31.35
N TRP A 15 4.14 -19.73 -30.53
CA TRP A 15 4.41 -21.07 -31.05
C TRP A 15 3.08 -21.79 -31.31
N ARG A 16 3.04 -22.55 -32.40
CA ARG A 16 1.82 -23.20 -32.83
C ARG A 16 1.26 -24.10 -31.74
N ARG A 17 2.11 -24.97 -31.20
CA ARG A 17 1.71 -25.88 -30.13
C ARG A 17 1.78 -25.16 -28.79
N VAL A 18 0.76 -25.35 -27.96
CA VAL A 18 0.66 -24.63 -26.70
C VAL A 18 1.53 -25.29 -25.62
N SER A 19 2.03 -26.49 -25.91
CA SER A 19 2.85 -27.23 -24.96
C SER A 19 4.18 -26.54 -24.65
N LEU A 20 4.74 -25.84 -25.64
CA LEU A 20 6.11 -25.33 -25.54
C LEU A 20 6.18 -23.81 -25.54
N GLY A 21 6.94 -23.29 -24.59
CA GLY A 21 7.20 -21.86 -24.51
C GLY A 21 8.69 -21.58 -24.42
N PRO A 22 9.31 -21.95 -23.29
CA PRO A 22 10.74 -21.70 -23.04
C PRO A 22 11.67 -22.40 -24.03
N GLU A 23 11.27 -23.58 -24.48
CA GLU A 23 12.14 -24.38 -25.35
C GLU A 23 12.44 -23.68 -26.67
N ILE A 24 11.53 -22.82 -27.10
CA ILE A 24 11.65 -22.13 -28.38
C ILE A 24 12.74 -21.07 -28.35
N GLU A 25 13.62 -21.09 -29.35
CA GLU A 25 14.65 -20.06 -29.49
C GLU A 25 14.09 -18.86 -30.24
N VAL A 26 13.61 -17.88 -29.49
CA VAL A 26 13.01 -16.68 -30.09
C VAL A 26 14.07 -15.64 -30.41
N SER A 27 13.89 -14.96 -31.54
CA SER A 27 14.77 -13.86 -31.92
C SER A 27 14.01 -12.90 -32.82
N TRP A 28 14.03 -11.61 -32.45
CA TRP A 28 13.33 -10.59 -33.20
C TRP A 28 14.28 -9.77 -34.06
N PHE A 29 13.80 -9.30 -35.20
CA PHE A 29 14.60 -8.50 -36.12
C PHE A 29 13.84 -7.25 -36.54
N LYS A 30 14.60 -6.25 -36.99
CA LYS A 30 14.03 -5.02 -37.54
C LYS A 30 14.29 -5.02 -39.03
N LEU A 31 13.22 -5.14 -39.82
CA LEU A 31 13.37 -5.27 -41.27
C LEU A 31 13.56 -3.93 -41.97
N GLY A 32 14.79 -3.68 -42.42
CA GLY A 32 15.07 -2.53 -43.26
C GLY A 32 14.62 -2.86 -44.67
N PRO A 33 14.73 -1.88 -45.58
CA PRO A 33 14.35 -2.09 -46.98
C PRO A 33 15.11 -3.25 -47.59
N GLY A 34 14.44 -3.95 -48.51
CA GLY A 34 14.97 -5.17 -49.08
C GLY A 34 14.76 -6.33 -48.13
N GLU A 35 13.89 -6.14 -47.13
CA GLU A 35 13.63 -7.16 -46.13
C GLU A 35 14.93 -7.64 -45.49
N GLU A 36 15.87 -6.72 -45.36
CA GLU A 36 17.14 -7.00 -44.69
C GLU A 36 16.92 -7.10 -43.18
N GLN A 37 17.71 -7.93 -42.51
CA GLN A 37 17.51 -8.22 -41.10
C GLN A 37 18.53 -7.55 -40.19
N VAL A 38 18.03 -6.83 -39.19
CA VAL A 38 18.86 -6.27 -38.14
C VAL A 38 18.42 -6.86 -36.80
N LEU A 39 19.34 -7.57 -36.14
CA LEU A 39 19.00 -8.27 -34.90
C LEU A 39 18.68 -7.30 -33.77
N ILE A 40 17.48 -7.44 -33.21
CA ILE A 40 17.08 -6.62 -32.07
C ILE A 40 17.43 -7.33 -30.77
N GLY A 41 16.98 -8.57 -30.63
CA GLY A 41 17.27 -9.34 -29.44
C GLY A 41 16.88 -10.80 -29.55
N ARG A 42 17.34 -11.60 -28.60
CA ARG A 42 17.04 -13.03 -28.56
C ARG A 42 16.50 -13.45 -27.20
N MET A 43 15.80 -14.58 -27.17
CA MET A 43 15.31 -15.15 -25.92
C MET A 43 15.33 -16.67 -26.01
N HIS A 44 15.68 -17.32 -24.91
CA HIS A 44 15.67 -18.77 -24.85
C HIS A 44 15.69 -19.22 -23.39
N HIS A 45 14.70 -20.03 -23.03
CA HIS A 45 14.55 -20.48 -21.64
C HIS A 45 14.55 -19.28 -20.70
N ASP A 46 13.87 -18.22 -21.15
CA ASP A 46 13.66 -17.03 -20.34
C ASP A 46 14.95 -16.25 -20.04
N VAL A 47 16.00 -16.52 -20.82
CA VAL A 47 17.23 -15.74 -20.73
C VAL A 47 17.28 -14.78 -21.92
N ILE A 48 17.09 -13.50 -21.64
CA ILE A 48 16.96 -12.49 -22.70
C ILE A 48 18.23 -11.65 -22.82
N PHE A 49 18.53 -11.24 -24.05
CA PHE A 49 19.64 -10.33 -24.30
C PHE A 49 19.37 -9.46 -25.52
N ILE A 50 19.22 -8.16 -25.29
CA ILE A 50 19.00 -7.20 -26.36
C ILE A 50 20.32 -6.63 -26.83
N GLU A 51 20.49 -6.51 -28.15
CA GLU A 51 21.70 -5.91 -28.71
C GLU A 51 21.79 -4.45 -28.24
N TRP A 52 23.02 -3.99 -28.00
CA TRP A 52 23.24 -2.70 -27.37
C TRP A 52 22.65 -1.52 -28.16
N PRO A 53 22.64 -1.62 -29.50
CA PRO A 53 22.01 -0.54 -30.28
C PRO A 53 20.55 -0.32 -29.90
N PHE A 54 19.79 -1.40 -29.73
CA PHE A 54 18.36 -1.31 -29.45
C PHE A 54 18.07 -1.32 -27.95
N ARG A 55 19.11 -1.50 -27.14
CA ARG A 55 18.96 -1.55 -25.69
C ARG A 55 18.22 -0.33 -25.18
N GLY A 56 17.18 -0.57 -24.38
CA GLY A 56 16.39 0.51 -23.81
C GLY A 56 15.25 0.95 -24.69
N PHE A 57 15.35 0.67 -25.99
CA PHE A 57 14.29 0.99 -26.93
C PHE A 57 13.37 -0.21 -27.13
N PHE A 58 13.95 -1.40 -27.06
CA PHE A 58 13.20 -2.65 -27.24
C PHE A 58 13.49 -3.64 -26.12
N ASP A 59 12.49 -4.47 -25.82
CA ASP A 59 12.66 -5.54 -24.85
C ASP A 59 11.88 -6.76 -25.30
N ILE A 60 12.27 -7.94 -24.80
CA ILE A 60 11.55 -9.17 -25.10
C ILE A 60 11.17 -9.89 -23.80
N HIS A 61 9.95 -10.38 -23.74
CA HIS A 61 9.50 -11.18 -22.59
C HIS A 61 8.49 -12.22 -23.05
N ARG A 62 8.30 -13.26 -22.25
CA ARG A 62 7.48 -14.40 -22.65
C ARG A 62 6.31 -14.65 -21.70
N SER A 63 5.22 -15.16 -22.27
CA SER A 63 4.10 -15.68 -21.49
C SER A 63 3.51 -16.89 -22.20
N ALA A 64 3.80 -18.08 -21.67
CA ALA A 64 3.31 -19.32 -22.24
C ALA A 64 3.91 -19.57 -23.63
N ASN A 65 3.06 -19.72 -24.64
CA ASN A 65 3.54 -19.93 -26.00
C ASN A 65 3.71 -18.62 -26.75
N THR A 66 3.40 -17.51 -26.08
CA THR A 66 3.48 -16.20 -26.68
C THR A 66 4.83 -15.55 -26.45
N PHE A 67 5.23 -14.69 -27.38
CA PHE A 67 6.49 -13.98 -27.28
C PHE A 67 6.27 -12.51 -27.61
N PHE A 68 6.58 -11.64 -26.66
CA PHE A 68 6.33 -10.22 -26.82
C PHE A 68 7.59 -9.44 -27.18
N LEU A 69 7.44 -8.49 -28.09
CA LEU A 69 8.48 -7.51 -28.36
C LEU A 69 7.94 -6.14 -27.92
N VAL A 70 8.51 -5.61 -26.84
CA VAL A 70 8.01 -4.36 -26.27
C VAL A 70 8.80 -3.15 -26.75
N VAL A 71 8.10 -2.19 -27.33
CA VAL A 71 8.68 -0.89 -27.65
C VAL A 71 8.43 0.06 -26.49
N THR A 72 9.50 0.37 -25.75
CA THR A 72 9.38 1.22 -24.57
C THR A 72 8.70 2.54 -24.91
N ALA A 73 9.28 3.27 -25.87
CA ALA A 73 8.67 4.48 -26.39
C ALA A 73 8.94 4.56 -27.88
N ALA A 74 7.86 4.60 -28.66
CA ALA A 74 7.97 4.52 -30.12
C ALA A 74 8.32 5.86 -30.75
N ASN A 75 9.24 5.82 -31.71
CA ASN A 75 9.53 7.00 -32.53
C ASN A 75 9.41 6.62 -34.01
N ILE A 76 9.44 7.62 -34.88
CA ILE A 76 9.17 7.41 -36.30
C ILE A 76 10.06 6.32 -36.88
N SER A 77 11.30 6.24 -36.39
CA SER A 77 12.25 5.24 -36.87
C SER A 77 11.65 3.84 -36.81
N HIS A 78 10.86 3.58 -35.77
CA HIS A 78 10.35 2.25 -35.50
C HIS A 78 9.31 1.79 -36.53
N ASP A 79 8.64 2.73 -37.18
CA ASP A 79 7.65 2.38 -38.19
C ASP A 79 8.28 1.49 -39.25
N GLY A 80 7.65 0.34 -39.51
CA GLY A 80 8.17 -0.60 -40.48
C GLY A 80 7.74 -2.02 -40.17
N ASN A 81 8.42 -3.00 -40.77
CA ASN A 81 8.11 -4.40 -40.56
C ASN A 81 9.06 -5.05 -39.56
N TYR A 82 8.52 -5.93 -38.73
CA TYR A 82 9.32 -6.70 -37.78
C TYR A 82 9.10 -8.19 -38.02
N LEU A 83 10.13 -8.98 -37.74
CA LEU A 83 10.11 -10.40 -38.03
C LEU A 83 10.61 -11.21 -36.85
N CYS A 84 9.82 -12.21 -36.45
CA CYS A 84 10.18 -13.08 -35.34
C CYS A 84 10.57 -14.46 -35.85
N ARG A 85 11.76 -14.92 -35.48
CA ARG A 85 12.23 -16.25 -35.86
C ARG A 85 12.24 -17.19 -34.66
N MET A 86 11.36 -18.18 -34.70
CA MET A 86 11.20 -19.12 -33.61
C MET A 86 11.72 -20.48 -34.04
N LYS A 87 12.75 -20.96 -33.35
CA LYS A 87 13.43 -22.20 -33.74
C LYS A 87 13.38 -23.25 -32.63
N LEU A 88 12.95 -24.46 -33.00
CA LEU A 88 12.96 -25.58 -32.08
C LEU A 88 13.58 -26.80 -32.76
N GLY A 89 14.86 -27.03 -32.51
CA GLY A 89 15.57 -28.13 -33.13
C GLY A 89 15.83 -27.89 -34.61
N GLU A 90 15.29 -28.75 -35.46
CA GLU A 90 15.49 -28.64 -36.89
C GLU A 90 14.40 -27.83 -37.58
N THR A 91 13.27 -27.68 -36.90
CA THR A 91 12.17 -26.89 -37.43
C THR A 91 12.34 -25.41 -37.08
N GLU A 92 11.88 -24.54 -37.97
CA GLU A 92 11.88 -23.11 -37.71
C GLU A 92 10.64 -22.46 -38.32
N VAL A 93 10.00 -21.59 -37.55
CA VAL A 93 8.80 -20.90 -38.00
C VAL A 93 8.99 -19.40 -37.88
N THR A 94 8.51 -18.66 -38.88
CA THR A 94 8.66 -17.21 -38.90
C THR A 94 7.29 -16.53 -38.91
N LYS A 95 7.15 -15.51 -38.07
CA LYS A 95 5.93 -14.73 -38.02
C LYS A 95 6.27 -13.25 -38.19
N GLN A 96 5.50 -12.55 -39.01
CA GLN A 96 5.79 -11.16 -39.35
C GLN A 96 4.68 -10.22 -38.90
N GLU A 97 5.07 -9.10 -38.28
CA GLU A 97 4.12 -8.10 -37.83
C GLU A 97 4.53 -6.71 -38.32
N HIS A 98 3.56 -5.84 -38.53
CA HIS A 98 3.82 -4.49 -39.02
C HIS A 98 3.45 -3.44 -37.99
N LEU A 99 4.44 -2.66 -37.55
CA LEU A 99 4.20 -1.57 -36.62
C LEU A 99 4.10 -0.24 -37.37
N SER A 100 2.90 0.34 -37.34
CA SER A 100 2.70 1.66 -37.93
C SER A 100 2.71 2.73 -36.84
N VAL A 101 3.75 3.55 -36.83
CA VAL A 101 3.85 4.64 -35.86
C VAL A 101 3.16 5.88 -36.44
N VAL A 102 2.52 6.65 -35.58
CA VAL A 102 1.76 7.82 -36.01
C VAL A 102 2.09 9.04 -35.16
N LYS A 103 2.35 10.16 -35.83
CA LYS A 103 2.51 11.43 -35.14
C LYS A 103 1.28 12.31 -35.42
N PRO A 104 0.50 12.60 -34.36
CA PRO A 104 -0.70 13.44 -34.52
C PRO A 104 -0.39 14.72 -35.28
N LEU A 105 -1.18 15.01 -36.30
CA LEU A 105 -0.92 16.16 -37.17
C LEU A 105 -1.01 17.48 -36.40
N THR A 106 -0.26 18.46 -36.87
CA THR A 106 -0.28 19.80 -36.27
C THR A 106 -0.55 20.84 -37.35
N LEU A 107 -1.81 21.28 -37.45
CA LEU A 107 -2.22 22.23 -38.46
C LEU A 107 -2.02 23.66 -37.97
N SER A 108 -1.32 24.46 -38.76
CA SER A 108 -1.04 25.85 -38.38
C SER A 108 -1.40 26.80 -39.52
N VAL A 109 -1.99 27.94 -39.16
CA VAL A 109 -2.31 28.97 -40.15
C VAL A 109 -1.62 30.28 -39.82
N HIS A 110 -1.17 30.99 -40.84
CA HIS A 110 -0.42 32.22 -40.67
C HIS A 110 -0.49 33.00 -41.97
N SER A 111 -0.53 34.33 -41.89
CA SER A 111 -0.68 35.13 -43.10
C SER A 111 0.36 36.25 -43.22
N GLU A 112 0.50 36.76 -44.45
CA GLU A 112 1.37 37.88 -44.73
C GLU A 112 0.77 38.68 -45.87
N ARG A 113 0.98 40.00 -45.86
CA ARG A 113 0.54 40.83 -46.97
C ARG A 113 1.74 41.16 -47.86
N SER A 114 1.53 41.13 -49.17
CA SER A 114 2.59 41.42 -50.12
C SER A 114 3.27 42.75 -49.78
N GLN A 115 4.57 42.82 -50.00
CA GLN A 115 5.31 44.05 -49.74
C GLN A 115 5.68 44.74 -51.06
N PHE A 116 5.37 44.08 -52.17
CA PHE A 116 5.65 44.62 -53.49
C PHE A 116 4.85 43.86 -54.53
N PRO A 117 4.29 44.56 -55.53
CA PRO A 117 4.40 46.01 -55.77
C PRO A 117 3.53 46.84 -54.83
N ASP A 118 2.65 46.18 -54.07
CA ASP A 118 1.77 46.90 -53.14
C ASP A 118 1.50 46.05 -51.90
N PHE A 119 0.64 46.55 -51.01
CA PHE A 119 0.25 45.82 -49.81
C PHE A 119 -1.19 45.34 -49.92
N SER A 120 -1.58 44.87 -51.09
CA SER A 120 -2.97 44.51 -51.35
C SER A 120 -3.21 43.01 -51.44
N VAL A 121 -2.15 42.23 -51.63
CA VAL A 121 -2.30 40.78 -51.79
C VAL A 121 -1.97 40.04 -50.49
N LEU A 122 -3.01 39.47 -49.87
CA LEU A 122 -2.85 38.71 -48.64
C LEU A 122 -2.65 37.23 -48.95
N THR A 123 -1.52 36.69 -48.52
CA THR A 123 -1.22 35.27 -48.73
C THR A 123 -1.28 34.50 -47.42
N VAL A 124 -2.36 33.75 -47.22
CA VAL A 124 -2.50 32.91 -46.02
C VAL A 124 -1.84 31.56 -46.25
N THR A 125 -1.26 31.00 -45.18
CA THR A 125 -0.48 29.78 -45.27
C THR A 125 -1.00 28.71 -44.33
N CYS A 126 -1.20 27.50 -44.87
CA CYS A 126 -1.69 26.37 -44.08
C CYS A 126 -0.60 25.30 -44.01
N THR A 127 -0.11 25.03 -42.80
CA THR A 127 0.98 24.08 -42.60
C THR A 127 0.56 22.89 -41.74
N VAL A 128 0.80 21.68 -42.25
CA VAL A 128 0.44 20.47 -41.53
C VAL A 128 1.62 19.52 -41.40
N ASN A 129 2.10 19.35 -40.17
CA ASN A 129 3.20 18.43 -39.88
C ASN A 129 2.69 17.17 -39.19
N ALA A 130 2.71 16.07 -39.91
CA ALA A 130 2.21 14.80 -39.40
C ALA A 130 3.05 13.63 -39.88
N PHE A 131 2.57 12.42 -39.61
CA PHE A 131 3.19 11.21 -40.11
C PHE A 131 2.18 10.07 -39.99
N PRO A 132 2.14 9.18 -40.99
CA PRO A 132 3.06 9.09 -42.13
C PRO A 132 2.64 9.93 -43.35
N HIS A 133 1.38 10.33 -43.42
CA HIS A 133 0.88 11.01 -44.62
C HIS A 133 0.17 12.33 -44.32
N PRO A 134 0.95 13.41 -44.17
CA PRO A 134 0.38 14.75 -44.02
C PRO A 134 -0.20 15.22 -45.35
N HIS A 135 -1.24 16.05 -45.31
CA HIS A 135 -1.85 16.56 -46.52
C HIS A 135 -2.55 17.89 -46.26
N VAL A 136 -2.34 18.85 -47.16
CA VAL A 136 -2.95 20.17 -47.03
C VAL A 136 -3.56 20.63 -48.35
N GLN A 137 -4.71 21.28 -48.27
CA GLN A 137 -5.34 21.85 -49.46
C GLN A 137 -6.30 22.96 -49.05
N TRP A 138 -6.34 24.02 -49.85
CA TRP A 138 -7.22 25.14 -49.56
C TRP A 138 -8.59 24.94 -50.18
N LEU A 139 -9.62 25.35 -49.45
CA LEU A 139 -10.99 25.32 -49.95
C LEU A 139 -11.33 26.64 -50.61
N MET A 140 -11.77 26.59 -51.87
CA MET A 140 -12.00 27.80 -52.64
C MET A 140 -13.27 27.68 -53.51
N VAL A 155 7.41 18.72 -49.93
CA VAL A 155 7.45 17.99 -48.67
C VAL A 155 8.83 18.09 -48.03
N MET A 156 8.86 18.53 -46.77
CA MET A 156 10.11 18.65 -46.04
C MET A 156 10.16 17.60 -44.94
N LYS A 157 11.36 17.11 -44.65
CA LYS A 157 11.55 16.12 -43.59
C LYS A 157 12.10 16.79 -42.34
N GLU A 158 11.49 16.51 -41.19
CA GLU A 158 11.93 17.09 -39.93
C GLU A 158 12.99 16.21 -39.26
N LYS A 159 13.46 16.63 -38.09
CA LYS A 159 14.46 15.88 -37.36
C LYS A 159 13.86 14.68 -36.64
N ASP A 160 12.63 14.85 -36.13
CA ASP A 160 11.95 13.76 -35.43
C ASP A 160 11.56 12.64 -36.41
N GLY A 161 11.72 12.90 -37.70
CA GLY A 161 11.45 11.90 -38.72
C GLY A 161 10.12 12.11 -39.41
N SER A 162 9.38 13.14 -38.99
CA SER A 162 8.05 13.40 -39.53
C SER A 162 8.14 14.19 -40.82
N LEU A 163 6.98 14.48 -41.42
CA LEU A 163 6.92 15.16 -42.71
C LEU A 163 6.07 16.41 -42.63
N SER A 164 6.67 17.57 -42.93
CA SER A 164 5.94 18.82 -42.97
C SER A 164 5.59 19.20 -44.40
N VAL A 165 4.38 19.70 -44.59
CA VAL A 165 3.93 20.19 -45.89
C VAL A 165 3.06 21.42 -45.67
N ALA A 166 3.10 22.35 -46.62
CA ALA A 166 2.35 23.59 -46.49
C ALA A 166 1.82 24.06 -47.85
N VAL A 167 0.86 24.98 -47.81
CA VAL A 167 0.26 25.51 -49.02
C VAL A 167 -0.12 26.98 -48.83
N ASP A 168 0.03 27.77 -49.89
CA ASP A 168 -0.27 29.20 -49.84
C ASP A 168 -1.49 29.55 -50.70
N LEU A 169 -2.28 30.51 -50.21
CA LEU A 169 -3.45 30.99 -50.93
C LEU A 169 -3.40 32.50 -51.04
N SER A 170 -3.39 33.01 -52.28
CA SER A 170 -3.29 34.44 -52.52
C SER A 170 -4.67 35.08 -52.72
N LEU A 171 -4.92 36.17 -52.00
CA LEU A 171 -6.20 36.85 -52.07
C LEU A 171 -6.02 38.32 -52.45
N PRO A 172 -6.36 38.68 -53.70
CA PRO A 172 -6.34 40.08 -54.12
C PRO A 172 -7.45 40.88 -53.47
N LYS A 173 -7.24 42.18 -53.27
CA LYS A 173 -8.28 43.03 -52.69
C LYS A 173 -9.47 43.13 -53.64
N PRO A 174 -10.70 43.00 -53.10
CA PRO A 174 -10.97 42.79 -51.67
C PRO A 174 -10.73 41.36 -51.24
N TRP A 175 -10.26 41.16 -50.02
CA TRP A 175 -9.96 39.83 -49.50
C TRP A 175 -11.25 39.09 -49.16
N HIS A 176 -11.54 38.05 -49.93
CA HIS A 176 -12.73 37.24 -49.68
C HIS A 176 -12.48 36.32 -48.48
N LEU A 177 -12.93 36.76 -47.31
CA LEU A 177 -12.83 35.96 -46.09
C LEU A 177 -14.24 35.63 -45.60
N PRO A 178 -14.38 34.54 -44.84
CA PRO A 178 -13.38 33.54 -44.44
C PRO A 178 -12.87 32.65 -45.58
N VAL A 179 -11.73 32.02 -45.32
CA VAL A 179 -11.16 30.97 -46.17
C VAL A 179 -10.75 29.79 -45.29
N THR A 180 -11.03 28.57 -45.77
CA THR A 180 -10.77 27.36 -44.99
C THR A 180 -9.76 26.46 -45.69
N CYS A 181 -8.82 25.92 -44.91
CA CYS A 181 -7.88 24.92 -45.42
C CYS A 181 -8.07 23.62 -44.67
N VAL A 182 -8.12 22.52 -45.42
CA VAL A 182 -8.36 21.20 -44.83
C VAL A 182 -7.07 20.39 -44.79
N GLY A 183 -6.60 20.13 -43.58
CA GLY A 183 -5.42 19.30 -43.39
C GLY A 183 -5.81 17.96 -42.80
N LYS A 184 -5.05 16.92 -43.10
CA LYS A 184 -5.35 15.60 -42.56
C LYS A 184 -4.18 14.61 -42.68
N ASN A 185 -4.17 13.65 -41.77
CA ASN A 185 -3.17 12.59 -41.74
C ASN A 185 -3.89 11.26 -41.91
N ASP A 186 -3.98 10.79 -43.15
CA ASP A 186 -4.83 9.66 -43.49
C ASP A 186 -6.28 9.94 -43.07
N LYS A 187 -6.73 9.31 -41.99
CA LYS A 187 -8.10 9.49 -41.53
C LYS A 187 -8.22 10.64 -40.54
N GLU A 188 -7.14 10.91 -39.81
CA GLU A 188 -7.10 12.05 -38.90
C GLU A 188 -7.27 13.33 -39.71
N GLU A 189 -7.92 14.34 -39.13
CA GLU A 189 -8.25 15.54 -39.88
C GLU A 189 -8.52 16.75 -38.98
N ALA A 190 -8.22 17.93 -39.49
CA ALA A 190 -8.49 19.18 -38.79
C ALA A 190 -8.58 20.33 -39.78
N HIS A 191 -9.26 21.40 -39.39
CA HIS A 191 -9.44 22.55 -40.27
C HIS A 191 -8.75 23.79 -39.70
N GLY A 192 -8.40 24.71 -40.60
CA GLY A 192 -7.87 26.00 -40.22
C GLY A 192 -8.58 27.08 -41.01
N VAL A 193 -9.07 28.11 -40.31
CA VAL A 193 -9.84 29.16 -40.95
C VAL A 193 -9.31 30.54 -40.60
N TYR A 194 -8.85 31.27 -41.61
CA TYR A 194 -8.48 32.67 -41.41
C TYR A 194 -9.73 33.52 -41.63
N VAL A 195 -10.16 34.22 -40.59
CA VAL A 195 -11.41 34.96 -40.63
C VAL A 195 -11.21 36.42 -41.02
N SER A 196 -10.24 37.07 -40.40
CA SER A 196 -10.00 38.49 -40.64
C SER A 196 -8.54 38.88 -40.41
N GLY A 197 -8.10 39.93 -41.09
CA GLY A 197 -6.78 40.48 -40.89
C GLY A 197 -6.75 41.43 -39.72
N TYR A 198 -5.58 41.96 -39.39
CA TYR A 198 -5.42 42.87 -38.28
C TYR A 198 -5.82 44.29 -38.70
N LEU A 199 -5.69 44.58 -39.99
CA LEU A 199 -5.94 45.91 -40.51
C LEU A 199 -7.02 45.88 -41.60
N VAL B 1 5.85 11.33 33.45
CA VAL B 1 6.64 10.25 32.89
C VAL B 1 8.05 10.74 32.56
N THR B 2 8.84 9.89 31.92
CA THR B 2 10.20 10.25 31.52
C THR B 2 10.38 10.12 30.01
N ALA B 3 11.16 11.03 29.44
CA ALA B 3 11.42 11.03 28.01
C ALA B 3 12.74 11.74 27.71
N PHE B 4 13.36 11.38 26.60
CA PHE B 4 14.67 11.93 26.25
C PHE B 4 14.53 13.10 25.28
N LEU B 5 15.65 13.77 25.02
CA LEU B 5 15.66 15.01 24.25
C LEU B 5 15.32 14.77 22.78
N GLY B 6 14.27 15.45 22.32
CA GLY B 6 13.85 15.35 20.93
C GLY B 6 12.71 14.37 20.73
N GLU B 7 12.63 13.37 21.61
CA GLU B 7 11.62 12.33 21.50
C GLU B 7 10.20 12.86 21.65
N ARG B 8 9.24 12.13 21.12
CA ARG B 8 7.83 12.41 21.35
C ARG B 8 7.43 11.81 22.68
N VAL B 9 6.63 12.54 23.45
CA VAL B 9 6.20 12.07 24.77
C VAL B 9 4.80 12.59 25.05
N THR B 10 4.00 11.77 25.74
CA THR B 10 2.61 12.12 25.99
C THR B 10 2.24 11.97 27.47
N LEU B 11 1.72 13.06 28.04
CA LEU B 11 1.12 13.03 29.36
C LEU B 11 -0.38 12.79 29.18
N THR B 12 -1.02 12.21 30.18
CA THR B 12 -2.44 11.90 30.06
C THR B 12 -3.26 12.38 31.25
N SER B 13 -4.56 12.51 31.01
CA SER B 13 -5.53 12.82 32.04
C SER B 13 -6.83 12.14 31.62
N TYR B 14 -7.77 11.97 32.55
CA TYR B 14 -8.98 11.25 32.24
C TYR B 14 -10.14 11.69 33.12
N TRP B 15 -11.36 11.46 32.64
CA TRP B 15 -12.55 11.75 33.43
C TRP B 15 -12.94 10.52 34.23
N ARG B 16 -13.19 10.72 35.51
CA ARG B 16 -13.49 9.62 36.42
C ARG B 16 -14.56 8.69 35.84
N ARG B 17 -15.66 9.26 35.37
CA ARG B 17 -16.78 8.49 34.88
C ARG B 17 -16.64 8.21 33.39
N VAL B 18 -16.61 6.93 33.04
CA VAL B 18 -16.27 6.50 31.69
C VAL B 18 -17.34 6.88 30.67
N SER B 19 -18.53 7.24 31.14
CA SER B 19 -19.63 7.58 30.25
C SER B 19 -19.38 8.83 29.40
N LEU B 20 -18.60 9.77 29.93
CA LEU B 20 -18.45 11.07 29.29
C LEU B 20 -17.01 11.35 28.89
N GLY B 21 -16.84 11.87 27.67
CA GLY B 21 -15.53 12.21 27.15
C GLY B 21 -15.51 13.59 26.52
N PRO B 22 -16.17 13.74 25.36
CA PRO B 22 -16.20 15.03 24.65
C PRO B 22 -16.83 16.15 25.46
N GLU B 23 -17.79 15.80 26.31
CA GLU B 23 -18.51 16.80 27.07
C GLU B 23 -17.59 17.59 27.99
N ILE B 24 -16.50 16.96 28.43
CA ILE B 24 -15.58 17.58 29.36
C ILE B 24 -14.86 18.78 28.74
N GLU B 25 -14.77 19.88 29.48
CA GLU B 25 -14.05 21.05 29.03
C GLU B 25 -12.61 20.96 29.51
N VAL B 26 -11.76 20.32 28.72
CA VAL B 26 -10.37 20.09 29.10
C VAL B 26 -9.49 21.29 28.77
N SER B 27 -8.50 21.53 29.61
CA SER B 27 -7.54 22.61 29.39
C SER B 27 -6.25 22.32 30.15
N TRP B 28 -5.13 22.27 29.41
CA TRP B 28 -3.83 21.95 30.00
C TRP B 28 -3.01 23.20 30.27
N PHE B 29 -2.10 23.11 31.22
CA PHE B 29 -1.26 24.24 31.59
C PHE B 29 0.19 23.82 31.84
N LYS B 30 1.11 24.78 31.69
CA LYS B 30 2.51 24.57 32.02
C LYS B 30 2.79 25.26 33.35
N LEU B 31 3.16 24.48 34.36
CA LEU B 31 3.34 25.02 35.70
C LEU B 31 4.74 25.59 35.91
N GLY B 32 4.86 26.91 35.82
CA GLY B 32 6.10 27.59 36.15
C GLY B 32 6.30 27.60 37.66
N PRO B 33 7.47 28.06 38.11
CA PRO B 33 7.75 28.09 39.55
C PRO B 33 6.70 28.91 40.30
N GLY B 34 6.46 28.57 41.57
CA GLY B 34 5.39 29.17 42.33
C GLY B 34 4.06 28.58 41.91
N GLU B 35 4.14 27.44 41.21
CA GLU B 35 2.96 26.78 40.69
C GLU B 35 2.17 27.73 39.78
N GLU B 36 2.89 28.66 39.15
CA GLU B 36 2.26 29.57 38.20
C GLU B 36 1.66 28.75 37.08
N GLN B 37 0.67 29.32 36.38
CA GLN B 37 -0.14 28.55 35.44
C GLN B 37 -0.23 29.21 34.06
N VAL B 38 0.41 28.58 33.07
CA VAL B 38 0.38 29.06 31.70
C VAL B 38 -0.48 28.15 30.82
N LEU B 39 -1.41 28.74 30.09
CA LEU B 39 -2.32 27.95 29.24
C LEU B 39 -1.61 27.45 27.98
N ILE B 40 -1.61 26.14 27.80
CA ILE B 40 -1.03 25.52 26.61
C ILE B 40 -2.07 25.37 25.51
N GLY B 41 -3.25 24.88 25.89
CA GLY B 41 -4.33 24.68 24.94
C GLY B 41 -5.60 24.16 25.61
N ARG B 42 -6.69 24.13 24.84
CA ARG B 42 -7.98 23.68 25.36
C ARG B 42 -8.63 22.68 24.40
N MET B 43 -9.57 21.91 24.92
CA MET B 43 -10.33 20.96 24.11
C MET B 43 -11.75 20.85 24.63
N HIS B 44 -12.70 20.78 23.71
CA HIS B 44 -14.11 20.70 24.08
C HIS B 44 -14.92 20.21 22.89
N HIS B 45 -15.53 19.05 23.02
CA HIS B 45 -16.26 18.42 21.92
C HIS B 45 -15.32 18.21 20.74
N ASP B 46 -14.12 17.73 21.04
CA ASP B 46 -13.12 17.45 20.01
C ASP B 46 -12.80 18.68 19.16
N VAL B 47 -13.05 19.86 19.72
CA VAL B 47 -12.63 21.11 19.08
C VAL B 47 -11.40 21.63 19.81
N ILE B 48 -10.24 21.42 19.21
CA ILE B 48 -8.97 21.72 19.89
C ILE B 48 -8.37 23.04 19.41
N PHE B 49 -7.69 23.73 20.32
CA PHE B 49 -6.98 24.95 19.98
C PHE B 49 -5.77 25.14 20.89
N ILE B 50 -4.58 25.05 20.32
CA ILE B 50 -3.36 25.27 21.07
C ILE B 50 -2.95 26.73 20.96
N GLU B 51 -2.60 27.34 22.08
CA GLU B 51 -2.14 28.73 22.09
C GLU B 51 -0.93 28.87 21.18
N TRP B 52 -0.87 29.97 20.44
CA TRP B 52 0.14 30.15 19.41
C TRP B 52 1.57 30.00 19.94
N PRO B 53 1.82 30.44 21.18
CA PRO B 53 3.14 30.22 21.77
C PRO B 53 3.55 28.75 21.77
N PHE B 54 2.63 27.88 22.19
CA PHE B 54 2.93 26.45 22.29
C PHE B 54 2.60 25.70 21.00
N ARG B 55 2.03 26.42 20.04
CA ARG B 55 1.69 25.85 18.75
C ARG B 55 2.89 25.14 18.13
N GLY B 56 2.71 23.89 17.74
CA GLY B 56 3.77 23.12 17.12
C GLY B 56 4.64 22.39 18.12
N PHE B 57 4.55 22.75 19.40
CA PHE B 57 5.31 22.09 20.44
C PHE B 57 4.43 21.15 21.25
N PHE B 58 3.14 21.44 21.29
CA PHE B 58 2.18 20.62 22.01
C PHE B 58 0.92 20.40 21.18
N ASP B 59 0.24 19.29 21.42
CA ASP B 59 -1.07 19.05 20.84
C ASP B 59 -1.94 18.32 21.84
N ILE B 60 -3.26 18.48 21.72
CA ILE B 60 -4.20 17.78 22.57
C ILE B 60 -5.18 16.98 21.71
N HIS B 61 -5.42 15.73 22.10
CA HIS B 61 -6.43 14.92 21.45
C HIS B 61 -7.11 14.04 22.48
N ARG B 62 -8.23 13.44 22.10
CA ARG B 62 -9.05 12.68 23.03
C ARG B 62 -9.38 11.30 22.48
N SER B 63 -9.50 10.33 23.37
CA SER B 63 -10.01 9.02 23.00
C SER B 63 -10.76 8.44 24.19
N ALA B 64 -12.09 8.41 24.08
CA ALA B 64 -12.98 8.01 25.17
C ALA B 64 -12.95 9.02 26.31
N ASN B 65 -12.79 8.54 27.54
CA ASN B 65 -12.75 9.42 28.69
C ASN B 65 -11.35 9.99 28.91
N THR B 66 -10.40 9.48 28.14
CA THR B 66 -9.00 9.89 28.28
C THR B 66 -8.71 11.19 27.53
N PHE B 67 -7.70 11.90 28.00
CA PHE B 67 -7.25 13.13 27.36
C PHE B 67 -5.73 13.14 27.33
N PHE B 68 -5.17 13.21 26.12
CA PHE B 68 -3.73 13.19 25.94
C PHE B 68 -3.17 14.60 25.74
N LEU B 69 -2.04 14.88 26.38
CA LEU B 69 -1.24 16.04 26.04
C LEU B 69 0.07 15.53 25.44
N VAL B 70 0.23 15.70 24.14
CA VAL B 70 1.39 15.15 23.44
C VAL B 70 2.39 16.24 23.05
N VAL B 71 3.63 16.06 23.50
CA VAL B 71 4.73 16.95 23.13
C VAL B 71 5.40 16.39 21.88
N THR B 72 5.18 17.05 20.75
CA THR B 72 5.68 16.56 19.47
C THR B 72 7.16 16.25 19.51
N ALA B 73 7.92 17.12 20.19
CA ALA B 73 9.35 16.93 20.38
C ALA B 73 9.79 17.68 21.62
N ALA B 74 10.36 16.95 22.58
CA ALA B 74 10.69 17.52 23.89
C ALA B 74 12.00 18.28 23.89
N ASN B 75 12.03 19.42 24.58
CA ASN B 75 13.28 20.12 24.86
C ASN B 75 13.37 20.43 26.36
N ILE B 76 14.57 20.76 26.81
CA ILE B 76 14.84 20.89 28.25
C ILE B 76 13.81 21.79 28.93
N SER B 77 13.33 22.80 28.21
CA SER B 77 12.34 23.73 28.75
C SER B 77 11.11 22.98 29.26
N HIS B 78 10.77 21.89 28.59
CA HIS B 78 9.56 21.14 28.92
C HIS B 78 9.62 20.47 30.28
N ASP B 79 10.82 20.09 30.71
CA ASP B 79 10.97 19.46 32.02
C ASP B 79 10.33 20.33 33.09
N GLY B 80 9.33 19.78 33.77
CA GLY B 80 8.63 20.50 34.82
C GLY B 80 7.35 19.78 35.22
N ASN B 81 6.35 20.55 35.64
CA ASN B 81 5.06 19.99 36.00
C ASN B 81 3.93 20.58 35.16
N TYR B 82 3.01 19.72 34.74
CA TYR B 82 1.88 20.14 33.94
C TYR B 82 0.58 19.92 34.70
N LEU B 83 -0.48 20.59 34.28
CA LEU B 83 -1.76 20.48 34.95
C LEU B 83 -2.88 20.28 33.94
N CYS B 84 -3.89 19.51 34.33
CA CYS B 84 -5.06 19.29 33.49
C CYS B 84 -6.32 19.64 34.25
N ARG B 85 -7.04 20.65 33.77
CA ARG B 85 -8.27 21.09 34.42
C ARG B 85 -9.50 20.65 33.62
N MET B 86 -10.24 19.69 34.18
CA MET B 86 -11.38 19.11 33.51
C MET B 86 -12.67 19.59 34.18
N LYS B 87 -13.59 20.12 33.40
CA LYS B 87 -14.78 20.77 33.97
C LYS B 87 -16.09 20.37 33.30
N LEU B 88 -17.12 20.17 34.12
CA LEU B 88 -18.48 19.99 33.64
C LEU B 88 -19.43 20.89 34.42
N GLY B 89 -19.82 22.01 33.81
CA GLY B 89 -20.70 22.95 34.46
C GLY B 89 -20.12 23.50 35.76
N GLU B 90 -20.69 23.08 36.88
CA GLU B 90 -20.24 23.53 38.19
C GLU B 90 -19.19 22.58 38.78
N THR B 91 -19.09 21.38 38.23
CA THR B 91 -18.10 20.41 38.69
C THR B 91 -16.78 20.63 37.97
N GLU B 92 -15.67 20.43 38.68
CA GLU B 92 -14.36 20.52 38.06
C GLU B 92 -13.32 19.68 38.80
N VAL B 93 -12.53 18.93 38.04
CA VAL B 93 -11.49 18.08 38.61
C VAL B 93 -10.13 18.51 38.08
N THR B 94 -9.11 18.36 38.92
CA THR B 94 -7.74 18.69 38.53
C THR B 94 -6.85 17.46 38.64
N LYS B 95 -5.97 17.29 37.66
CA LYS B 95 -4.94 16.27 37.73
C LYS B 95 -3.58 16.85 37.36
N GLN B 96 -2.56 16.47 38.10
CA GLN B 96 -1.22 16.99 37.88
C GLN B 96 -0.31 15.88 37.37
N GLU B 97 0.64 16.25 36.50
CA GLU B 97 1.54 15.29 35.88
C GLU B 97 2.95 15.88 35.79
N HIS B 98 3.96 15.04 35.98
CA HIS B 98 5.35 15.50 35.92
C HIS B 98 6.08 14.85 34.75
N LEU B 99 6.62 15.70 33.87
CA LEU B 99 7.43 15.22 32.76
C LEU B 99 8.90 15.51 33.05
N SER B 100 9.70 14.45 33.15
CA SER B 100 11.12 14.59 33.41
C SER B 100 11.91 14.40 32.11
N VAL B 101 12.47 15.48 31.58
CA VAL B 101 13.28 15.42 30.38
C VAL B 101 14.72 15.08 30.74
N VAL B 102 15.38 14.35 29.85
CA VAL B 102 16.77 13.96 30.07
C VAL B 102 17.60 14.16 28.80
N LYS B 103 18.80 14.69 28.98
CA LYS B 103 19.76 14.78 27.89
C LYS B 103 20.89 13.80 28.17
N PRO B 104 21.00 12.74 27.36
CA PRO B 104 22.06 11.75 27.56
C PRO B 104 23.41 12.43 27.73
N LEU B 105 24.15 12.05 28.76
CA LEU B 105 25.40 12.72 29.08
C LEU B 105 26.41 12.62 27.94
N THR B 106 27.23 13.65 27.81
CA THR B 106 28.33 13.65 26.85
C THR B 106 29.64 13.87 27.60
N LEU B 107 30.36 12.79 27.86
CA LEU B 107 31.62 12.87 28.58
C LEU B 107 32.77 13.12 27.61
N SER B 108 33.64 14.07 27.94
CA SER B 108 34.76 14.43 27.07
C SER B 108 36.07 14.47 27.86
N VAL B 109 37.14 14.00 27.25
CA VAL B 109 38.46 13.95 27.90
C VAL B 109 39.54 14.53 26.99
N HIS B 110 40.44 15.31 27.58
CA HIS B 110 41.59 15.84 26.84
C HIS B 110 42.61 16.41 27.82
N SER B 111 43.86 16.47 27.40
CA SER B 111 44.93 16.93 28.28
C SER B 111 45.70 18.11 27.70
N GLU B 112 46.55 18.71 28.53
CA GLU B 112 47.37 19.84 28.13
C GLU B 112 48.50 20.02 29.13
N ARG B 113 49.72 20.18 28.63
CA ARG B 113 50.89 20.29 29.50
C ARG B 113 51.16 21.75 29.87
N SER B 114 51.61 21.95 31.11
CA SER B 114 51.94 23.28 31.61
C SER B 114 52.96 23.94 30.68
N GLN B 115 52.88 25.27 30.59
CA GLN B 115 53.80 26.02 29.75
C GLN B 115 54.75 26.87 30.60
N PHE B 116 54.56 26.83 31.91
CA PHE B 116 55.35 27.63 32.83
C PHE B 116 55.08 27.17 34.27
N PRO B 117 56.13 27.06 35.09
CA PRO B 117 57.53 27.39 34.79
C PRO B 117 58.22 26.35 33.92
N ASP B 118 57.60 25.19 33.75
CA ASP B 118 58.17 24.13 32.94
C ASP B 118 57.08 23.35 32.20
N PHE B 119 57.49 22.33 31.46
CA PHE B 119 56.55 21.49 30.74
C PHE B 119 56.42 20.12 31.42
N SER B 120 56.45 20.12 32.75
CA SER B 120 56.49 18.86 33.49
C SER B 120 55.14 18.47 34.10
N VAL B 121 54.24 19.44 34.24
CA VAL B 121 52.94 19.16 34.85
C VAL B 121 51.86 18.95 33.79
N LEU B 122 51.28 17.75 33.80
CA LEU B 122 50.21 17.41 32.86
C LEU B 122 48.85 17.55 33.55
N THR B 123 48.03 18.45 33.03
CA THR B 123 46.69 18.67 33.59
C THR B 123 45.62 18.13 32.65
N VAL B 124 45.07 16.96 33.00
CA VAL B 124 43.97 16.38 32.24
C VAL B 124 42.64 16.98 32.68
N THR B 125 41.70 17.07 31.76
CA THR B 125 40.42 17.70 32.03
C THR B 125 39.27 16.77 31.63
N CYS B 126 38.29 16.63 32.51
CA CYS B 126 37.14 15.78 32.25
C CYS B 126 35.86 16.60 32.30
N THR B 127 35.06 16.52 31.24
CA THR B 127 33.85 17.32 31.13
C THR B 127 32.63 16.43 30.87
N VAL B 128 31.50 16.79 31.47
CA VAL B 128 30.26 16.05 31.27
C VAL B 128 29.09 17.01 31.08
N ASN B 129 28.55 17.04 29.86
CA ASN B 129 27.39 17.86 29.55
C ASN B 129 26.14 16.99 29.50
N ALA B 130 25.28 17.15 30.50
CA ALA B 130 24.08 16.33 30.62
C ALA B 130 22.93 17.12 31.22
N PHE B 131 21.83 16.43 31.49
CA PHE B 131 20.67 17.00 32.17
C PHE B 131 19.82 15.85 32.71
N PRO B 132 19.29 16.01 33.94
CA PRO B 132 19.29 17.23 34.75
C PRO B 132 20.50 17.37 35.68
N HIS B 133 21.22 16.29 35.97
CA HIS B 133 22.30 16.33 36.95
C HIS B 133 23.62 15.77 36.42
N PRO B 134 24.40 16.62 35.74
CA PRO B 134 25.76 16.23 35.32
C PRO B 134 26.67 16.12 36.53
N HIS B 135 27.67 15.25 36.46
CA HIS B 135 28.60 15.09 37.58
C HIS B 135 29.93 14.52 37.09
N VAL B 136 31.02 15.12 37.53
CA VAL B 136 32.37 14.69 37.12
C VAL B 136 33.27 14.52 38.34
N GLN B 137 34.04 13.44 38.35
CA GLN B 137 34.92 13.15 39.48
C GLN B 137 36.15 12.37 39.04
N TRP B 138 37.33 12.87 39.41
CA TRP B 138 38.57 12.16 39.15
C TRP B 138 38.85 11.18 40.28
N LEU B 139 39.30 9.98 39.93
CA LEU B 139 39.61 8.95 40.92
C LEU B 139 40.98 9.24 41.55
N MET B 140 41.05 9.16 42.88
CA MET B 140 42.27 9.46 43.62
C MET B 140 42.45 10.97 43.77
N VAL B 155 29.58 25.18 37.33
CA VAL B 155 28.41 24.70 36.59
C VAL B 155 27.97 25.75 35.58
N MET B 156 28.12 25.45 34.30
CA MET B 156 27.78 26.41 33.25
C MET B 156 26.49 26.01 32.53
N LYS B 157 25.65 27.00 32.25
CA LYS B 157 24.40 26.75 31.55
C LYS B 157 24.58 26.95 30.05
N GLU B 158 24.17 25.96 29.28
CA GLU B 158 24.28 26.03 27.82
C GLU B 158 23.04 26.68 27.22
N LYS B 159 23.09 26.90 25.91
CA LYS B 159 21.95 27.45 25.18
C LYS B 159 20.87 26.38 25.09
N ASP B 160 21.31 25.13 24.98
CA ASP B 160 20.40 23.98 24.87
C ASP B 160 19.54 23.87 26.12
N GLY B 161 19.94 24.55 27.19
CA GLY B 161 19.24 24.47 28.45
C GLY B 161 19.91 23.47 29.38
N SER B 162 20.86 22.72 28.82
CA SER B 162 21.59 21.71 29.58
C SER B 162 22.58 22.38 30.53
N LEU B 163 23.38 21.55 31.21
CA LEU B 163 24.39 22.06 32.12
C LEU B 163 25.71 21.33 31.93
N SER B 164 26.76 22.08 31.62
CA SER B 164 28.10 21.52 31.47
C SER B 164 28.91 21.74 32.75
N VAL B 165 29.54 20.68 33.23
CA VAL B 165 30.40 20.77 34.40
C VAL B 165 31.68 19.97 34.15
N ALA B 166 32.79 20.42 34.72
CA ALA B 166 34.08 19.78 34.47
C ALA B 166 35.04 19.98 35.64
N VAL B 167 36.07 19.15 35.71
CA VAL B 167 37.09 19.26 36.74
C VAL B 167 38.46 18.87 36.16
N ASP B 168 39.51 19.47 36.70
CA ASP B 168 40.87 19.25 36.22
C ASP B 168 41.71 18.48 37.23
N LEU B 169 42.68 17.72 36.73
CA LEU B 169 43.60 16.97 37.58
C LEU B 169 45.04 17.25 37.17
N SER B 170 45.85 17.70 38.13
CA SER B 170 47.25 18.02 37.85
C SER B 170 48.16 16.86 38.23
N LEU B 171 49.08 16.53 37.32
CA LEU B 171 50.01 15.42 37.54
C LEU B 171 51.45 15.87 37.29
N PRO B 172 52.24 16.03 38.37
CA PRO B 172 53.66 16.33 38.21
C PRO B 172 54.41 15.13 37.61
N LYS B 173 55.46 15.41 36.83
CA LYS B 173 56.24 14.36 36.19
C LYS B 173 57.03 13.60 37.26
N PRO B 174 57.03 12.25 37.19
CA PRO B 174 56.38 11.42 36.17
C PRO B 174 54.87 11.35 36.32
N TRP B 175 54.17 11.28 35.20
CA TRP B 175 52.71 11.25 35.19
C TRP B 175 52.20 9.84 35.48
N HIS B 176 51.58 9.67 36.64
CA HIS B 176 51.02 8.38 37.02
C HIS B 176 49.81 8.06 36.14
N LEU B 177 50.07 7.43 35.00
CA LEU B 177 49.00 7.02 34.09
C LEU B 177 48.83 5.51 34.13
N PRO B 178 47.66 5.01 33.73
CA PRO B 178 46.43 5.76 33.41
C PRO B 178 45.77 6.44 34.60
N VAL B 179 44.88 7.39 34.28
CA VAL B 179 44.00 8.04 35.24
C VAL B 179 42.57 8.02 34.70
N THR B 180 41.60 7.84 35.59
CA THR B 180 40.20 7.66 35.19
C THR B 180 39.28 8.71 35.81
N CYS B 181 38.35 9.23 35.01
CA CYS B 181 37.33 10.14 35.50
C CYS B 181 35.95 9.52 35.36
N VAL B 182 35.15 9.65 36.40
CA VAL B 182 33.80 9.09 36.42
C VAL B 182 32.75 10.17 36.21
N GLY B 183 32.12 10.15 35.03
CA GLY B 183 31.04 11.06 34.74
C GLY B 183 29.71 10.36 34.83
N LYS B 184 28.66 11.08 35.22
CA LYS B 184 27.34 10.47 35.31
C LYS B 184 26.19 11.48 35.36
N ASN B 185 25.04 11.04 34.86
CA ASN B 185 23.82 11.81 34.89
C ASN B 185 22.80 11.06 35.76
N ASP B 186 22.77 11.39 37.04
CA ASP B 186 22.03 10.60 38.03
C ASP B 186 22.51 9.15 38.03
N LYS B 187 21.70 8.24 37.50
CA LYS B 187 22.06 6.82 37.49
C LYS B 187 22.93 6.49 36.28
N GLU B 188 22.74 7.23 35.19
CA GLU B 188 23.56 7.07 34.00
C GLU B 188 25.02 7.36 34.34
N GLU B 189 25.94 6.70 33.67
CA GLU B 189 27.36 6.94 33.91
C GLU B 189 28.27 6.42 32.79
N ALA B 190 29.43 7.06 32.66
CA ALA B 190 30.42 6.65 31.68
C ALA B 190 31.81 7.02 32.20
N HIS B 191 32.84 6.41 31.64
CA HIS B 191 34.20 6.67 32.09
C HIS B 191 35.07 7.24 30.96
N GLY B 192 36.05 8.04 31.35
CA GLY B 192 37.04 8.54 30.42
C GLY B 192 38.42 8.31 30.99
N VAL B 193 39.30 7.70 30.20
CA VAL B 193 40.64 7.36 30.66
C VAL B 193 41.70 7.93 29.75
N TYR B 194 42.56 8.79 30.29
CA TYR B 194 43.74 9.24 29.56
C TYR B 194 44.86 8.24 29.83
N VAL B 195 45.22 7.48 28.82
CA VAL B 195 46.16 6.37 28.99
C VAL B 195 47.61 6.84 28.82
N SER B 196 47.88 7.56 27.74
CA SER B 196 49.24 7.99 27.44
C SER B 196 49.24 9.35 26.74
N GLY B 197 50.25 10.15 27.02
CA GLY B 197 50.44 11.42 26.34
C GLY B 197 51.01 11.20 24.95
N TYR B 198 51.16 12.28 24.20
CA TYR B 198 51.70 12.19 22.85
C TYR B 198 53.19 11.89 22.90
N LEU B 199 53.83 12.29 24.00
CA LEU B 199 55.26 12.09 24.18
C LEU B 199 55.54 11.32 25.47
N VAL C 1 -10.98 17.54 2.54
CA VAL C 1 -11.61 18.44 3.49
C VAL C 1 -11.06 19.85 3.32
N THR C 2 -11.72 20.83 3.91
CA THR C 2 -11.28 22.22 3.81
C THR C 2 -11.00 22.81 5.19
N ALA C 3 -9.99 23.67 5.25
CA ALA C 3 -9.62 24.32 6.50
C ALA C 3 -8.84 25.60 6.19
N PHE C 4 -8.94 26.57 7.10
CA PHE C 4 -8.36 27.89 6.85
C PHE C 4 -6.93 28.01 7.35
N LEU C 5 -6.31 29.13 7.03
CA LEU C 5 -4.90 29.36 7.31
C LEU C 5 -4.64 29.53 8.81
N GLY C 6 -3.73 28.71 9.34
CA GLY C 6 -3.34 28.80 10.73
C GLY C 6 -4.14 27.89 11.65
N GLU C 7 -5.30 27.44 11.18
CA GLU C 7 -6.19 26.62 12.00
C GLU C 7 -5.67 25.19 12.17
N ARG C 8 -6.09 24.56 13.26
CA ARG C 8 -5.78 23.15 13.47
C ARG C 8 -6.73 22.30 12.63
N VAL C 9 -6.20 21.27 11.99
CA VAL C 9 -6.99 20.45 11.08
C VAL C 9 -6.62 18.98 11.22
N THR C 10 -7.61 18.11 11.06
CA THR C 10 -7.39 16.68 11.25
C THR C 10 -7.96 15.86 10.10
N LEU C 11 -7.09 15.15 9.40
CA LEU C 11 -7.51 14.14 8.44
C LEU C 11 -7.58 12.82 9.17
N THR C 12 -8.46 11.93 8.73
CA THR C 12 -8.63 10.65 9.42
C THR C 12 -8.55 9.45 8.50
N SER C 13 -8.54 8.27 9.12
CA SER C 13 -8.45 7.01 8.41
C SER C 13 -8.69 5.92 9.44
N TYR C 14 -9.09 4.73 9.00
CA TYR C 14 -9.46 3.69 9.95
C TYR C 14 -9.29 2.29 9.41
N TRP C 15 -9.19 1.34 10.34
CA TRP C 15 -9.16 -0.07 9.98
C TRP C 15 -10.57 -0.64 10.09
N ARG C 16 -11.04 -1.25 9.01
CA ARG C 16 -12.41 -1.74 8.94
C ARG C 16 -12.76 -2.66 10.11
N ARG C 17 -11.88 -3.60 10.43
CA ARG C 17 -12.09 -4.47 11.57
C ARG C 17 -11.92 -3.72 12.88
N VAL C 18 -13.03 -3.51 13.57
CA VAL C 18 -13.07 -2.65 14.75
C VAL C 18 -12.25 -3.24 15.90
N SER C 19 -11.86 -4.51 15.79
CA SER C 19 -11.17 -5.20 16.88
C SER C 19 -9.73 -4.75 17.10
N LEU C 20 -9.09 -4.24 16.05
CA LEU C 20 -7.65 -4.01 16.05
C LEU C 20 -7.30 -2.54 15.90
N GLY C 21 -6.34 -2.08 16.70
CA GLY C 21 -5.86 -0.72 16.65
C GLY C 21 -4.34 -0.65 16.62
N PRO C 22 -3.68 -1.00 17.74
CA PRO C 22 -2.22 -0.92 17.87
C PRO C 22 -1.46 -1.78 16.88
N GLU C 23 -2.03 -2.92 16.52
CA GLU C 23 -1.35 -3.87 15.65
C GLU C 23 -1.12 -3.27 14.26
N ILE C 24 -2.03 -2.38 13.85
CA ILE C 24 -2.00 -1.80 12.53
C ILE C 24 -0.80 -0.86 12.35
N GLU C 25 -0.02 -1.10 11.30
CA GLU C 25 1.13 -0.25 10.99
C GLU C 25 0.69 0.92 10.12
N VAL C 26 0.44 2.07 10.75
CA VAL C 26 -0.01 3.25 10.03
C VAL C 26 1.18 4.07 9.53
N SER C 27 1.02 4.68 8.36
CA SER C 27 2.02 5.57 7.82
C SER C 27 1.38 6.57 6.86
N TRP C 28 1.58 7.85 7.11
CA TRP C 28 0.99 8.90 6.28
C TRP C 28 2.01 9.43 5.27
N PHE C 29 1.52 9.95 4.14
CA PHE C 29 2.39 10.51 3.12
C PHE C 29 1.77 11.79 2.54
N LYS C 30 2.62 12.77 2.24
CA LYS C 30 2.16 13.96 1.53
C LYS C 30 2.47 13.80 0.05
N LEU C 31 1.46 13.90 -0.79
CA LEU C 31 1.64 13.69 -2.22
C LEU C 31 2.00 14.99 -2.94
N GLY C 32 3.30 15.26 -3.05
CA GLY C 32 3.76 16.36 -3.88
C GLY C 32 3.49 16.00 -5.33
N PRO C 33 3.16 16.99 -6.18
CA PRO C 33 2.86 16.68 -7.58
C PRO C 33 3.96 15.87 -8.26
N GLY C 34 3.62 15.21 -9.36
CA GLY C 34 4.53 14.26 -9.98
C GLY C 34 4.37 12.89 -9.38
N GLU C 35 3.26 12.70 -8.67
CA GLU C 35 2.94 11.42 -8.04
C GLU C 35 4.03 10.99 -7.06
N GLU C 36 4.66 11.97 -6.40
CA GLU C 36 5.69 11.67 -5.41
C GLU C 36 5.05 11.40 -4.06
N GLN C 37 5.71 10.57 -3.26
CA GLN C 37 5.22 10.23 -1.93
C GLN C 37 6.26 10.56 -0.86
N VAL C 38 6.02 11.62 -0.11
CA VAL C 38 6.93 12.03 0.95
C VAL C 38 6.40 11.57 2.31
N LEU C 39 7.15 10.69 2.96
CA LEU C 39 6.74 10.13 4.25
C LEU C 39 6.68 11.21 5.32
N ILE C 40 5.52 11.35 5.95
CA ILE C 40 5.34 12.32 7.03
C ILE C 40 5.69 11.72 8.38
N GLY C 41 5.04 10.60 8.71
CA GLY C 41 5.27 9.94 9.98
C GLY C 41 4.73 8.53 10.01
N ARG C 42 4.97 7.83 11.12
CA ARG C 42 4.52 6.45 11.28
C ARG C 42 3.89 6.22 12.65
N MET C 43 3.26 5.07 12.83
CA MET C 43 2.66 4.70 14.10
C MET C 43 2.39 3.20 14.16
N HIS C 44 2.87 2.56 15.23
CA HIS C 44 2.66 1.14 15.42
C HIS C 44 2.77 0.79 16.90
N HIS C 45 1.68 0.25 17.46
CA HIS C 45 1.60 -0.02 18.89
C HIS C 45 1.78 1.27 19.69
N ASP C 46 1.22 2.35 19.17
CA ASP C 46 1.24 3.65 19.85
C ASP C 46 2.66 4.19 20.07
N VAL C 47 3.57 3.83 19.17
CA VAL C 47 4.88 4.46 19.12
C VAL C 47 4.94 5.32 17.87
N ILE C 48 4.83 6.63 18.04
CA ILE C 48 4.71 7.55 16.92
C ILE C 48 6.04 8.24 16.64
N PHE C 49 6.37 8.40 15.37
CA PHE C 49 7.62 9.02 14.96
C PHE C 49 7.45 9.83 13.68
N ILE C 50 7.47 11.16 13.81
CA ILE C 50 7.36 12.05 12.67
C ILE C 50 8.75 12.32 12.10
N GLU C 51 8.87 12.29 10.78
CA GLU C 51 10.13 12.62 10.13
C GLU C 51 10.49 14.06 10.45
N TRP C 52 11.76 14.28 10.79
CA TRP C 52 12.19 15.58 11.30
C TRP C 52 11.74 16.76 10.46
N PRO C 53 11.72 16.60 9.12
CA PRO C 53 11.22 17.68 8.27
C PRO C 53 9.81 18.12 8.62
N PHE C 54 8.94 17.16 8.92
CA PHE C 54 7.54 17.47 9.23
C PHE C 54 7.30 17.60 10.73
N ARG C 55 8.36 17.49 11.52
CA ARG C 55 8.26 17.56 12.97
C ARG C 55 7.65 18.89 13.40
N GLY C 56 6.65 18.81 14.28
CA GLY C 56 6.01 20.00 14.82
C GLY C 56 4.89 20.51 13.94
N PHE C 57 4.94 20.17 12.65
CA PHE C 57 3.91 20.58 11.71
C PHE C 57 2.82 19.51 11.60
N PHE C 58 3.18 18.27 11.89
CA PHE C 58 2.25 17.16 11.81
C PHE C 58 2.41 16.22 13.01
N ASP C 59 1.32 15.55 13.37
CA ASP C 59 1.36 14.54 14.43
C ASP C 59 0.36 13.43 14.11
N ILE C 60 0.58 12.25 14.69
CA ILE C 60 -0.33 11.13 14.49
C ILE C 60 -0.81 10.57 15.83
N HIS C 61 -2.09 10.22 15.91
CA HIS C 61 -2.62 9.56 17.10
C HIS C 61 -3.79 8.67 16.71
N ARG C 62 -4.18 7.75 17.59
CA ARG C 62 -5.24 6.81 17.27
C ARG C 62 -6.26 6.75 18.40
N SER C 63 -7.50 6.44 18.04
CA SER C 63 -8.53 6.14 19.02
C SER C 63 -9.33 4.94 18.52
N ALA C 64 -9.08 3.78 19.13
CA ALA C 64 -9.70 2.54 18.69
C ALA C 64 -9.20 2.12 17.31
N ASN C 65 -10.10 2.00 16.34
CA ASN C 65 -9.71 1.59 15.00
C ASN C 65 -9.36 2.78 14.11
N THR C 66 -9.57 3.99 14.63
CA THR C 66 -9.32 5.20 13.86
C THR C 66 -7.86 5.62 13.95
N PHE C 67 -7.39 6.29 12.91
CA PHE C 67 -6.04 6.84 12.88
C PHE C 67 -6.12 8.28 12.39
N PHE C 68 -5.53 9.19 13.17
CA PHE C 68 -5.64 10.62 12.90
C PHE C 68 -4.31 11.20 12.43
N LEU C 69 -4.39 12.14 11.48
CA LEU C 69 -3.24 12.94 11.10
C LEU C 69 -3.55 14.39 11.45
N VAL C 70 -2.83 14.93 12.43
CA VAL C 70 -3.09 16.27 12.92
C VAL C 70 -2.08 17.27 12.34
N VAL C 71 -2.57 18.26 11.61
CA VAL C 71 -1.72 19.37 11.19
C VAL C 71 -1.83 20.46 12.25
N THR C 72 -0.73 20.70 12.96
CA THR C 72 -0.75 21.64 14.08
C THR C 72 -1.26 23.00 13.64
N ALA C 73 -0.62 23.56 12.61
CA ALA C 73 -1.07 24.82 12.01
C ALA C 73 -0.92 24.73 10.50
N ALA C 74 -2.04 24.85 9.80
CA ALA C 74 -2.05 24.67 8.35
C ALA C 74 -1.49 25.90 7.62
N ASN C 75 -0.45 25.69 6.81
CA ASN C 75 0.00 26.71 5.88
C ASN C 75 -0.24 26.25 4.44
N ILE C 76 -0.14 27.18 3.50
CA ILE C 76 -0.55 26.94 2.12
C ILE C 76 0.18 25.76 1.48
N SER C 77 1.40 25.49 1.92
CA SER C 77 2.18 24.37 1.41
C SER C 77 1.46 23.05 1.62
N HIS C 78 0.65 23.00 2.67
CA HIS C 78 -0.02 21.77 3.08
C HIS C 78 -1.15 21.36 2.12
N ASP C 79 -1.68 22.34 1.38
CA ASP C 79 -2.72 22.06 0.40
C ASP C 79 -2.26 20.96 -0.55
N GLY C 80 -3.14 20.02 -0.85
CA GLY C 80 -2.83 18.92 -1.72
C GLY C 80 -3.46 17.63 -1.26
N ASN C 81 -2.93 16.51 -1.73
CA ASN C 81 -3.44 15.19 -1.36
C ASN C 81 -2.56 14.49 -0.34
N TYR C 82 -3.19 13.89 0.66
CA TYR C 82 -2.49 13.10 1.67
C TYR C 82 -2.93 11.64 1.56
N LEU C 83 -2.06 10.74 2.01
CA LEU C 83 -2.31 9.31 1.89
C LEU C 83 -2.07 8.62 3.22
N CYS C 84 -3.02 7.80 3.65
CA CYS C 84 -2.85 6.98 4.83
C CYS C 84 -2.74 5.51 4.44
N ARG C 85 -1.60 4.91 4.74
CA ARG C 85 -1.36 3.51 4.44
C ARG C 85 -1.30 2.72 5.74
N MET C 86 -2.14 1.70 5.84
CA MET C 86 -2.22 0.89 7.05
C MET C 86 -2.07 -0.59 6.69
N LYS C 87 -1.24 -1.28 7.46
CA LYS C 87 -0.87 -2.66 7.15
C LYS C 87 -1.01 -3.58 8.34
N LEU C 88 -1.55 -4.78 8.11
CA LEU C 88 -1.58 -5.83 9.11
C LEU C 88 -1.06 -7.13 8.49
N GLY C 89 0.15 -7.51 8.84
CA GLY C 89 0.77 -8.69 8.25
C GLY C 89 1.01 -8.48 6.77
N GLU C 90 0.40 -9.31 5.94
CA GLU C 90 0.58 -9.21 4.49
C GLU C 90 -0.45 -8.29 3.84
N THR C 91 -1.56 -8.06 4.53
CA THR C 91 -2.63 -7.22 4.00
C THR C 91 -2.44 -5.77 4.41
N GLU C 92 -2.83 -4.85 3.53
CA GLU C 92 -2.74 -3.42 3.81
C GLU C 92 -3.72 -2.63 2.97
N VAL C 93 -4.35 -1.63 3.58
CA VAL C 93 -5.33 -0.79 2.89
C VAL C 93 -4.80 0.62 2.76
N THR C 94 -5.17 1.30 1.67
CA THR C 94 -4.80 2.69 1.45
C THR C 94 -6.03 3.58 1.47
N LYS C 95 -5.90 4.74 2.12
CA LYS C 95 -6.97 5.72 2.17
C LYS C 95 -6.43 7.09 1.79
N GLN C 96 -7.18 7.82 0.98
CA GLN C 96 -6.71 9.09 0.43
C GLN C 96 -7.58 10.26 0.89
N GLU C 97 -6.94 11.35 1.27
CA GLU C 97 -7.64 12.54 1.72
C GLU C 97 -7.10 13.75 0.97
N HIS C 98 -7.93 14.77 0.80
CA HIS C 98 -7.50 16.02 0.18
C HIS C 98 -7.72 17.19 1.12
N LEU C 99 -6.62 17.76 1.61
CA LEU C 99 -6.70 18.94 2.45
C LEU C 99 -6.59 20.21 1.60
N SER C 100 -7.69 20.97 1.55
CA SER C 100 -7.69 22.25 0.85
C SER C 100 -7.48 23.37 1.85
N VAL C 101 -6.37 24.10 1.69
CA VAL C 101 -6.08 25.24 2.55
C VAL C 101 -6.69 26.50 1.93
N VAL C 102 -7.13 27.41 2.78
CA VAL C 102 -7.73 28.65 2.32
C VAL C 102 -7.21 29.84 3.12
N LYS C 103 -6.90 30.92 2.43
CA LYS C 103 -6.56 32.18 3.10
C LYS C 103 -7.66 33.19 2.81
N PRO C 104 -8.43 33.56 3.84
CA PRO C 104 -9.51 34.53 3.68
C PRO C 104 -9.03 35.78 2.93
N LEU C 105 -9.78 36.21 1.93
CA LEU C 105 -9.35 37.32 1.08
C LEU C 105 -9.28 38.61 1.87
N THR C 106 -8.36 39.49 1.46
CA THR C 106 -8.24 40.81 2.06
C THR C 106 -8.31 41.88 0.98
N LEU C 107 -9.46 42.54 0.85
CA LEU C 107 -9.66 43.57 -0.15
C LEU C 107 -9.30 44.94 0.41
N SER C 108 -8.40 45.65 -0.28
CA SER C 108 -7.97 46.96 0.17
C SER C 108 -8.09 47.99 -0.94
N VAL C 109 -8.72 49.13 -0.62
CA VAL C 109 -8.89 50.20 -1.59
C VAL C 109 -8.16 51.46 -1.14
N HIS C 110 -7.66 52.21 -2.11
CA HIS C 110 -6.96 53.46 -1.84
C HIS C 110 -6.85 54.26 -3.14
N SER C 111 -6.69 55.57 -3.02
CA SER C 111 -6.63 56.42 -4.19
C SER C 111 -5.40 57.32 -4.21
N GLU C 112 -5.16 57.93 -5.36
CA GLU C 112 -4.05 58.86 -5.55
C GLU C 112 -4.40 59.79 -6.71
N ARG C 113 -4.07 61.07 -6.57
CA ARG C 113 -4.38 62.03 -7.62
C ARG C 113 -3.14 62.36 -8.44
N SER C 114 -3.33 62.51 -9.75
CA SER C 114 -2.23 62.82 -10.66
C SER C 114 -1.46 64.04 -10.16
N GLN C 115 -0.15 64.05 -10.40
CA GLN C 115 0.70 65.16 -9.98
C GLN C 115 1.11 66.02 -11.17
N PHE C 116 0.75 65.57 -12.37
CA PHE C 116 1.09 66.27 -13.61
C PHE C 116 0.29 65.68 -14.75
N PRO C 117 -0.21 66.53 -15.67
CA PRO C 117 0.00 67.98 -15.73
C PRO C 117 -0.82 68.74 -14.69
N ASP C 118 -1.79 68.07 -14.07
CA ASP C 118 -2.63 68.70 -13.06
C ASP C 118 -2.98 67.70 -11.96
N PHE C 119 -3.86 68.11 -11.05
CA PHE C 119 -4.29 67.24 -9.96
C PHE C 119 -5.75 66.85 -10.11
N SER C 120 -6.17 66.58 -11.34
CA SER C 120 -7.58 66.34 -11.63
C SER C 120 -7.90 64.86 -11.83
N VAL C 121 -6.90 64.07 -12.22
CA VAL C 121 -7.13 62.65 -12.49
C VAL C 121 -6.90 61.80 -11.23
N LEU C 122 -7.98 61.28 -10.68
CA LEU C 122 -7.92 60.45 -9.48
C LEU C 122 -7.97 58.98 -9.88
N THR C 123 -6.89 58.24 -9.59
CA THR C 123 -6.81 56.84 -9.94
C THR C 123 -6.90 55.95 -8.70
N VAL C 124 -8.02 55.22 -8.58
CA VAL C 124 -8.21 54.33 -7.44
C VAL C 124 -7.62 52.95 -7.72
N THR C 125 -7.15 52.30 -6.66
CA THR C 125 -6.48 51.01 -6.76
C THR C 125 -7.16 49.99 -5.84
N CYS C 126 -7.48 48.83 -6.39
CA CYS C 126 -8.14 47.77 -5.64
C CYS C 126 -7.24 46.54 -5.56
N THR C 127 -6.86 46.17 -4.34
CA THR C 127 -5.92 45.07 -4.12
C THR C 127 -6.52 43.97 -3.25
N VAL C 128 -6.51 42.74 -3.76
CA VAL C 128 -7.08 41.61 -3.06
C VAL C 128 -6.09 40.46 -2.91
N ASN C 129 -5.74 40.15 -1.67
CA ASN C 129 -4.85 39.03 -1.36
C ASN C 129 -5.63 37.88 -0.74
N ALA C 130 -5.65 36.75 -1.44
CA ALA C 130 -6.40 35.58 -0.97
C ALA C 130 -5.70 34.30 -1.42
N PHE C 131 -6.38 33.18 -1.21
CA PHE C 131 -5.90 31.89 -1.70
C PHE C 131 -7.06 30.90 -1.68
N PRO C 132 -7.13 30.01 -2.68
CA PRO C 132 -6.16 29.80 -3.76
C PRO C 132 -6.39 30.66 -5.00
N HIS C 133 -7.55 31.32 -5.11
CA HIS C 133 -7.89 32.05 -6.32
C HIS C 133 -8.41 33.47 -6.02
N PRO C 134 -7.48 34.44 -5.93
CA PRO C 134 -7.84 35.85 -5.76
C PRO C 134 -8.34 36.44 -7.07
N HIS C 135 -9.31 37.35 -7.00
CA HIS C 135 -9.86 37.98 -8.19
C HIS C 135 -10.36 39.38 -7.89
N VAL C 136 -9.89 40.35 -8.67
CA VAL C 136 -10.30 41.74 -8.50
C VAL C 136 -10.92 42.25 -9.79
N GLN C 137 -11.93 43.11 -9.65
CA GLN C 137 -12.61 43.66 -10.82
C GLN C 137 -13.32 44.96 -10.49
N TRP C 138 -13.07 45.99 -11.29
CA TRP C 138 -13.80 47.25 -11.16
C TRP C 138 -15.10 47.15 -11.93
N LEU C 139 -16.16 47.75 -11.38
CA LEU C 139 -17.45 47.77 -12.04
C LEU C 139 -17.60 49.05 -12.86
N MET C 140 -17.99 48.90 -14.13
CA MET C 140 -18.14 50.04 -15.02
C MET C 140 -19.54 50.63 -14.94
N VAL C 155 -0.28 38.51 -11.36
CA VAL C 155 -0.44 38.05 -9.98
C VAL C 155 0.92 37.90 -9.31
N MET C 156 1.06 38.52 -8.13
CA MET C 156 2.29 38.43 -7.36
C MET C 156 2.11 37.42 -6.23
N LYS C 157 3.12 36.61 -5.99
CA LYS C 157 3.08 35.58 -4.95
C LYS C 157 3.80 36.05 -3.69
N GLU C 158 3.13 35.93 -2.54
CA GLU C 158 3.70 36.35 -1.27
C GLU C 158 4.59 35.27 -0.68
N LYS C 159 5.24 35.60 0.44
CA LYS C 159 6.14 34.67 1.10
C LYS C 159 5.35 33.58 1.84
N ASP C 160 4.19 33.96 2.39
CA ASP C 160 3.35 33.00 3.10
C ASP C 160 2.75 31.99 2.13
N GLY C 161 2.83 32.30 0.83
CA GLY C 161 2.40 31.38 -0.20
C GLY C 161 1.09 31.78 -0.85
N SER C 162 0.54 32.91 -0.43
CA SER C 162 -0.71 33.40 -0.99
C SER C 162 -0.49 34.04 -2.35
N LEU C 163 -1.55 34.61 -2.91
CA LEU C 163 -1.47 35.31 -4.18
C LEU C 163 -2.14 36.68 -4.06
N SER C 164 -1.38 37.73 -4.33
CA SER C 164 -1.91 39.09 -4.32
C SER C 164 -2.14 39.57 -5.75
N VAL C 165 -3.21 40.33 -5.94
CA VAL C 165 -3.55 40.86 -7.26
C VAL C 165 -4.24 42.21 -7.10
N ALA C 166 -4.05 43.09 -8.07
CA ALA C 166 -4.62 44.44 -7.99
C ALA C 166 -4.92 45.03 -9.36
N VAL C 167 -5.76 46.06 -9.37
CA VAL C 167 -6.15 46.72 -10.61
C VAL C 167 -6.43 48.21 -10.37
N ASP C 168 -6.17 49.02 -11.38
CA ASP C 168 -6.34 50.47 -11.26
C ASP C 168 -7.49 50.98 -12.11
N LEU C 169 -8.12 52.06 -11.63
CA LEU C 169 -9.20 52.72 -12.37
C LEU C 169 -9.00 54.23 -12.32
N SER C 170 -8.84 54.84 -13.49
CA SER C 170 -8.58 56.28 -13.57
C SER C 170 -9.87 57.06 -13.79
N LEU C 171 -10.02 58.16 -13.07
CA LEU C 171 -11.24 58.97 -13.13
C LEU C 171 -10.94 60.44 -13.39
N PRO C 172 -11.10 60.88 -14.65
CA PRO C 172 -10.94 62.29 -14.98
C PRO C 172 -12.06 63.13 -14.37
N LYS C 173 -11.76 64.38 -14.01
CA LYS C 173 -12.78 65.28 -13.50
C LYS C 173 -13.92 65.41 -14.51
N PRO C 174 -15.17 65.39 -14.03
CA PRO C 174 -15.52 65.27 -12.61
C PRO C 174 -15.41 63.83 -12.13
N TRP C 175 -15.01 63.65 -10.88
CA TRP C 175 -14.91 62.32 -10.31
C TRP C 175 -16.31 61.73 -10.18
N HIS C 176 -16.54 60.65 -10.91
CA HIS C 176 -17.87 60.06 -11.01
C HIS C 176 -18.17 59.12 -9.84
N LEU C 177 -17.72 59.50 -8.65
CA LEU C 177 -17.96 58.70 -7.46
C LEU C 177 -19.46 58.68 -7.14
N PRO C 178 -19.91 57.62 -6.43
CA PRO C 178 -19.09 56.52 -5.96
C PRO C 178 -18.66 55.56 -7.07
N VAL C 179 -17.61 54.79 -6.80
CA VAL C 179 -17.16 53.75 -7.70
C VAL C 179 -16.79 52.52 -6.87
N THR C 180 -17.07 51.33 -7.39
CA THR C 180 -16.97 50.12 -6.60
C THR C 180 -16.19 49.00 -7.31
N CYS C 181 -15.41 48.25 -6.54
CA CYS C 181 -14.69 47.10 -7.06
C CYS C 181 -15.13 45.83 -6.33
N VAL C 182 -15.17 44.73 -7.05
CA VAL C 182 -15.60 43.44 -6.49
C VAL C 182 -14.44 42.47 -6.40
N GLY C 183 -14.07 42.11 -5.18
CA GLY C 183 -13.04 41.12 -4.94
C GLY C 183 -13.64 39.84 -4.41
N LYS C 184 -13.03 38.71 -4.73
CA LYS C 184 -13.55 37.43 -4.29
C LYS C 184 -12.52 36.30 -4.33
N ASN C 185 -12.74 35.32 -3.46
CA ASN C 185 -11.90 34.12 -3.42
C ASN C 185 -12.80 32.90 -3.63
N ASP C 186 -12.87 32.44 -4.87
CA ASP C 186 -13.82 31.39 -5.26
C ASP C 186 -15.26 31.82 -4.93
N LYS C 187 -15.80 31.27 -3.85
CA LYS C 187 -17.18 31.57 -3.45
C LYS C 187 -17.22 32.73 -2.46
N GLU C 188 -16.09 33.00 -1.82
CA GLU C 188 -15.97 34.15 -0.93
C GLU C 188 -15.99 35.42 -1.76
N GLU C 189 -16.54 36.50 -1.20
CA GLU C 189 -16.66 37.75 -1.95
C GLU C 189 -16.80 38.94 -1.02
N ALA C 190 -16.17 40.06 -1.41
CA ALA C 190 -16.27 41.30 -0.66
C ALA C 190 -16.08 42.48 -1.61
N HIS C 191 -16.59 43.64 -1.22
CA HIS C 191 -16.54 44.83 -2.08
C HIS C 191 -15.72 45.95 -1.44
N GLY C 192 -15.22 46.84 -2.29
CA GLY C 192 -14.54 48.04 -1.84
C GLY C 192 -15.01 49.22 -2.66
N VAL C 193 -15.60 50.22 -2.00
CA VAL C 193 -16.17 51.36 -2.68
C VAL C 193 -15.53 52.66 -2.25
N TYR C 194 -14.93 53.38 -3.19
CA TYR C 194 -14.45 54.73 -2.90
C TYR C 194 -15.59 55.71 -3.11
N VAL C 195 -15.95 56.41 -2.05
CA VAL C 195 -17.15 57.25 -2.05
C VAL C 195 -16.85 58.72 -2.33
N SER C 196 -15.89 59.27 -1.60
CA SER C 196 -15.58 60.69 -1.72
C SER C 196 -14.12 60.96 -1.39
N GLY C 197 -13.54 61.96 -2.06
CA GLY C 197 -12.16 62.33 -1.83
C GLY C 197 -12.01 63.25 -0.62
N TYR C 198 -10.76 63.54 -0.26
CA TYR C 198 -10.49 64.38 0.90
C TYR C 198 -10.73 65.85 0.57
N LEU C 199 -10.69 66.18 -0.72
CA LEU C 199 -10.78 67.57 -1.15
C LEU C 199 -12.02 67.81 -2.00
N SER C 200 -12.65 68.97 -1.80
CA SER C 200 -13.84 69.35 -2.53
C SER C 200 -14.93 68.30 -2.36
N VAL D 1 17.87 -9.29 -5.53
CA VAL D 1 18.78 -10.13 -6.30
C VAL D 1 20.12 -9.42 -6.52
N THR D 2 21.02 -10.10 -7.22
CA THR D 2 22.31 -9.52 -7.60
C THR D 2 22.47 -9.56 -9.11
N ALA D 3 22.93 -8.46 -9.68
CA ALA D 3 23.13 -8.36 -11.12
C ALA D 3 24.32 -7.46 -11.40
N PHE D 4 25.04 -7.75 -12.48
CA PHE D 4 26.24 -6.99 -12.81
C PHE D 4 25.92 -5.81 -13.72
N LEU D 5 26.91 -4.96 -13.92
CA LEU D 5 26.72 -3.71 -14.65
C LEU D 5 26.43 -3.95 -16.12
N GLY D 6 25.33 -3.38 -16.61
CA GLY D 6 24.96 -3.47 -18.00
C GLY D 6 24.05 -4.64 -18.32
N GLU D 7 23.92 -5.56 -17.35
CA GLU D 7 23.12 -6.75 -17.55
C GLU D 7 21.62 -6.46 -17.39
N ARG D 8 20.81 -7.30 -18.03
CA ARG D 8 19.37 -7.23 -17.85
C ARG D 8 19.00 -7.98 -16.60
N VAL D 9 18.10 -7.43 -15.80
CA VAL D 9 17.72 -8.03 -14.53
C VAL D 9 16.23 -7.79 -14.25
N THR D 10 15.60 -8.75 -13.59
CA THR D 10 14.16 -8.70 -13.35
C THR D 10 13.79 -8.93 -11.89
N LEU D 11 13.01 -8.01 -11.33
CA LEU D 11 12.41 -8.21 -10.01
C LEU D 11 10.97 -8.64 -10.22
N THR D 12 10.45 -9.51 -9.37
CA THR D 12 9.11 -10.04 -9.57
C THR D 12 8.20 -9.88 -8.36
N SER D 13 6.91 -9.97 -8.62
CA SER D 13 5.88 -9.96 -7.59
C SER D 13 4.69 -10.70 -8.19
N TYR D 14 3.68 -10.99 -7.38
CA TYR D 14 2.54 -11.75 -7.88
C TYR D 14 1.32 -11.59 -6.99
N TRP D 15 0.17 -12.03 -7.49
CA TRP D 15 -1.05 -12.00 -6.70
C TRP D 15 -1.40 -13.39 -6.19
N ARG D 16 -1.59 -13.51 -4.88
CA ARG D 16 -1.92 -14.78 -4.24
C ARG D 16 -2.93 -15.60 -5.05
N ARG D 17 -4.13 -15.07 -5.24
CA ARG D 17 -5.16 -15.78 -5.98
C ARG D 17 -4.80 -15.86 -7.46
N VAL D 18 -4.59 -17.08 -7.94
CA VAL D 18 -4.06 -17.32 -9.28
C VAL D 18 -5.08 -16.99 -10.36
N SER D 19 -6.35 -16.88 -9.99
CA SER D 19 -7.42 -16.58 -10.94
C SER D 19 -7.27 -15.21 -11.61
N LEU D 20 -6.62 -14.28 -10.92
CA LEU D 20 -6.61 -12.89 -11.35
C LEU D 20 -5.22 -12.38 -11.69
N GLY D 21 -5.13 -11.65 -12.80
CA GLY D 21 -3.88 -11.05 -13.24
C GLY D 21 -4.07 -9.60 -13.64
N PRO D 22 -4.75 -9.36 -14.77
CA PRO D 22 -4.96 -8.01 -15.30
C PRO D 22 -5.76 -7.11 -14.37
N GLU D 23 -6.63 -7.73 -13.57
CA GLU D 23 -7.53 -6.99 -12.69
C GLU D 23 -6.73 -6.23 -11.63
N ILE D 24 -5.50 -6.68 -11.38
CA ILE D 24 -4.66 -6.10 -10.35
C ILE D 24 -3.98 -4.82 -10.81
N GLU D 25 -4.11 -3.76 -10.01
CA GLU D 25 -3.46 -2.49 -10.30
C GLU D 25 -2.03 -2.52 -9.77
N VAL D 26 -1.09 -2.90 -10.62
CA VAL D 26 0.31 -3.00 -10.22
C VAL D 26 1.01 -1.65 -10.33
N SER D 27 1.95 -1.39 -9.42
CA SER D 27 2.74 -0.17 -9.46
C SER D 27 4.07 -0.39 -8.74
N TRP D 28 5.17 -0.19 -9.47
CA TRP D 28 6.50 -0.35 -8.90
C TRP D 28 7.08 1.00 -8.46
N PHE D 29 7.92 0.98 -7.44
CA PHE D 29 8.53 2.20 -6.92
C PHE D 29 10.03 2.05 -6.73
N LYS D 30 10.70 3.18 -6.57
CA LYS D 30 12.14 3.20 -6.34
C LYS D 30 12.44 3.88 -5.01
N LEU D 31 12.93 3.12 -4.05
CA LEU D 31 13.18 3.65 -2.72
C LEU D 31 14.41 4.54 -2.68
N GLY D 32 14.19 5.85 -2.77
CA GLY D 32 15.25 6.82 -2.60
C GLY D 32 15.58 6.98 -1.12
N PRO D 33 16.50 7.90 -0.81
CA PRO D 33 16.89 8.11 0.60
C PRO D 33 15.76 8.73 1.42
N GLY D 34 15.66 8.37 2.69
CA GLY D 34 14.63 8.91 3.57
C GLY D 34 13.28 8.27 3.32
N GLU D 35 13.30 6.98 3.01
CA GLU D 35 12.08 6.23 2.71
C GLU D 35 11.25 6.96 1.67
N GLU D 36 11.93 7.62 0.73
CA GLU D 36 11.26 8.29 -0.37
C GLU D 36 10.79 7.24 -1.37
N GLN D 37 9.66 7.48 -2.01
CA GLN D 37 9.12 6.53 -2.99
C GLN D 37 8.92 7.20 -4.34
N VAL D 38 9.78 6.84 -5.28
CA VAL D 38 9.73 7.41 -6.62
C VAL D 38 9.02 6.45 -7.57
N LEU D 39 7.83 6.84 -8.02
CA LEU D 39 7.02 6.00 -8.91
C LEU D 39 7.76 5.71 -10.21
N ILE D 40 8.07 4.44 -10.44
CA ILE D 40 8.75 4.02 -11.66
C ILE D 40 7.75 3.86 -12.80
N GLY D 41 6.75 2.99 -12.60
CA GLY D 41 5.74 2.73 -13.61
C GLY D 41 4.53 2.02 -13.04
N ARG D 42 3.48 1.90 -13.86
CA ARG D 42 2.25 1.26 -13.44
C ARG D 42 1.74 0.28 -14.49
N MET D 43 0.72 -0.51 -14.11
CA MET D 43 0.10 -1.45 -15.01
C MET D 43 -1.28 -1.85 -14.50
N HIS D 44 -2.24 -1.94 -15.41
CA HIS D 44 -3.58 -2.38 -15.07
C HIS D 44 -4.35 -2.76 -16.33
N HIS D 45 -4.79 -4.01 -16.38
CA HIS D 45 -5.46 -4.55 -17.57
C HIS D 45 -4.54 -4.46 -18.79
N ASP D 46 -3.26 -4.73 -18.55
CA ASP D 46 -2.26 -4.77 -19.61
C ASP D 46 -2.08 -3.42 -20.32
N VAL D 47 -2.37 -2.34 -19.60
CA VAL D 47 -2.06 -1.00 -20.08
C VAL D 47 -0.92 -0.44 -19.23
N ILE D 48 0.28 -0.46 -19.77
CA ILE D 48 1.46 -0.08 -19.01
C ILE D 48 1.90 1.34 -19.32
N PHE D 49 2.38 2.04 -18.30
CA PHE D 49 2.88 3.40 -18.45
C PHE D 49 4.02 3.68 -17.47
N ILE D 50 5.20 3.90 -18.02
CA ILE D 50 6.38 4.23 -17.22
C ILE D 50 6.54 5.74 -17.15
N GLU D 51 6.81 6.27 -15.96
CA GLU D 51 7.09 7.69 -15.82
C GLU D 51 8.29 8.04 -16.68
N TRP D 52 8.25 9.20 -17.31
CA TRP D 52 9.22 9.57 -18.32
C TRP D 52 10.68 9.53 -17.84
N PRO D 53 10.91 9.88 -16.56
CA PRO D 53 12.28 9.80 -16.05
C PRO D 53 12.90 8.41 -16.24
N PHE D 54 12.16 7.38 -15.83
CA PHE D 54 12.66 6.01 -15.90
C PHE D 54 12.46 5.38 -17.28
N ARG D 55 11.75 6.07 -18.15
CA ARG D 55 11.41 5.55 -19.47
C ARG D 55 12.65 5.01 -20.20
N GLY D 56 12.55 3.77 -20.64
CA GLY D 56 13.65 3.13 -21.35
C GLY D 56 14.56 2.35 -20.42
N PHE D 57 14.63 2.77 -19.16
CA PHE D 57 15.48 2.10 -18.18
C PHE D 57 14.72 1.00 -17.46
N PHE D 58 13.40 1.16 -17.35
CA PHE D 58 12.54 0.17 -16.70
C PHE D 58 11.32 -0.13 -17.55
N ASP D 59 10.81 -1.35 -17.44
CA ASP D 59 9.59 -1.75 -18.12
C ASP D 59 8.82 -2.76 -17.28
N ILE D 60 7.50 -2.79 -17.44
CA ILE D 60 6.66 -3.72 -16.71
C ILE D 60 5.84 -4.59 -17.66
N HIS D 61 5.75 -5.87 -17.36
CA HIS D 61 4.90 -6.79 -18.12
C HIS D 61 4.42 -7.91 -17.20
N ARG D 62 3.40 -8.64 -17.65
CA ARG D 62 2.74 -9.63 -16.81
C ARG D 62 2.64 -10.99 -17.48
N SER D 63 2.58 -12.03 -16.65
CA SER D 63 2.28 -13.38 -17.13
C SER D 63 1.45 -14.11 -16.09
N ALA D 64 0.14 -14.17 -16.32
CA ALA D 64 -0.79 -14.78 -15.37
C ALA D 64 -0.92 -13.91 -14.11
N ASN D 65 -0.59 -14.46 -12.95
CA ASN D 65 -0.69 -13.72 -11.70
C ASN D 65 0.62 -13.01 -11.34
N THR D 66 1.68 -13.30 -12.09
CA THR D 66 3.00 -12.76 -11.80
C THR D 66 3.24 -11.44 -12.53
N PHE D 67 3.91 -10.52 -11.84
CA PHE D 67 4.24 -9.21 -12.41
C PHE D 67 5.76 -9.02 -12.41
N PHE D 68 6.28 -8.46 -13.49
CA PHE D 68 7.72 -8.32 -13.66
C PHE D 68 8.14 -6.86 -13.85
N LEU D 69 9.19 -6.46 -13.15
CA LEU D 69 9.81 -5.16 -13.37
C LEU D 69 11.17 -5.38 -14.01
N VAL D 70 11.26 -5.12 -15.31
CA VAL D 70 12.47 -5.42 -16.07
C VAL D 70 13.38 -4.21 -16.16
N VAL D 71 14.63 -4.39 -15.73
CA VAL D 71 15.66 -3.37 -15.91
C VAL D 71 16.39 -3.65 -17.23
N THR D 72 16.14 -2.81 -18.23
CA THR D 72 16.74 -3.00 -19.55
C THR D 72 18.26 -3.11 -19.46
N ALA D 73 18.86 -2.14 -18.78
CA ALA D 73 20.30 -2.18 -18.52
C ALA D 73 20.60 -1.51 -17.18
N ALA D 74 21.18 -2.27 -16.27
CA ALA D 74 21.42 -1.80 -14.91
C ALA D 74 22.59 -0.84 -14.85
N ASN D 75 22.47 0.21 -14.04
CA ASN D 75 23.60 1.05 -13.70
C ASN D 75 23.70 1.23 -12.19
N ILE D 76 24.83 1.75 -11.73
CA ILE D 76 25.12 1.81 -10.29
C ILE D 76 24.02 2.54 -9.52
N SER D 77 23.36 3.49 -10.16
CA SER D 77 22.27 4.24 -9.54
C SER D 77 21.15 3.31 -9.11
N HIS D 78 20.99 2.21 -9.83
CA HIS D 78 19.87 1.30 -9.62
C HIS D 78 20.03 0.42 -8.39
N ASP D 79 21.24 0.35 -7.85
CA ASP D 79 21.47 -0.39 -6.61
C ASP D 79 20.62 0.20 -5.49
N GLY D 80 19.81 -0.64 -4.86
CA GLY D 80 18.94 -0.20 -3.78
C GLY D 80 17.75 -1.11 -3.60
N ASN D 81 16.68 -0.57 -3.02
CA ASN D 81 15.46 -1.33 -2.77
C ASN D 81 14.29 -0.86 -3.62
N TYR D 82 13.52 -1.82 -4.12
CA TYR D 82 12.34 -1.52 -4.93
C TYR D 82 11.08 -2.00 -4.23
N LEU D 83 9.93 -1.54 -4.72
CA LEU D 83 8.67 -1.85 -4.08
C LEU D 83 7.56 -2.07 -5.10
N CYS D 84 6.84 -3.19 -4.97
CA CYS D 84 5.69 -3.46 -5.83
C CYS D 84 4.41 -3.49 -5.00
N ARG D 85 3.49 -2.57 -5.31
CA ARG D 85 2.22 -2.51 -4.62
C ARG D 85 1.09 -2.93 -5.53
N MET D 86 0.43 -4.03 -5.17
CA MET D 86 -0.67 -4.58 -5.94
C MET D 86 -1.99 -4.30 -5.22
N LYS D 87 -3.00 -3.86 -5.97
CA LYS D 87 -4.27 -3.50 -5.37
C LYS D 87 -5.45 -4.07 -6.16
N LEU D 88 -6.34 -4.76 -5.45
CA LEU D 88 -7.60 -5.20 -6.03
C LEU D 88 -8.75 -4.58 -5.22
N GLY D 89 -9.38 -3.56 -5.79
CA GLY D 89 -10.42 -2.84 -5.10
C GLY D 89 -9.84 -1.93 -4.04
N GLU D 90 -10.17 -2.19 -2.78
CA GLU D 90 -9.65 -1.38 -1.68
C GLU D 90 -8.48 -2.05 -0.98
N THR D 91 -8.43 -3.39 -1.04
CA THR D 91 -7.36 -4.13 -0.40
C THR D 91 -6.06 -4.07 -1.21
N GLU D 92 -4.94 -3.93 -0.52
CA GLU D 92 -3.64 -3.85 -1.19
C GLU D 92 -2.62 -4.81 -0.58
N VAL D 93 -1.68 -5.26 -1.41
CA VAL D 93 -0.58 -6.09 -0.94
C VAL D 93 0.73 -5.53 -1.50
N THR D 94 1.80 -5.63 -0.72
CA THR D 94 3.09 -5.07 -1.11
C THR D 94 4.22 -6.10 -1.04
N LYS D 95 5.16 -6.00 -1.97
CA LYS D 95 6.36 -6.83 -1.96
C LYS D 95 7.58 -5.95 -2.14
N GLN D 96 8.67 -6.31 -1.45
CA GLN D 96 9.89 -5.51 -1.46
C GLN D 96 11.06 -6.34 -1.95
N GLU D 97 11.90 -5.74 -2.79
CA GLU D 97 13.05 -6.42 -3.36
C GLU D 97 14.29 -5.53 -3.30
N HIS D 98 15.44 -6.14 -3.07
CA HIS D 98 16.70 -5.41 -3.07
C HIS D 98 17.57 -5.82 -4.25
N LEU D 99 17.76 -4.91 -5.21
CA LEU D 99 18.65 -5.16 -6.32
C LEU D 99 20.04 -4.61 -6.01
N SER D 100 20.99 -5.52 -5.85
CA SER D 100 22.38 -5.12 -5.62
C SER D 100 23.15 -5.13 -6.93
N VAL D 101 23.57 -3.95 -7.37
CA VAL D 101 24.34 -3.82 -8.59
C VAL D 101 25.82 -4.05 -8.30
N VAL D 102 26.53 -4.62 -9.27
CA VAL D 102 27.95 -4.91 -9.10
C VAL D 102 28.73 -4.53 -10.36
N LYS D 103 29.87 -3.88 -10.15
CA LYS D 103 30.80 -3.62 -11.24
C LYS D 103 32.08 -4.40 -10.99
N PRO D 104 32.32 -5.45 -11.79
CA PRO D 104 33.52 -6.27 -11.64
C PRO D 104 34.77 -5.41 -11.52
N LEU D 105 35.59 -5.67 -10.51
CA LEU D 105 36.75 -4.83 -10.25
C LEU D 105 37.72 -4.81 -11.43
N THR D 106 38.53 -3.76 -11.49
CA THR D 106 39.57 -3.65 -12.50
C THR D 106 40.90 -3.29 -11.82
N LEU D 107 41.75 -4.29 -11.63
CA LEU D 107 43.03 -4.09 -10.97
C LEU D 107 44.12 -3.73 -11.99
N SER D 108 44.75 -2.58 -11.80
CA SER D 108 45.79 -2.12 -12.71
C SER D 108 47.08 -1.80 -11.97
N VAL D 109 48.21 -2.27 -12.49
CA VAL D 109 49.50 -1.99 -11.90
C VAL D 109 50.43 -1.33 -12.91
N HIS D 110 51.26 -0.40 -12.44
CA HIS D 110 52.21 0.30 -13.29
C HIS D 110 53.26 0.99 -12.43
N SER D 111 54.42 1.29 -13.01
CA SER D 111 55.51 1.88 -12.26
C SER D 111 56.14 3.07 -12.99
N GLU D 112 56.94 3.82 -12.26
CA GLU D 112 57.73 4.92 -12.82
C GLU D 112 58.88 5.21 -11.88
N ARG D 113 60.06 5.47 -12.45
CA ARG D 113 61.26 5.64 -11.64
C ARG D 113 61.52 7.11 -11.31
N SER D 114 62.12 7.35 -10.14
CA SER D 114 62.45 8.69 -9.71
C SER D 114 63.31 9.40 -10.74
N GLN D 115 63.12 10.71 -10.88
CA GLN D 115 63.89 11.50 -11.84
C GLN D 115 64.90 12.37 -11.11
N PHE D 116 64.91 12.29 -9.78
CA PHE D 116 65.81 13.10 -8.96
C PHE D 116 65.71 12.62 -7.52
N PRO D 117 66.83 12.57 -6.79
CA PRO D 117 68.19 12.96 -7.21
C PRO D 117 68.84 11.96 -8.14
N ASP D 118 68.26 10.77 -8.25
CA ASP D 118 68.77 9.73 -9.12
C ASP D 118 67.62 8.99 -9.79
N PHE D 119 67.94 7.87 -10.44
CA PHE D 119 66.93 7.04 -11.09
C PHE D 119 66.87 5.67 -10.42
N SER D 120 66.96 5.65 -9.09
CA SER D 120 67.08 4.41 -8.34
C SER D 120 65.80 4.00 -7.61
N VAL D 121 64.97 4.98 -7.27
CA VAL D 121 63.74 4.70 -6.53
C VAL D 121 62.55 4.46 -7.45
N LEU D 122 62.13 3.20 -7.55
CA LEU D 122 61.01 2.83 -8.40
C LEU D 122 59.72 2.79 -7.58
N THR D 123 58.70 3.47 -8.07
CA THR D 123 57.41 3.51 -7.38
C THR D 123 56.32 2.82 -8.20
N VAL D 124 55.90 1.65 -7.75
CA VAL D 124 54.81 0.93 -8.40
C VAL D 124 53.47 1.41 -7.85
N THR D 125 52.44 1.38 -8.68
CA THR D 125 51.12 1.85 -8.29
C THR D 125 50.06 0.79 -8.55
N CYS D 126 49.21 0.55 -7.56
CA CYS D 126 48.12 -0.42 -7.69
C CYS D 126 46.79 0.31 -7.57
N THR D 127 45.97 0.23 -8.63
CA THR D 127 44.70 0.93 -8.68
C THR D 127 43.56 -0.05 -8.98
N VAL D 128 42.53 -0.03 -8.16
CA VAL D 128 41.41 -0.95 -8.30
C VAL D 128 40.06 -0.24 -8.36
N ASN D 129 39.40 -0.34 -9.50
CA ASN D 129 38.08 0.26 -9.69
C ASN D 129 37.00 -0.81 -9.70
N ALA D 130 36.09 -0.73 -8.73
CA ALA D 130 35.02 -1.70 -8.60
C ALA D 130 33.78 -1.07 -7.99
N PHE D 131 32.79 -1.90 -7.71
CA PHE D 131 31.60 -1.49 -6.97
C PHE D 131 30.96 -2.73 -6.39
N PRO D 132 30.42 -2.63 -5.15
CA PRO D 132 30.30 -1.43 -4.32
C PRO D 132 31.51 -1.14 -3.42
N HIS D 133 32.35 -2.13 -3.14
CA HIS D 133 33.43 -1.95 -2.16
C HIS D 133 34.80 -2.31 -2.72
N PRO D 134 35.47 -1.33 -3.36
CA PRO D 134 36.85 -1.54 -3.82
C PRO D 134 37.84 -1.46 -2.66
N HIS D 135 38.97 -2.17 -2.79
CA HIS D 135 39.99 -2.17 -1.74
C HIS D 135 41.34 -2.59 -2.31
N VAL D 136 42.37 -1.79 -2.03
CA VAL D 136 43.71 -2.07 -2.54
C VAL D 136 44.71 -2.18 -1.41
N GLN D 137 45.71 -3.03 -1.59
CA GLN D 137 46.71 -3.26 -0.56
C GLN D 137 48.01 -3.81 -1.15
N TRP D 138 49.14 -3.22 -0.77
CA TRP D 138 50.44 -3.77 -1.13
C TRP D 138 50.89 -4.73 -0.04
N LEU D 139 51.63 -5.77 -0.42
CA LEU D 139 52.04 -6.81 0.51
C LEU D 139 53.47 -6.62 1.03
N MET D 140 54.14 -5.58 0.55
CA MET D 140 55.48 -5.24 1.02
C MET D 140 56.55 -6.17 0.46
N VAL D 155 40.13 7.77 -1.97
CA VAL D 155 39.00 7.21 -2.72
C VAL D 155 38.32 8.26 -3.59
N MET D 156 38.19 7.97 -4.87
CA MET D 156 37.52 8.86 -5.81
C MET D 156 36.29 8.20 -6.42
N LYS D 157 35.30 9.02 -6.74
CA LYS D 157 34.08 8.53 -7.38
C LYS D 157 34.18 8.76 -8.89
N GLU D 158 33.77 7.76 -9.67
CA GLU D 158 33.80 7.86 -11.12
C GLU D 158 32.48 8.38 -11.66
N LYS D 159 32.41 8.55 -12.98
CA LYS D 159 31.20 9.04 -13.62
C LYS D 159 30.17 7.91 -13.69
N ASP D 160 30.66 6.69 -13.74
CA ASP D 160 29.80 5.51 -13.82
C ASP D 160 28.98 5.38 -12.54
N GLY D 161 29.46 6.01 -11.47
CA GLY D 161 28.88 5.84 -10.15
C GLY D 161 29.72 4.86 -9.35
N SER D 162 30.78 4.36 -9.97
CA SER D 162 31.67 3.40 -9.35
C SER D 162 32.62 4.10 -8.38
N LEU D 163 33.57 3.36 -7.84
CA LEU D 163 34.53 3.89 -6.88
C LEU D 163 35.95 3.44 -7.21
N SER D 164 36.83 4.40 -7.46
CA SER D 164 38.24 4.11 -7.70
C SER D 164 39.07 4.40 -6.46
N VAL D 165 40.04 3.53 -6.20
CA VAL D 165 40.96 3.73 -5.09
C VAL D 165 42.33 3.17 -5.48
N ALA D 166 43.40 3.80 -5.00
CA ALA D 166 44.75 3.43 -5.43
C ALA D 166 45.78 3.60 -4.33
N VAL D 167 46.90 2.89 -4.47
CA VAL D 167 47.95 2.91 -3.47
C VAL D 167 49.33 2.83 -4.14
N ASP D 168 50.32 3.47 -3.53
CA ASP D 168 51.67 3.52 -4.09
C ASP D 168 52.67 2.80 -3.19
N LEU D 169 53.76 2.32 -3.80
CA LEU D 169 54.82 1.66 -3.06
C LEU D 169 56.18 2.11 -3.57
N SER D 170 57.04 2.59 -2.67
CA SER D 170 58.36 3.08 -3.04
C SER D 170 59.44 2.03 -2.74
N LEU D 171 60.26 1.73 -3.75
CA LEU D 171 61.27 0.69 -3.62
C LEU D 171 62.66 1.22 -3.95
N PRO D 172 63.47 1.47 -2.90
CA PRO D 172 64.87 1.86 -3.13
C PRO D 172 65.67 0.72 -3.74
N LYS D 173 66.60 1.02 -4.64
CA LYS D 173 67.47 0.01 -5.22
C LYS D 173 68.40 -0.51 -4.13
N PRO D 174 68.52 -1.84 -4.00
CA PRO D 174 67.97 -2.90 -4.85
C PRO D 174 66.47 -3.07 -4.72
N TRP D 175 65.79 -3.12 -5.86
CA TRP D 175 64.35 -3.37 -5.88
C TRP D 175 64.10 -4.81 -5.49
N HIS D 176 63.29 -5.01 -4.45
CA HIS D 176 63.05 -6.34 -3.92
C HIS D 176 61.93 -7.04 -4.66
N LEU D 177 61.90 -6.87 -5.98
CA LEU D 177 60.91 -7.54 -6.82
C LEU D 177 61.10 -9.06 -6.71
N PRO D 178 60.02 -9.81 -6.96
CA PRO D 178 58.67 -9.33 -7.28
C PRO D 178 57.96 -8.74 -6.08
N VAL D 179 56.97 -7.89 -6.35
CA VAL D 179 56.13 -7.31 -5.31
C VAL D 179 54.67 -7.41 -5.72
N THR D 180 53.81 -7.76 -4.77
CA THR D 180 52.40 -8.05 -5.05
C THR D 180 51.45 -7.07 -4.37
N CYS D 181 50.39 -6.71 -5.08
CA CYS D 181 49.31 -5.91 -4.50
C CYS D 181 48.01 -6.70 -4.60
N VAL D 182 47.23 -6.69 -3.52
CA VAL D 182 45.98 -7.44 -3.47
C VAL D 182 44.78 -6.51 -3.56
N GLY D 183 43.98 -6.69 -4.60
CA GLY D 183 42.75 -5.93 -4.77
C GLY D 183 41.54 -6.84 -4.71
N LYS D 184 40.43 -6.32 -4.21
CA LYS D 184 39.23 -7.13 -4.07
C LYS D 184 37.96 -6.31 -3.93
N ASN D 185 36.86 -6.87 -4.42
CA ASN D 185 35.54 -6.27 -4.25
C ASN D 185 34.67 -7.20 -3.42
N ASP D 186 34.68 -7.00 -2.11
CA ASP D 186 34.05 -7.93 -1.16
C ASP D 186 34.65 -9.33 -1.31
N LYS D 187 33.90 -10.26 -1.89
CA LYS D 187 34.37 -11.63 -2.04
C LYS D 187 35.13 -11.82 -3.36
N GLU D 188 34.96 -10.88 -4.28
CA GLU D 188 35.74 -10.88 -5.51
C GLU D 188 37.17 -10.47 -5.18
N GLU D 189 38.13 -10.97 -5.95
CA GLU D 189 39.53 -10.70 -5.65
C GLU D 189 40.42 -10.91 -6.87
N ALA D 190 41.52 -10.16 -6.92
CA ALA D 190 42.52 -10.29 -7.97
C ALA D 190 43.86 -9.74 -7.48
N HIS D 191 44.95 -10.18 -8.10
CA HIS D 191 46.29 -9.73 -7.72
C HIS D 191 47.00 -9.05 -8.88
N GLY D 192 47.96 -8.19 -8.55
CA GLY D 192 48.82 -7.56 -9.53
C GLY D 192 50.25 -7.63 -9.05
N VAL D 193 51.12 -8.23 -9.85
CA VAL D 193 52.51 -8.41 -9.46
C VAL D 193 53.46 -7.76 -10.47
N TYR D 194 54.25 -6.80 -10.00
CA TYR D 194 55.31 -6.25 -10.82
C TYR D 194 56.54 -7.13 -10.66
N VAL D 195 57.01 -7.70 -11.76
CA VAL D 195 58.09 -8.70 -11.71
C VAL D 195 59.45 -8.09 -11.98
N SER D 196 59.59 -7.41 -13.12
CA SER D 196 60.89 -6.87 -13.52
C SER D 196 60.73 -5.56 -14.29
N GLY D 197 61.72 -4.69 -14.15
CA GLY D 197 61.73 -3.42 -14.86
C GLY D 197 62.16 -3.60 -16.30
N TYR D 198 62.16 -2.50 -17.06
CA TYR D 198 62.49 -2.54 -18.48
C TYR D 198 63.99 -2.55 -18.72
N LEU D 199 64.75 -2.11 -17.72
CA LEU D 199 66.16 -1.80 -17.92
C LEU D 199 67.14 -2.65 -17.11
N SER D 200 67.04 -2.55 -15.78
CA SER D 200 68.01 -3.19 -14.89
C SER D 200 69.36 -2.51 -15.00
N TYR E 10 -28.56 -37.47 -42.81
CA TYR E 10 -27.82 -38.44 -42.01
C TYR E 10 -26.68 -37.77 -41.26
N CYS E 11 -26.38 -36.53 -41.62
CA CYS E 11 -25.34 -35.76 -40.95
C CYS E 11 -25.90 -35.08 -39.71
N SER E 12 -27.22 -34.95 -39.64
CA SER E 12 -27.87 -34.31 -38.49
C SER E 12 -27.54 -35.04 -37.20
N HIS E 13 -27.46 -36.37 -37.28
CA HIS E 13 -27.09 -37.19 -36.14
C HIS E 13 -25.71 -37.81 -36.33
N MET E 14 -24.80 -37.02 -36.90
CA MET E 14 -23.39 -37.39 -37.00
C MET E 14 -22.70 -36.98 -35.70
N ILE E 15 -23.08 -35.81 -35.21
CA ILE E 15 -22.56 -35.29 -33.95
C ILE E 15 -23.45 -35.75 -32.79
N GLY E 16 -22.98 -36.74 -32.04
CA GLY E 16 -23.73 -37.25 -30.91
C GLY E 16 -23.81 -36.26 -29.77
N SER E 17 -24.84 -36.39 -28.94
CA SER E 17 -25.00 -35.54 -27.77
C SER E 17 -23.87 -35.83 -26.77
N GLY E 18 -23.42 -37.08 -26.75
CA GLY E 18 -22.36 -37.49 -25.86
C GLY E 18 -21.08 -36.70 -26.05
N HIS E 19 -20.91 -36.15 -27.25
CA HIS E 19 -19.70 -35.38 -27.56
C HIS E 19 -19.69 -34.05 -26.81
N LEU E 20 -20.81 -33.34 -26.81
CA LEU E 20 -20.92 -32.09 -26.06
C LEU E 20 -20.78 -32.35 -24.57
N GLN E 21 -21.20 -33.54 -24.14
CA GLN E 21 -21.13 -33.90 -22.72
C GLN E 21 -19.67 -33.95 -22.29
N SER E 22 -18.83 -34.61 -23.09
CA SER E 22 -17.41 -34.71 -22.81
C SER E 22 -16.75 -33.34 -22.81
N LEU E 23 -17.13 -32.50 -23.77
CA LEU E 23 -16.55 -31.16 -23.88
C LEU E 23 -16.88 -30.31 -22.65
N GLN E 24 -18.11 -30.44 -22.16
CA GLN E 24 -18.52 -29.70 -20.97
C GLN E 24 -17.67 -30.13 -19.79
N ARG E 25 -17.35 -31.41 -19.73
CA ARG E 25 -16.51 -31.96 -18.67
C ARG E 25 -15.11 -31.36 -18.74
N LEU E 26 -14.53 -31.34 -19.94
CA LEU E 26 -13.23 -30.72 -20.13
C LEU E 26 -13.23 -29.32 -19.51
N ILE E 27 -14.26 -28.54 -19.84
CA ILE E 27 -14.39 -27.18 -19.32
C ILE E 27 -14.51 -27.16 -17.80
N ASP E 28 -15.49 -27.91 -17.29
CA ASP E 28 -15.74 -27.96 -15.86
C ASP E 28 -14.67 -28.77 -15.11
N SER E 29 -13.69 -29.26 -15.85
CA SER E 29 -12.62 -30.03 -15.23
C SER E 29 -11.26 -29.35 -15.36
N GLN E 30 -11.23 -28.14 -15.92
CA GLN E 30 -10.00 -27.37 -16.03
C GLN E 30 -9.87 -26.38 -14.87
N MET E 31 -8.63 -26.05 -14.52
CA MET E 31 -8.35 -25.17 -13.40
C MET E 31 -8.44 -23.71 -13.82
N GLU E 32 -8.97 -22.87 -12.93
CA GLU E 32 -9.16 -21.46 -13.24
C GLU E 32 -7.92 -20.65 -12.85
N THR E 33 -7.38 -19.90 -13.82
CA THR E 33 -6.19 -19.10 -13.57
C THR E 33 -6.15 -17.86 -14.46
N SER E 34 -5.10 -17.06 -14.29
CA SER E 34 -4.89 -15.88 -15.12
C SER E 34 -4.20 -16.27 -16.42
N CYS E 35 -3.71 -17.50 -16.48
CA CYS E 35 -2.95 -17.98 -17.62
C CYS E 35 -3.62 -17.67 -18.96
N GLN E 36 -2.81 -17.32 -19.96
CA GLN E 36 -3.32 -16.98 -21.29
C GLN E 36 -2.37 -17.45 -22.38
N ILE E 37 -2.94 -17.82 -23.53
CA ILE E 37 -2.16 -18.35 -24.63
C ILE E 37 -2.62 -17.77 -25.96
N THR E 38 -1.82 -17.98 -26.99
CA THR E 38 -2.17 -17.54 -28.33
C THR E 38 -2.63 -18.72 -29.19
N PHE E 39 -3.79 -18.56 -29.82
CA PHE E 39 -4.31 -19.58 -30.71
C PHE E 39 -5.02 -18.92 -31.89
N GLU E 40 -5.02 -19.61 -33.03
CA GLU E 40 -5.74 -19.14 -34.20
C GLU E 40 -7.23 -19.39 -34.02
N PHE E 41 -8.06 -18.57 -34.68
CA PHE E 41 -9.50 -18.75 -34.63
C PHE E 41 -10.16 -17.80 -35.63
N VAL E 42 -11.38 -18.13 -36.03
CA VAL E 42 -12.08 -17.35 -37.04
C VAL E 42 -12.36 -15.92 -36.58
N ASP E 43 -11.98 -14.95 -37.42
CA ASP E 43 -12.26 -13.55 -37.14
C ASP E 43 -13.75 -13.29 -37.27
N GLN E 44 -14.40 -13.06 -36.12
CA GLN E 44 -15.85 -12.95 -36.08
C GLN E 44 -16.35 -11.68 -36.77
N GLU E 45 -15.59 -10.59 -36.62
CA GLU E 45 -16.01 -9.31 -37.17
C GLU E 45 -15.89 -9.30 -38.69
N GLN E 46 -14.79 -9.84 -39.21
CA GLN E 46 -14.54 -9.85 -40.64
C GLN E 46 -15.50 -10.78 -41.38
N LEU E 47 -15.77 -11.95 -40.79
CA LEU E 47 -16.70 -12.91 -41.38
C LEU E 47 -17.96 -13.01 -40.54
N LYS E 48 -19.01 -12.30 -40.96
CA LYS E 48 -20.23 -12.17 -40.16
C LYS E 48 -21.36 -13.12 -40.58
N ASP E 49 -21.30 -13.62 -41.81
CA ASP E 49 -22.30 -14.57 -42.29
C ASP E 49 -22.40 -15.75 -41.31
N PRO E 50 -23.59 -15.97 -40.75
CA PRO E 50 -23.75 -17.01 -39.72
C PRO E 50 -23.42 -18.42 -40.20
N VAL E 51 -23.70 -18.73 -41.47
CA VAL E 51 -23.49 -20.09 -41.96
C VAL E 51 -22.04 -20.36 -42.34
N CYS E 52 -21.46 -19.48 -43.16
CA CYS E 52 -20.07 -19.65 -43.59
C CYS E 52 -19.11 -19.48 -42.41
N TYR E 53 -19.47 -18.62 -41.47
CA TYR E 53 -18.66 -18.41 -40.27
C TYR E 53 -18.47 -19.73 -39.53
N LEU E 54 -19.55 -20.49 -39.39
CA LEU E 54 -19.50 -21.76 -38.68
C LEU E 54 -18.75 -22.81 -39.47
N LYS E 55 -19.05 -22.91 -40.76
CA LYS E 55 -18.40 -23.90 -41.61
C LYS E 55 -16.89 -23.75 -41.52
N LYS E 56 -16.43 -22.50 -41.51
CA LYS E 56 -15.00 -22.22 -41.43
C LYS E 56 -14.49 -22.39 -40.01
N ALA E 57 -15.29 -21.94 -39.04
CA ALA E 57 -14.93 -22.06 -37.64
C ALA E 57 -14.71 -23.53 -37.28
N PHE E 58 -15.55 -24.40 -37.82
CA PHE E 58 -15.49 -25.82 -37.48
C PHE E 58 -14.24 -26.49 -38.05
N LEU E 59 -14.01 -26.30 -39.35
CA LEU E 59 -12.84 -26.89 -40.00
C LEU E 59 -11.56 -26.41 -39.31
N LEU E 60 -11.57 -25.15 -38.88
CA LEU E 60 -10.41 -24.56 -38.22
C LEU E 60 -10.13 -25.21 -36.87
N VAL E 61 -11.19 -25.47 -36.11
CA VAL E 61 -11.07 -26.07 -34.78
C VAL E 61 -10.32 -27.40 -34.82
N GLN E 62 -10.45 -28.12 -35.93
CA GLN E 62 -9.89 -29.47 -36.03
C GLN E 62 -8.37 -29.44 -36.13
N ASP E 63 -7.84 -28.55 -36.96
CA ASP E 63 -6.40 -28.36 -37.06
C ASP E 63 -5.85 -27.85 -35.73
N ILE E 64 -6.61 -26.95 -35.12
CA ILE E 64 -6.24 -26.34 -33.85
C ILE E 64 -6.23 -27.36 -32.72
N MET E 65 -7.18 -28.29 -32.76
CA MET E 65 -7.39 -29.24 -31.68
C MET E 65 -6.16 -30.12 -31.41
N GLU E 66 -5.51 -30.57 -32.47
CA GLU E 66 -4.36 -31.46 -32.34
C GLU E 66 -3.33 -30.91 -31.37
N ASP E 67 -2.90 -29.67 -31.59
CA ASP E 67 -1.78 -29.09 -30.85
C ASP E 67 -2.21 -28.14 -29.74
N THR E 68 -3.48 -27.74 -29.75
CA THR E 68 -3.97 -26.79 -28.76
C THR E 68 -4.56 -27.49 -27.54
N MET E 69 -5.58 -28.32 -27.77
CA MET E 69 -6.22 -29.06 -26.69
C MET E 69 -5.51 -30.39 -26.49
N ARG E 70 -4.61 -30.44 -25.51
CA ARG E 70 -3.79 -31.63 -25.28
C ARG E 70 -3.85 -32.08 -23.82
N PHE E 71 -3.81 -33.39 -23.62
CA PHE E 71 -3.82 -33.96 -22.28
C PHE E 71 -2.89 -35.16 -22.21
N ARG E 72 -2.58 -35.61 -21.00
CA ARG E 72 -1.76 -36.80 -20.82
C ARG E 72 -2.40 -37.97 -21.54
N ASP E 73 -1.57 -38.79 -22.19
CA ASP E 73 -2.07 -39.93 -22.94
C ASP E 73 -2.88 -40.86 -22.06
N ASN E 74 -3.97 -41.39 -22.62
CA ASN E 74 -4.77 -42.43 -21.97
C ASN E 74 -5.60 -41.93 -20.79
N THR E 75 -5.70 -40.61 -20.62
CA THR E 75 -6.56 -40.04 -19.59
C THR E 75 -7.98 -39.88 -20.15
N PRO E 76 -8.96 -39.71 -19.26
CA PRO E 76 -10.35 -39.54 -19.70
C PRO E 76 -10.49 -38.43 -20.74
N ASN E 77 -9.81 -37.31 -20.51
CA ASN E 77 -9.90 -36.17 -21.41
C ASN E 77 -9.17 -36.41 -22.73
N ALA E 78 -8.00 -37.04 -22.66
CA ALA E 78 -7.25 -37.35 -23.86
C ALA E 78 -8.10 -38.21 -24.79
N ILE E 79 -8.82 -39.16 -24.20
CA ILE E 79 -9.74 -39.99 -24.96
C ILE E 79 -10.84 -39.13 -25.57
N ALA E 80 -11.37 -38.21 -24.78
CA ALA E 80 -12.41 -37.30 -25.25
C ALA E 80 -11.97 -36.58 -26.52
N ILE E 81 -10.70 -36.18 -26.55
CA ILE E 81 -10.14 -35.47 -27.69
C ILE E 81 -10.07 -36.38 -28.93
N VAL E 82 -9.56 -37.59 -28.74
CA VAL E 82 -9.44 -38.53 -29.85
C VAL E 82 -10.81 -38.85 -30.43
N GLN E 83 -11.83 -38.89 -29.57
CA GLN E 83 -13.20 -39.15 -30.01
C GLN E 83 -13.69 -38.02 -30.89
N LEU E 84 -13.33 -36.79 -30.54
CA LEU E 84 -13.73 -35.61 -31.31
C LEU E 84 -13.06 -35.62 -32.68
N GLN E 85 -11.84 -36.13 -32.73
CA GLN E 85 -11.11 -36.24 -33.99
C GLN E 85 -11.73 -37.32 -34.87
N GLU E 86 -12.00 -38.48 -34.27
CA GLU E 86 -12.70 -39.56 -34.98
C GLU E 86 -13.99 -39.04 -35.56
N LEU E 87 -14.69 -38.21 -34.80
CA LEU E 87 -15.95 -37.63 -35.24
C LEU E 87 -15.78 -36.82 -36.52
N SER E 88 -14.67 -36.10 -36.61
CA SER E 88 -14.42 -35.24 -37.77
C SER E 88 -14.15 -36.07 -39.03
N LEU E 89 -13.32 -37.10 -38.90
CA LEU E 89 -12.97 -37.95 -40.04
C LEU E 89 -14.22 -38.34 -40.82
N ARG E 90 -15.33 -38.50 -40.10
CA ARG E 90 -16.61 -38.80 -40.75
C ARG E 90 -17.18 -37.55 -41.41
N LEU E 91 -17.33 -36.49 -40.61
CA LEU E 91 -17.90 -35.24 -41.09
C LEU E 91 -17.23 -34.73 -42.37
N LYS E 92 -16.00 -35.18 -42.63
CA LYS E 92 -15.27 -34.75 -43.81
C LYS E 92 -16.10 -34.87 -45.09
N SER E 93 -17.14 -35.69 -45.04
CA SER E 93 -18.01 -35.89 -46.20
C SER E 93 -19.18 -34.90 -46.24
N CYS E 94 -19.65 -34.48 -45.06
CA CYS E 94 -20.78 -33.56 -44.98
C CYS E 94 -20.38 -32.14 -45.38
N PHE E 95 -19.08 -31.95 -45.61
CA PHE E 95 -18.57 -30.65 -46.06
C PHE E 95 -18.02 -30.76 -47.48
N THR E 96 -18.18 -29.69 -48.26
CA THR E 96 -17.64 -29.64 -49.60
C THR E 96 -16.41 -28.73 -49.64
N LYS E 97 -15.39 -29.15 -50.38
CA LYS E 97 -14.19 -28.32 -50.54
C LYS E 97 -14.57 -27.02 -51.22
N ASP E 98 -13.98 -25.92 -50.77
CA ASP E 98 -14.23 -24.61 -51.36
C ASP E 98 -13.04 -24.16 -52.19
N TYR E 99 -12.05 -23.58 -51.52
CA TYR E 99 -10.81 -23.18 -52.17
C TYR E 99 -9.69 -23.10 -51.14
N GLU E 100 -8.45 -23.20 -51.61
CA GLU E 100 -7.30 -23.26 -50.71
C GLU E 100 -6.75 -21.88 -50.39
N GLU E 101 -7.06 -20.91 -51.25
CA GLU E 101 -6.63 -19.53 -51.00
C GLU E 101 -7.12 -19.10 -49.64
N HIS E 102 -8.36 -19.49 -49.33
CA HIS E 102 -9.07 -18.93 -48.19
C HIS E 102 -8.73 -19.57 -46.85
N ASP E 103 -7.97 -20.66 -46.87
CA ASP E 103 -7.40 -21.18 -45.64
C ASP E 103 -6.44 -20.11 -45.11
N LYS E 104 -6.66 -19.69 -43.87
CA LYS E 104 -5.90 -18.57 -43.27
C LYS E 104 -6.46 -17.22 -43.68
N ALA E 105 -7.61 -17.23 -44.35
CA ALA E 105 -8.37 -16.02 -44.59
C ALA E 105 -9.51 -16.03 -43.59
N CYS E 106 -10.03 -14.85 -43.24
CA CYS E 106 -11.08 -14.75 -42.23
C CYS E 106 -10.63 -15.37 -40.91
N VAL E 107 -9.33 -15.55 -40.76
CA VAL E 107 -8.78 -16.07 -39.51
C VAL E 107 -7.95 -15.00 -38.84
N ARG E 108 -8.05 -14.92 -37.51
CA ARG E 108 -7.24 -14.01 -36.73
C ARG E 108 -6.63 -14.74 -35.56
N THR E 109 -5.96 -14.01 -34.68
CA THR E 109 -5.32 -14.60 -33.52
C THR E 109 -5.85 -13.99 -32.23
N PHE E 110 -5.98 -14.81 -31.20
CA PHE E 110 -6.48 -14.35 -29.91
C PHE E 110 -5.49 -14.69 -28.79
N TYR E 111 -5.32 -13.76 -27.87
CA TYR E 111 -4.50 -14.01 -26.67
C TYR E 111 -5.40 -14.02 -25.45
N GLU E 112 -5.89 -15.20 -25.08
CA GLU E 112 -6.84 -15.32 -24.00
C GLU E 112 -6.71 -16.64 -23.26
N THR E 113 -7.41 -16.76 -22.13
CA THR E 113 -7.28 -17.93 -21.26
C THR E 113 -7.76 -19.20 -21.95
N PRO E 114 -7.20 -20.35 -21.55
CA PRO E 114 -7.60 -21.64 -22.12
C PRO E 114 -9.10 -21.94 -21.94
N LEU E 115 -9.66 -21.52 -20.81
CA LEU E 115 -11.08 -21.73 -20.56
C LEU E 115 -11.90 -20.99 -21.60
N GLN E 116 -11.45 -19.77 -21.95
CA GLN E 116 -12.14 -18.95 -22.94
C GLN E 116 -12.06 -19.59 -24.32
N LEU E 117 -10.96 -20.28 -24.60
CA LEU E 117 -10.81 -21.04 -25.83
C LEU E 117 -11.83 -22.17 -25.87
N LEU E 118 -11.85 -22.98 -24.82
CA LEU E 118 -12.76 -24.11 -24.76
C LEU E 118 -14.22 -23.66 -24.91
N GLU E 119 -14.55 -22.53 -24.29
CA GLU E 119 -15.88 -21.97 -24.42
C GLU E 119 -16.18 -21.67 -25.88
N LYS E 120 -15.18 -21.20 -26.61
CA LYS E 120 -15.32 -20.94 -28.04
C LYS E 120 -15.51 -22.25 -28.81
N VAL E 121 -14.72 -23.26 -28.44
CA VAL E 121 -14.79 -24.55 -29.11
C VAL E 121 -16.15 -25.21 -28.86
N LYS E 122 -16.56 -25.25 -27.59
CA LYS E 122 -17.87 -25.77 -27.23
C LYS E 122 -18.95 -25.05 -28.02
N ASN E 123 -18.92 -23.72 -27.95
CA ASN E 123 -19.89 -22.90 -28.66
C ASN E 123 -19.97 -23.25 -30.14
N VAL E 124 -18.81 -23.52 -30.74
CA VAL E 124 -18.75 -23.86 -32.15
C VAL E 124 -19.37 -25.24 -32.42
N PHE E 125 -19.09 -26.20 -31.56
CA PHE E 125 -19.66 -27.54 -31.69
C PHE E 125 -21.17 -27.52 -31.44
N ASN E 126 -21.59 -26.74 -30.46
CA ASN E 126 -22.99 -26.67 -30.08
C ASN E 126 -23.85 -26.06 -31.19
N GLU E 127 -23.41 -24.93 -31.71
CA GLU E 127 -24.14 -24.27 -32.79
C GLU E 127 -24.10 -25.11 -34.07
N THR E 128 -22.94 -25.71 -34.34
CA THR E 128 -22.78 -26.56 -35.51
C THR E 128 -23.80 -27.70 -35.50
N LYS E 129 -23.88 -28.40 -34.38
CA LYS E 129 -24.84 -29.49 -34.21
C LYS E 129 -26.25 -28.98 -34.44
N ASN E 130 -26.56 -27.82 -33.86
CA ASN E 130 -27.89 -27.22 -33.97
C ASN E 130 -28.30 -26.97 -35.41
N LEU E 131 -27.42 -26.34 -36.18
CA LEU E 131 -27.69 -26.04 -37.58
C LEU E 131 -27.87 -27.31 -38.40
N LEU E 132 -27.07 -28.33 -38.11
CA LEU E 132 -27.15 -29.60 -38.84
C LEU E 132 -28.49 -30.29 -38.60
N ASP E 133 -29.03 -30.16 -37.39
CA ASP E 133 -30.31 -30.76 -37.06
C ASP E 133 -31.41 -30.23 -37.97
N LYS E 134 -31.33 -28.94 -38.29
CA LYS E 134 -32.33 -28.31 -39.16
C LYS E 134 -32.17 -28.77 -40.60
N ASP E 135 -30.95 -28.68 -41.12
CA ASP E 135 -30.66 -29.09 -42.49
C ASP E 135 -29.30 -29.76 -42.57
N TRP E 136 -29.29 -31.02 -43.01
CA TRP E 136 -28.05 -31.79 -43.10
C TRP E 136 -27.26 -31.42 -44.36
N ASN E 137 -27.88 -30.68 -45.26
CA ASN E 137 -27.23 -30.26 -46.50
C ASN E 137 -26.63 -28.86 -46.40
N ILE E 138 -26.70 -28.27 -45.21
CA ILE E 138 -26.30 -26.87 -45.02
C ILE E 138 -24.86 -26.56 -45.43
N PHE E 139 -23.92 -27.42 -45.02
CA PHE E 139 -22.51 -27.11 -45.19
C PHE E 139 -21.93 -27.60 -46.51
N SER E 140 -22.77 -27.60 -47.56
CA SER E 140 -22.30 -27.91 -48.91
C SER E 140 -22.09 -26.60 -49.67
N LYS E 141 -22.27 -25.49 -48.99
CA LYS E 141 -22.26 -24.16 -49.60
C LYS E 141 -20.85 -23.73 -50.02
N ASN E 142 -20.74 -23.20 -51.24
CA ASN E 142 -19.51 -22.58 -51.70
C ASN E 142 -19.45 -21.14 -51.20
N CYS E 143 -18.73 -20.94 -50.09
CA CYS E 143 -18.67 -19.64 -49.44
C CYS E 143 -17.55 -18.76 -49.99
N ASN E 144 -16.88 -19.22 -51.03
CA ASN E 144 -15.76 -18.49 -51.61
C ASN E 144 -16.00 -17.00 -51.67
N ASN E 145 -17.20 -16.61 -52.11
CA ASN E 145 -17.53 -15.20 -52.24
C ASN E 145 -17.58 -14.47 -50.91
N SER E 146 -18.10 -15.14 -49.88
CA SER E 146 -18.19 -14.55 -48.55
C SER E 146 -16.83 -14.54 -47.85
N PHE E 147 -15.92 -15.40 -48.29
CA PHE E 147 -14.56 -15.41 -47.78
C PHE E 147 -13.77 -14.23 -48.34
N ALA E 148 -14.13 -13.82 -49.56
CA ALA E 148 -13.37 -12.79 -50.26
C ALA E 148 -13.35 -11.45 -49.53
N GLU E 149 -14.42 -11.12 -48.83
CA GLU E 149 -14.51 -9.83 -48.15
C GLU E 149 -13.46 -9.70 -47.06
N CYS E 150 -13.21 -10.79 -46.34
CA CYS E 150 -12.24 -10.78 -45.26
C CYS E 150 -10.87 -10.35 -45.76
N SER E 151 -10.03 -9.85 -44.85
CA SER E 151 -8.70 -9.38 -45.21
C SER E 151 -7.75 -9.54 -44.02
N GLU F 9 -2.52 -43.31 15.80
CA GLU F 9 -3.40 -44.46 15.67
C GLU F 9 -4.56 -44.16 14.73
N TYR F 10 -5.17 -42.99 14.90
CA TYR F 10 -6.29 -42.58 14.07
C TYR F 10 -5.79 -41.81 12.86
N CYS F 11 -4.58 -41.27 12.97
CA CYS F 11 -3.97 -40.52 11.89
C CYS F 11 -3.63 -41.42 10.71
N SER F 12 -3.27 -42.66 11.02
CA SER F 12 -2.89 -43.62 9.99
C SER F 12 -4.03 -43.85 9.00
N HIS F 13 -5.27 -43.82 9.49
CA HIS F 13 -6.41 -44.20 8.68
C HIS F 13 -7.19 -43.01 8.13
N MET F 14 -6.61 -41.82 8.17
CA MET F 14 -7.30 -40.62 7.71
C MET F 14 -7.13 -40.38 6.21
N ILE F 15 -5.88 -40.21 5.78
CA ILE F 15 -5.61 -39.99 4.36
C ILE F 15 -5.93 -41.26 3.58
N GLY F 16 -7.11 -41.28 2.99
CA GLY F 16 -7.56 -42.44 2.24
C GLY F 16 -6.89 -42.58 0.89
N SER F 17 -6.79 -43.81 0.42
CA SER F 17 -6.26 -44.08 -0.91
C SER F 17 -7.10 -43.30 -1.92
N GLY F 18 -8.40 -43.22 -1.65
CA GLY F 18 -9.33 -42.53 -2.53
C GLY F 18 -8.99 -41.06 -2.75
N HIS F 19 -8.41 -40.43 -1.73
CA HIS F 19 -8.02 -39.03 -1.83
C HIS F 19 -6.87 -38.83 -2.81
N LEU F 20 -5.87 -39.71 -2.74
CA LEU F 20 -4.75 -39.65 -3.66
C LEU F 20 -5.23 -39.84 -5.09
N GLN F 21 -6.22 -40.70 -5.29
CA GLN F 21 -6.75 -40.98 -6.61
C GLN F 21 -7.34 -39.71 -7.19
N SER F 22 -8.25 -39.08 -6.45
CA SER F 22 -8.91 -37.86 -6.91
C SER F 22 -7.90 -36.78 -7.31
N LEU F 23 -6.81 -36.67 -6.55
CA LEU F 23 -5.77 -35.71 -6.87
C LEU F 23 -5.16 -36.03 -8.24
N GLN F 24 -4.95 -37.31 -8.50
CA GLN F 24 -4.45 -37.75 -9.79
C GLN F 24 -5.46 -37.47 -10.89
N ARG F 25 -6.74 -37.59 -10.55
CA ARG F 25 -7.81 -37.35 -11.51
C ARG F 25 -7.84 -35.88 -11.92
N LEU F 26 -7.49 -35.00 -10.97
CA LEU F 26 -7.38 -33.58 -11.27
C LEU F 26 -6.18 -33.34 -12.18
N ILE F 27 -5.05 -33.97 -11.86
CA ILE F 27 -3.82 -33.82 -12.62
C ILE F 27 -3.99 -34.33 -14.06
N ASP F 28 -4.51 -35.54 -14.20
CA ASP F 28 -4.73 -36.13 -15.51
C ASP F 28 -5.66 -35.25 -16.33
N SER F 29 -6.57 -34.58 -15.64
CA SER F 29 -7.58 -33.75 -16.31
C SER F 29 -6.99 -32.46 -16.88
N GLN F 30 -6.05 -31.86 -16.16
CA GLN F 30 -5.50 -30.56 -16.55
C GLN F 30 -4.94 -30.55 -17.96
N MET F 31 -5.15 -29.43 -18.65
CA MET F 31 -4.70 -29.26 -20.02
C MET F 31 -3.26 -28.78 -20.02
N GLU F 32 -2.45 -29.36 -20.91
CA GLU F 32 -1.02 -29.07 -20.93
C GLU F 32 -0.71 -27.82 -21.74
N THR F 33 0.03 -26.90 -21.11
CA THR F 33 0.42 -25.65 -21.76
C THR F 33 1.74 -25.14 -21.21
N SER F 34 2.29 -24.12 -21.85
CA SER F 34 3.53 -23.49 -21.41
C SER F 34 3.27 -22.58 -20.22
N CYS F 35 2.00 -22.35 -19.92
CA CYS F 35 1.59 -21.44 -18.86
C CYS F 35 2.31 -21.70 -17.55
N GLN F 36 2.75 -20.62 -16.89
CA GLN F 36 3.44 -20.72 -15.61
C GLN F 36 2.85 -19.71 -14.63
N ILE F 37 2.91 -20.04 -13.35
CA ILE F 37 2.37 -19.16 -12.31
C ILE F 37 3.27 -19.14 -11.08
N THR F 38 3.12 -18.10 -10.26
CA THR F 38 3.92 -17.96 -9.05
C THR F 38 3.11 -18.36 -7.82
N PHE F 39 3.64 -19.30 -7.04
CA PHE F 39 2.97 -19.77 -5.82
C PHE F 39 3.98 -19.99 -4.70
N GLU F 40 3.49 -19.90 -3.46
CA GLU F 40 4.32 -20.12 -2.29
C GLU F 40 4.41 -21.60 -1.95
N PHE F 41 5.59 -22.03 -1.51
CA PHE F 41 5.80 -23.42 -1.16
C PHE F 41 7.08 -23.55 -0.34
N VAL F 42 7.35 -24.75 0.17
CA VAL F 42 8.53 -25.00 0.98
C VAL F 42 9.77 -25.17 0.11
N ASP F 43 10.84 -24.48 0.48
CA ASP F 43 12.11 -24.60 -0.24
C ASP F 43 12.80 -25.90 0.15
N GLN F 44 12.82 -26.85 -0.77
CA GLN F 44 13.38 -28.18 -0.52
C GLN F 44 14.88 -28.12 -0.24
N GLU F 45 15.59 -27.28 -0.96
CA GLU F 45 17.03 -27.15 -0.80
C GLU F 45 17.37 -26.49 0.54
N GLN F 46 16.62 -25.43 0.86
CA GLN F 46 16.83 -24.66 2.08
C GLN F 46 16.59 -25.51 3.32
N LEU F 47 15.61 -26.40 3.25
CA LEU F 47 15.31 -27.33 4.33
C LEU F 47 15.20 -28.73 3.74
N LYS F 48 16.22 -29.55 3.98
CA LYS F 48 16.37 -30.81 3.25
C LYS F 48 15.79 -32.03 3.96
N ASP F 49 15.60 -31.95 5.28
CA ASP F 49 15.07 -33.08 6.04
C ASP F 49 13.67 -33.43 5.53
N PRO F 50 13.46 -34.71 5.15
CA PRO F 50 12.20 -35.17 4.56
C PRO F 50 11.01 -35.13 5.53
N VAL F 51 11.25 -35.47 6.79
CA VAL F 51 10.17 -35.56 7.78
C VAL F 51 9.62 -34.18 8.10
N CYS F 52 10.51 -33.22 8.30
CA CYS F 52 10.12 -31.85 8.63
C CYS F 52 9.61 -31.14 7.39
N TYR F 53 10.13 -31.54 6.23
CA TYR F 53 9.71 -30.97 4.95
C TYR F 53 8.22 -31.16 4.73
N LEU F 54 7.73 -32.36 5.00
CA LEU F 54 6.30 -32.65 4.90
C LEU F 54 5.54 -31.88 5.97
N LYS F 55 6.14 -31.76 7.14
CA LYS F 55 5.50 -31.10 8.27
C LYS F 55 5.12 -29.66 7.94
N LYS F 56 6.08 -28.88 7.46
CA LYS F 56 5.83 -27.49 7.11
C LYS F 56 5.04 -27.39 5.81
N ALA F 57 5.47 -28.15 4.80
CA ALA F 57 4.79 -28.13 3.51
C ALA F 57 3.28 -28.16 3.69
N PHE F 58 2.83 -28.95 4.66
CA PHE F 58 1.41 -29.13 4.90
C PHE F 58 0.70 -27.84 5.29
N LEU F 59 1.28 -27.08 6.21
CA LEU F 59 0.65 -25.87 6.70
C LEU F 59 0.43 -24.88 5.54
N LEU F 60 1.32 -24.90 4.57
CA LEU F 60 1.20 -24.03 3.40
C LEU F 60 0.09 -24.54 2.48
N VAL F 61 0.04 -25.86 2.29
CA VAL F 61 -0.93 -26.46 1.39
C VAL F 61 -2.36 -26.07 1.73
N GLN F 62 -2.63 -25.85 3.01
CA GLN F 62 -3.99 -25.51 3.46
C GLN F 62 -4.37 -24.09 3.03
N ASP F 63 -3.44 -23.15 3.20
CA ASP F 63 -3.66 -21.79 2.75
C ASP F 63 -3.56 -21.73 1.23
N ILE F 64 -2.80 -22.66 0.66
CA ILE F 64 -2.57 -22.71 -0.79
C ILE F 64 -3.83 -23.01 -1.59
N MET F 65 -4.51 -24.11 -1.25
CA MET F 65 -5.65 -24.57 -2.03
C MET F 65 -6.68 -23.47 -2.26
N GLU F 66 -6.94 -22.66 -1.24
CA GLU F 66 -7.90 -21.57 -1.34
C GLU F 66 -7.62 -20.66 -2.54
N ASP F 67 -6.37 -20.23 -2.66
CA ASP F 67 -5.99 -19.25 -3.67
C ASP F 67 -5.50 -19.90 -4.95
N THR F 68 -4.99 -21.12 -4.85
CA THR F 68 -4.29 -21.75 -5.97
C THR F 68 -5.23 -22.61 -6.84
N MET F 69 -5.79 -23.66 -6.24
CA MET F 69 -6.65 -24.58 -6.97
C MET F 69 -8.11 -24.15 -6.88
N ARG F 70 -8.66 -23.73 -8.02
CA ARG F 70 -10.04 -23.25 -8.06
C ARG F 70 -10.79 -23.88 -9.24
N PHE F 71 -12.03 -24.28 -8.99
CA PHE F 71 -12.88 -24.86 -10.03
C PHE F 71 -14.30 -24.34 -9.86
N ARG F 72 -15.07 -24.33 -10.93
CA ARG F 72 -16.46 -23.92 -10.86
C ARG F 72 -17.16 -24.75 -9.79
N ASP F 73 -17.97 -24.09 -8.96
CA ASP F 73 -18.63 -24.76 -7.85
C ASP F 73 -19.38 -26.00 -8.31
N ASN F 74 -19.25 -27.07 -7.52
CA ASN F 74 -20.03 -28.29 -7.71
C ASN F 74 -19.54 -29.18 -8.86
N THR F 75 -18.44 -28.81 -9.50
CA THR F 75 -17.83 -29.68 -10.50
C THR F 75 -17.09 -30.78 -9.76
N PRO F 76 -16.85 -31.92 -10.44
CA PRO F 76 -16.18 -33.06 -9.80
C PRO F 76 -14.88 -32.65 -9.12
N ASN F 77 -14.25 -31.60 -9.64
CA ASN F 77 -12.97 -31.15 -9.14
C ASN F 77 -13.11 -30.16 -8.00
N ALA F 78 -14.10 -29.27 -8.12
CA ALA F 78 -14.39 -28.32 -7.05
C ALA F 78 -14.77 -29.07 -5.79
N ILE F 79 -15.57 -30.12 -5.95
CA ILE F 79 -15.95 -30.96 -4.82
C ILE F 79 -14.75 -31.72 -4.29
N ALA F 80 -13.87 -32.15 -5.21
CA ALA F 80 -12.67 -32.89 -4.84
C ALA F 80 -11.79 -32.07 -3.90
N ILE F 81 -11.76 -30.76 -4.12
CA ILE F 81 -10.99 -29.85 -3.27
C ILE F 81 -11.59 -29.78 -1.87
N VAL F 82 -12.92 -29.71 -1.80
CA VAL F 82 -13.61 -29.62 -0.52
C VAL F 82 -13.32 -30.85 0.34
N GLN F 83 -13.25 -32.01 -0.29
CA GLN F 83 -12.94 -33.24 0.43
C GLN F 83 -11.53 -33.21 1.01
N LEU F 84 -10.64 -32.47 0.34
CA LEU F 84 -9.25 -32.39 0.78
C LEU F 84 -9.07 -31.37 1.91
N GLN F 85 -9.81 -30.27 1.86
CA GLN F 85 -9.72 -29.25 2.90
C GLN F 85 -10.29 -29.80 4.22
N GLU F 86 -11.42 -30.49 4.12
CA GLU F 86 -12.03 -31.12 5.29
C GLU F 86 -11.06 -32.11 5.90
N LEU F 87 -10.47 -32.95 5.05
CA LEU F 87 -9.47 -33.91 5.49
C LEU F 87 -8.35 -33.21 6.25
N SER F 88 -7.95 -32.03 5.76
CA SER F 88 -6.85 -31.29 6.35
C SER F 88 -7.22 -30.65 7.68
N LEU F 89 -8.46 -30.22 7.81
CA LEU F 89 -8.92 -29.54 9.01
C LEU F 89 -8.72 -30.40 10.25
N ARG F 90 -9.09 -31.68 10.14
CA ARG F 90 -8.98 -32.61 11.25
C ARG F 90 -7.53 -33.08 11.44
N LEU F 91 -6.76 -33.09 10.36
CA LEU F 91 -5.39 -33.62 10.38
C LEU F 91 -4.44 -32.77 11.22
N LYS F 92 -4.72 -31.47 11.32
CA LYS F 92 -3.83 -30.54 12.01
C LYS F 92 -3.50 -31.02 13.42
N SER F 93 -4.39 -31.81 14.00
CA SER F 93 -4.20 -32.34 15.35
C SER F 93 -3.07 -33.36 15.43
N CYS F 94 -2.87 -34.10 14.34
CA CYS F 94 -1.84 -35.13 14.30
C CYS F 94 -0.44 -34.54 14.15
N PHE F 95 -0.38 -33.22 13.98
CA PHE F 95 0.91 -32.54 13.83
C PHE F 95 1.20 -31.63 15.01
N THR F 96 2.42 -31.72 15.54
CA THR F 96 2.88 -30.77 16.56
C THR F 96 3.34 -29.50 15.87
N LYS F 97 3.09 -28.35 16.51
CA LYS F 97 3.46 -27.07 15.94
C LYS F 97 4.64 -26.46 16.69
N ASP F 98 5.61 -25.97 15.96
CA ASP F 98 6.84 -25.43 16.54
C ASP F 98 6.87 -23.92 16.47
N GLU F 100 5.15 -21.07 14.86
CA GLU F 100 4.61 -20.16 13.85
C GLU F 100 5.61 -19.06 13.52
N GLU F 101 6.66 -18.96 14.32
CA GLU F 101 7.70 -17.96 14.12
C GLU F 101 8.42 -18.19 12.79
N HIS F 102 8.65 -19.45 12.47
CA HIS F 102 9.37 -19.80 11.25
C HIS F 102 8.47 -19.75 10.02
N ASP F 103 7.26 -19.22 10.18
CA ASP F 103 6.40 -18.94 9.04
C ASP F 103 6.98 -17.71 8.33
N LYS F 104 6.90 -17.72 7.01
CA LYS F 104 7.59 -16.72 6.18
C LYS F 104 9.09 -17.07 6.08
N ALA F 105 9.51 -18.09 6.82
CA ALA F 105 10.85 -18.62 6.71
C ALA F 105 10.77 -20.03 6.14
N CYS F 106 11.72 -20.37 5.28
CA CYS F 106 11.74 -21.67 4.61
C CYS F 106 10.72 -21.74 3.46
N VAL F 107 10.02 -20.63 3.21
CA VAL F 107 9.10 -20.57 2.08
C VAL F 107 9.78 -19.84 0.94
N ARG F 108 9.70 -20.40 -0.26
CA ARG F 108 10.22 -19.75 -1.46
C ARG F 108 9.15 -19.73 -2.54
N THR F 109 9.29 -18.80 -3.47
CA THR F 109 8.33 -18.66 -4.56
C THR F 109 8.79 -19.44 -5.79
N PHE F 110 7.90 -20.24 -6.35
CA PHE F 110 8.19 -21.01 -7.55
C PHE F 110 7.41 -20.47 -8.73
N TYR F 111 8.12 -20.20 -9.83
CA TYR F 111 7.47 -19.83 -11.08
C TYR F 111 7.39 -21.08 -11.95
N GLU F 112 6.30 -21.82 -11.81
CA GLU F 112 6.18 -23.12 -12.46
C GLU F 112 4.76 -23.39 -12.95
N THR F 113 4.64 -24.35 -13.86
CA THR F 113 3.35 -24.70 -14.46
C THR F 113 2.44 -25.32 -13.41
N PRO F 114 1.12 -25.13 -13.57
CA PRO F 114 0.14 -25.69 -12.63
C PRO F 114 0.31 -27.20 -12.44
N LEU F 115 0.66 -27.91 -13.50
CA LEU F 115 0.89 -29.35 -13.42
C LEU F 115 2.02 -29.65 -12.45
N GLN F 116 3.09 -28.88 -12.54
CA GLN F 116 4.22 -29.04 -11.64
C GLN F 116 3.78 -28.79 -10.19
N LEU F 117 2.84 -27.88 -10.02
CA LEU F 117 2.28 -27.60 -8.70
C LEU F 117 1.50 -28.80 -8.18
N LEU F 118 0.48 -29.21 -8.94
CA LEU F 118 -0.34 -30.35 -8.54
C LEU F 118 0.53 -31.55 -8.25
N GLU F 119 1.61 -31.70 -9.02
CA GLU F 119 2.54 -32.80 -8.82
C GLU F 119 3.23 -32.66 -7.47
N LYS F 120 3.52 -31.43 -7.08
CA LYS F 120 4.12 -31.15 -5.79
C LYS F 120 3.15 -31.45 -4.65
N VAL F 121 1.88 -31.11 -4.86
CA VAL F 121 0.85 -31.34 -3.85
C VAL F 121 0.55 -32.83 -3.73
N LYS F 122 0.41 -33.49 -4.87
CA LYS F 122 0.20 -34.93 -4.91
C LYS F 122 1.36 -35.64 -4.21
N ASN F 123 2.58 -35.21 -4.55
CA ASN F 123 3.77 -35.78 -3.94
C ASN F 123 3.72 -35.67 -2.42
N VAL F 124 3.24 -34.54 -1.93
CA VAL F 124 3.16 -34.30 -0.49
C VAL F 124 2.16 -35.25 0.16
N PHE F 125 0.94 -35.30 -0.38
CA PHE F 125 -0.08 -36.18 0.17
C PHE F 125 0.32 -37.64 0.11
N ASN F 126 0.91 -38.04 -1.02
CA ASN F 126 1.32 -39.42 -1.22
C ASN F 126 2.47 -39.80 -0.27
N GLU F 127 3.49 -38.95 -0.23
CA GLU F 127 4.61 -39.16 0.69
C GLU F 127 4.10 -39.20 2.12
N THR F 128 3.15 -38.31 2.41
CA THR F 128 2.54 -38.25 3.73
C THR F 128 1.89 -39.59 4.07
N LYS F 129 0.91 -39.99 3.27
CA LYS F 129 0.20 -41.25 3.50
C LYS F 129 1.17 -42.40 3.76
N ASN F 130 2.15 -42.57 2.88
CA ASN F 130 3.12 -43.65 3.02
C ASN F 130 3.89 -43.57 4.34
N LEU F 131 4.28 -42.36 4.71
CA LEU F 131 5.06 -42.15 5.92
C LEU F 131 4.20 -42.35 7.17
N LEU F 132 2.96 -41.87 7.13
CA LEU F 132 2.03 -42.06 8.24
C LEU F 132 1.76 -43.54 8.46
N ASP F 133 1.50 -44.26 7.38
CA ASP F 133 1.26 -45.70 7.47
C ASP F 133 2.42 -46.35 8.22
N LYS F 134 3.64 -45.93 7.90
CA LYS F 134 4.84 -46.46 8.55
C LYS F 134 4.87 -46.11 10.03
N ASP F 135 4.48 -44.88 10.35
CA ASP F 135 4.49 -44.42 11.73
C ASP F 135 3.47 -43.32 11.98
N TRP F 136 2.53 -43.59 12.89
CA TRP F 136 1.52 -42.61 13.25
C TRP F 136 2.08 -41.60 14.26
N ASN F 137 3.13 -42.00 14.96
CA ASN F 137 3.74 -41.17 15.99
C ASN F 137 4.90 -40.33 15.45
N ILE F 138 5.17 -40.46 14.16
CA ILE F 138 6.32 -39.80 13.53
C ILE F 138 6.41 -38.31 13.83
N PHE F 139 5.28 -37.60 13.76
CA PHE F 139 5.29 -36.14 13.79
C PHE F 139 5.19 -35.57 15.20
N SER F 140 6.07 -36.04 16.08
CA SER F 140 6.20 -35.45 17.40
C SER F 140 7.39 -34.50 17.43
N LYS F 141 8.24 -34.60 16.40
CA LYS F 141 9.47 -33.80 16.33
C LYS F 141 9.17 -32.32 16.24
N ASN F 142 10.02 -31.53 16.89
CA ASN F 142 9.96 -30.08 16.79
C ASN F 142 11.21 -29.57 16.10
N CYS F 143 11.12 -29.39 14.79
CA CYS F 143 12.29 -29.09 13.97
C CYS F 143 12.67 -27.61 14.02
N ASN F 144 12.15 -26.88 14.99
CA ASN F 144 12.52 -25.46 15.15
C ASN F 144 13.99 -25.21 14.81
N ASN F 145 14.85 -26.16 15.15
CA ASN F 145 16.26 -26.08 14.81
C ASN F 145 16.47 -26.15 13.31
N SER F 146 15.77 -27.08 12.67
CA SER F 146 15.86 -27.23 11.21
C SER F 146 15.43 -25.96 10.50
N PHE F 147 14.42 -25.29 11.03
CA PHE F 147 13.94 -24.04 10.45
C PHE F 147 15.02 -22.97 10.55
N ALA F 148 15.79 -23.01 11.63
CA ALA F 148 16.88 -22.05 11.83
C ALA F 148 17.96 -22.25 10.78
N GLU F 149 18.08 -23.46 10.27
CA GLU F 149 19.07 -23.76 9.24
C GLU F 149 18.74 -23.00 7.95
N CYS F 150 17.44 -22.83 7.69
CA CYS F 150 16.99 -22.11 6.52
C CYS F 150 17.62 -20.72 6.46
N SER G 8 -20.44 -19.06 63.06
CA SER G 8 -20.38 -17.76 63.73
C SER G 8 -20.13 -16.64 62.70
N GLU G 9 -19.37 -16.96 61.67
CA GLU G 9 -19.08 -16.00 60.61
C GLU G 9 -19.44 -16.58 59.26
N TYR G 10 -20.05 -15.74 58.43
CA TYR G 10 -20.72 -16.16 57.21
C TYR G 10 -20.04 -15.58 55.97
N CYS G 11 -18.80 -15.14 56.13
CA CYS G 11 -18.07 -14.51 55.04
C CYS G 11 -17.63 -15.51 53.99
N SER G 12 -17.38 -16.75 54.40
CA SER G 12 -16.94 -17.80 53.47
C SER G 12 -18.01 -18.09 52.43
N HIS G 13 -19.29 -18.02 52.85
CA HIS G 13 -20.41 -18.31 51.97
C HIS G 13 -21.23 -17.05 51.70
N MET G 14 -20.54 -15.94 51.49
CA MET G 14 -21.19 -14.67 51.17
C MET G 14 -21.31 -14.51 49.66
N ILE G 15 -20.19 -14.62 48.96
CA ILE G 15 -20.15 -14.46 47.52
C ILE G 15 -20.72 -15.71 46.83
N GLY G 16 -22.00 -15.67 46.52
CA GLY G 16 -22.66 -16.79 45.87
C GLY G 16 -22.07 -17.05 44.49
N SER G 17 -22.18 -18.29 44.03
CA SER G 17 -21.71 -18.66 42.71
C SER G 17 -22.44 -17.85 41.64
N GLY G 18 -23.72 -17.58 41.89
CA GLY G 18 -24.54 -16.83 40.97
C GLY G 18 -23.95 -15.48 40.62
N HIS G 19 -23.17 -14.92 41.54
CA HIS G 19 -22.53 -13.61 41.31
C HIS G 19 -21.44 -13.71 40.25
N LEU G 20 -20.59 -14.72 40.35
CA LEU G 20 -19.54 -14.92 39.36
C LEU G 20 -20.13 -15.24 38.00
N GLN G 21 -21.32 -15.84 38.01
CA GLN G 21 -21.99 -16.20 36.76
C GLN G 21 -22.41 -14.94 36.01
N SER G 22 -22.93 -13.97 36.76
CA SER G 22 -23.38 -12.71 36.17
C SER G 22 -22.21 -11.85 35.72
N LEU G 23 -21.05 -12.03 36.34
CA LEU G 23 -19.85 -11.31 35.93
C LEU G 23 -19.32 -11.86 34.61
N GLN G 24 -19.18 -13.18 34.54
CA GLN G 24 -18.72 -13.82 33.31
C GLN G 24 -19.73 -13.56 32.20
N ARG G 25 -21.02 -13.57 32.56
CA ARG G 25 -22.07 -13.29 31.61
C ARG G 25 -21.91 -11.87 31.07
N LEU G 26 -21.41 -10.98 31.91
CA LEU G 26 -21.14 -9.60 31.51
C LEU G 26 -20.10 -9.58 30.40
N ILE G 27 -18.97 -10.22 30.64
CA ILE G 27 -17.89 -10.28 29.66
C ILE G 27 -18.36 -10.88 28.33
N ASP G 28 -19.02 -12.03 28.42
CA ASP G 28 -19.52 -12.70 27.22
C ASP G 28 -20.49 -11.80 26.47
N SER G 29 -21.20 -10.96 27.21
CA SER G 29 -22.20 -10.08 26.63
C SER G 29 -21.58 -8.88 25.93
N GLN G 30 -20.28 -8.66 26.18
CA GLN G 30 -19.60 -7.48 25.65
C GLN G 30 -19.07 -7.67 24.24
N MET G 31 -19.16 -6.60 23.45
CA MET G 31 -18.71 -6.58 22.07
C MET G 31 -17.21 -6.26 22.01
N GLU G 32 -16.51 -6.92 21.10
CA GLU G 32 -15.06 -6.73 20.98
C GLU G 32 -14.73 -5.47 20.19
N THR G 33 -13.71 -4.75 20.64
CA THR G 33 -13.35 -3.47 20.06
C THR G 33 -11.92 -3.05 20.42
N SER G 34 -11.37 -2.12 19.65
CA SER G 34 -10.05 -1.56 19.94
C SER G 34 -10.16 -0.52 21.04
N CYS G 35 -11.38 -0.10 21.33
CA CYS G 35 -11.65 0.95 22.31
C CYS G 35 -10.92 0.72 23.62
N GLN G 36 -10.46 1.80 24.22
CA GLN G 36 -9.77 1.74 25.50
C GLN G 36 -10.20 2.90 26.39
N ILE G 37 -10.04 2.73 27.69
CA ILE G 37 -10.43 3.75 28.66
C ILE G 37 -9.46 3.79 29.84
N THR G 38 -9.52 4.87 30.60
CA THR G 38 -8.63 5.05 31.75
C THR G 38 -9.40 4.83 33.05
N PHE G 39 -8.83 4.01 33.94
CA PHE G 39 -9.48 3.68 35.20
C PHE G 39 -8.46 3.39 36.29
N GLU G 40 -8.84 3.69 37.53
CA GLU G 40 -7.99 3.42 38.67
C GLU G 40 -8.03 1.94 39.03
N PHE G 41 -6.95 1.43 39.59
CA PHE G 41 -6.86 0.02 39.99
C PHE G 41 -5.54 -0.21 40.71
N VAL G 42 -5.46 -1.27 41.50
CA VAL G 42 -4.27 -1.53 42.31
C VAL G 42 -3.05 -1.88 41.46
N ASP G 43 -1.91 -1.29 41.80
CA ASP G 43 -0.66 -1.60 41.12
C ASP G 43 0.00 -2.80 41.78
N GLN G 44 -0.03 -3.94 41.09
CA GLN G 44 0.51 -5.18 41.62
C GLN G 44 2.00 -5.08 41.95
N GLU G 45 2.71 -4.21 41.26
CA GLU G 45 4.15 -4.04 41.52
C GLU G 45 4.36 -3.45 42.91
N GLN G 46 3.62 -2.40 43.23
CA GLN G 46 3.76 -1.74 44.53
CA GLN G 46 3.73 -1.73 44.52
C GLN G 46 3.29 -2.66 45.65
N LEU G 47 2.23 -3.42 45.40
CA LEU G 47 1.71 -4.37 46.39
C LEU G 47 1.94 -5.81 45.95
N LYS G 48 2.96 -6.45 46.51
CA LYS G 48 3.30 -7.81 46.14
C LYS G 48 2.59 -8.84 47.02
N ASP G 49 2.23 -8.43 48.24
CA ASP G 49 1.50 -9.32 49.15
C ASP G 49 0.12 -9.67 48.57
N PRO G 50 -0.14 -10.97 48.37
CA PRO G 50 -1.41 -11.40 47.78
C PRO G 50 -2.60 -11.21 48.73
N VAL G 51 -2.35 -11.23 50.03
CA VAL G 51 -3.42 -11.14 51.02
C VAL G 51 -3.97 -9.72 51.12
N CYS G 52 -3.06 -8.74 51.10
CA CYS G 52 -3.44 -7.34 51.20
C CYS G 52 -3.79 -6.77 49.83
N TYR G 53 -3.22 -7.34 48.78
CA TYR G 53 -3.51 -6.92 47.42
C TYR G 53 -4.99 -7.02 47.12
N LEU G 54 -5.59 -8.17 47.45
CA LEU G 54 -7.00 -8.41 47.18
C LEU G 54 -7.88 -7.50 48.02
N LYS G 55 -7.50 -7.29 49.28
CA LYS G 55 -8.28 -6.44 50.17
C LYS G 55 -8.42 -5.04 49.58
N LYS G 56 -7.31 -4.46 49.16
CA LYS G 56 -7.30 -3.14 48.55
C LYS G 56 -7.94 -3.18 47.17
N ALA G 57 -7.59 -4.20 46.39
CA ALA G 57 -8.11 -4.34 45.03
C ALA G 57 -9.62 -4.47 45.02
N PHE G 58 -10.16 -5.10 46.07
CA PHE G 58 -11.60 -5.33 46.14
C PHE G 58 -12.36 -4.05 46.46
N LEU G 59 -11.93 -3.36 47.52
CA LEU G 59 -12.59 -2.13 47.95
C LEU G 59 -12.64 -1.13 46.79
N LEU G 60 -11.61 -1.13 45.96
CA LEU G 60 -11.53 -0.21 44.83
C LEU G 60 -12.66 -0.46 43.84
N VAL G 61 -12.97 -1.74 43.62
CA VAL G 61 -14.01 -2.12 42.66
C VAL G 61 -15.35 -1.46 43.00
N GLN G 62 -15.59 -1.24 44.29
CA GLN G 62 -16.85 -0.66 44.74
C GLN G 62 -16.99 0.79 44.27
N ASP G 63 -15.93 1.57 44.48
CA ASP G 63 -15.88 2.94 43.99
C ASP G 63 -15.97 2.95 42.47
N ILE G 64 -15.29 1.99 41.85
CA ILE G 64 -15.18 1.90 40.40
C ILE G 64 -16.53 1.68 39.70
N MET G 65 -17.29 0.70 40.16
CA MET G 65 -18.52 0.31 39.48
C MET G 65 -19.43 1.51 39.17
N GLU G 66 -19.66 2.34 40.16
CA GLU G 66 -20.55 3.49 40.00
C GLU G 66 -20.20 4.29 38.75
N ASP G 67 -18.91 4.52 38.55
CA ASP G 67 -18.43 5.39 37.47
C ASP G 67 -18.02 4.62 36.22
N THR G 68 -17.61 3.37 36.40
CA THR G 68 -16.98 2.61 35.32
C THR G 68 -17.96 1.69 34.58
N MET G 69 -18.59 0.78 35.31
CA MET G 69 -19.50 -0.18 34.70
C MET G 69 -20.92 0.35 34.71
N ARG G 70 -21.42 0.73 33.55
CA ARG G 70 -22.74 1.35 33.46
C ARG G 70 -23.57 0.79 32.32
N PHE G 71 -24.83 0.46 32.61
CA PHE G 71 -25.75 -0.04 31.62
C PHE G 71 -27.09 0.68 31.77
N ARG G 72 -27.92 0.61 30.75
CA ARG G 72 -29.25 1.21 30.81
C ARG G 72 -30.03 0.57 31.96
N ASP G 73 -30.73 1.39 32.73
CA ASP G 73 -31.52 0.88 33.84
C ASP G 73 -32.47 -0.22 33.39
N ASN G 74 -32.66 -1.22 34.24
CA ASN G 74 -33.63 -2.28 34.01
C ASN G 74 -33.17 -3.35 33.01
N THR G 75 -31.93 -3.24 32.53
CA THR G 75 -31.36 -4.27 31.68
C THR G 75 -30.80 -5.39 32.55
N PRO G 76 -30.62 -6.59 31.95
CA PRO G 76 -30.11 -7.73 32.73
C PRO G 76 -28.81 -7.39 33.45
N ASN G 77 -27.98 -6.57 32.81
CA ASN G 77 -26.67 -6.23 33.33
C ASN G 77 -26.73 -5.12 34.38
N ALA G 78 -27.65 -4.18 34.19
CA ALA G 78 -27.84 -3.12 35.17
C ALA G 78 -28.31 -3.72 36.47
N ILE G 79 -29.20 -4.70 36.39
CA ILE G 79 -29.63 -5.45 37.56
C ILE G 79 -28.42 -6.16 38.16
N ALA G 80 -27.75 -6.97 37.35
CA ALA G 80 -26.58 -7.72 37.79
C ALA G 80 -25.61 -6.82 38.56
N ILE G 81 -25.52 -5.56 38.15
CA ILE G 81 -24.66 -4.60 38.83
C ILE G 81 -25.19 -4.27 40.22
N VAL G 82 -26.47 -3.90 40.30
CA VAL G 82 -27.08 -3.55 41.57
C VAL G 82 -26.93 -4.69 42.57
N GLN G 83 -26.99 -5.92 42.07
CA GLN G 83 -26.90 -7.11 42.92
C GLN G 83 -25.50 -7.19 43.52
N LEU G 84 -24.50 -6.86 42.71
CA LEU G 84 -23.11 -6.86 43.16
C LEU G 84 -22.86 -5.74 44.16
N GLN G 85 -23.58 -4.64 44.00
CA GLN G 85 -23.49 -3.53 44.94
C GLN G 85 -24.11 -3.92 46.27
N GLU G 86 -25.25 -4.61 46.22
CA GLU G 86 -25.89 -5.11 47.42
C GLU G 86 -24.96 -6.08 48.14
N LEU G 87 -24.29 -6.93 47.37
CA LEU G 87 -23.31 -7.86 47.92
C LEU G 87 -22.23 -7.12 48.68
N SER G 88 -21.83 -5.96 48.15
CA SER G 88 -20.78 -5.17 48.76
C SER G 88 -21.14 -4.75 50.19
N LEU G 89 -22.33 -4.16 50.35
CA LEU G 89 -22.76 -3.66 51.66
C LEU G 89 -22.70 -4.73 52.73
N ARG G 90 -23.09 -5.95 52.39
CA ARG G 90 -23.09 -7.06 53.33
C ARG G 90 -21.66 -7.46 53.69
N LEU G 91 -20.76 -7.35 52.71
CA LEU G 91 -19.37 -7.78 52.87
C LEU G 91 -18.57 -6.90 53.82
N LYS G 92 -18.97 -5.64 53.95
CA LYS G 92 -18.17 -4.66 54.69
C LYS G 92 -17.98 -5.03 56.16
N SER G 93 -18.85 -5.88 56.68
CA SER G 93 -18.68 -6.38 58.04
C SER G 93 -17.46 -7.29 58.11
N CYS G 94 -17.09 -7.88 56.98
CA CYS G 94 -15.94 -8.77 56.90
C CYS G 94 -14.62 -8.00 56.79
N PHE G 95 -14.71 -6.71 56.49
CA PHE G 95 -13.53 -5.86 56.32
C PHE G 95 -13.36 -4.87 57.47
N THR G 96 -12.13 -4.75 57.95
CA THR G 96 -11.79 -3.72 58.91
C THR G 96 -11.24 -2.52 58.14
N LYS G 97 -11.40 -1.32 58.70
CA LYS G 97 -11.01 -0.10 58.02
C LYS G 97 -9.54 0.22 58.27
N ASP G 98 -8.80 0.44 57.19
CA ASP G 98 -7.40 0.85 57.29
C ASP G 98 -7.31 2.37 57.33
N TYR G 99 -6.11 2.89 57.62
CA TYR G 99 -5.90 4.32 57.69
C TYR G 99 -6.25 4.97 56.35
N GLU G 100 -6.90 6.13 56.41
CA GLU G 100 -7.37 6.80 55.21
C GLU G 100 -6.21 7.30 54.35
N GLU G 101 -5.10 7.63 55.00
CA GLU G 101 -3.91 8.11 54.29
C GLU G 101 -3.45 7.13 53.21
N HIS G 102 -3.70 5.84 53.44
CA HIS G 102 -3.24 4.80 52.52
C HIS G 102 -4.19 4.59 51.34
N ASP G 103 -5.41 5.11 51.43
CA ASP G 103 -6.28 5.14 50.26
C ASP G 103 -5.63 6.04 49.23
N LYS G 104 -5.66 5.62 47.97
CA LYS G 104 -4.94 6.31 46.89
C LYS G 104 -3.45 5.94 46.92
N ALA G 105 -3.08 5.03 47.81
CA ALA G 105 -1.72 4.48 47.81
C ALA G 105 -1.79 3.04 47.33
N CYS G 106 -0.83 2.66 46.50
CA CYS G 106 -0.82 1.36 45.86
C CYS G 106 -1.81 1.31 44.71
N VAL G 107 -2.39 2.47 44.37
CA VAL G 107 -3.29 2.56 43.24
C VAL G 107 -2.60 3.28 42.10
N ARG G 108 -2.85 2.82 40.89
CA ARG G 108 -2.31 3.45 39.70
C ARG G 108 -3.41 3.66 38.68
N THR G 109 -3.03 3.93 37.44
CA THR G 109 -3.98 4.12 36.37
C THR G 109 -3.64 3.22 35.19
N PHE G 110 -4.66 2.55 34.65
CA PHE G 110 -4.47 1.67 33.50
C PHE G 110 -5.24 2.18 32.30
N TYR G 111 -4.61 2.11 31.14
CA TYR G 111 -5.25 2.50 29.88
C TYR G 111 -5.52 1.23 29.09
N GLU G 112 -6.71 0.68 29.25
CA GLU G 112 -7.01 -0.64 28.72
C GLU G 112 -8.46 -0.77 28.25
N THR G 113 -8.72 -1.83 27.50
CA THR G 113 -10.05 -2.09 26.96
C THR G 113 -10.99 -2.49 28.08
N PRO G 114 -12.29 -2.19 27.91
CA PRO G 114 -13.28 -2.57 28.94
C PRO G 114 -13.23 -4.06 29.26
N LEU G 115 -13.01 -4.89 28.24
CA LEU G 115 -12.89 -6.33 28.44
C LEU G 115 -11.76 -6.64 29.40
N GLN G 116 -10.61 -6.00 29.20
CA GLN G 116 -9.45 -6.20 30.05
C GLN G 116 -9.76 -5.78 31.48
N LEU G 117 -10.58 -4.75 31.63
CA LEU G 117 -11.03 -4.30 32.94
C LEU G 117 -11.90 -5.37 33.61
N LEU G 118 -12.92 -5.83 32.90
CA LEU G 118 -13.83 -6.83 33.43
C LEU G 118 -13.10 -8.09 33.85
N GLU G 119 -12.05 -8.44 33.11
CA GLU G 119 -11.23 -9.61 33.45
C GLU G 119 -10.53 -9.39 34.79
N LYS G 120 -10.05 -8.17 35.01
CA LYS G 120 -9.40 -7.82 36.27
C LYS G 120 -10.39 -7.89 37.43
N VAL G 121 -11.60 -7.39 37.18
CA VAL G 121 -12.64 -7.35 38.21
C VAL G 121 -13.11 -8.76 38.55
N LYS G 122 -13.45 -9.53 37.52
CA LYS G 122 -13.83 -10.93 37.70
C LYS G 122 -12.76 -11.65 38.49
N ASN G 123 -11.51 -11.47 38.10
CA ASN G 123 -10.39 -12.10 38.77
C ASN G 123 -10.33 -11.72 40.24
N VAL G 124 -10.56 -10.44 40.53
CA VAL G 124 -10.53 -9.95 41.90
C VAL G 124 -11.67 -10.55 42.73
N PHE G 125 -12.89 -10.53 42.18
CA PHE G 125 -14.03 -11.13 42.85
C PHE G 125 -13.82 -12.61 43.08
N ASN G 126 -13.32 -13.30 42.06
CA ASN G 126 -13.14 -14.74 42.12
C ASN G 126 -12.09 -15.14 43.16
N GLU G 127 -10.97 -14.44 43.16
CA GLU G 127 -9.91 -14.70 44.13
C GLU G 127 -10.36 -14.30 45.53
N THR G 128 -11.07 -13.18 45.63
CA THR G 128 -11.59 -12.72 46.90
C THR G 128 -12.45 -13.80 47.54
N LYS G 129 -13.26 -14.46 46.73
CA LYS G 129 -14.10 -15.56 47.21
C LYS G 129 -13.24 -16.69 47.74
N ASN G 130 -12.25 -17.08 46.96
CA ASN G 130 -11.38 -18.20 47.32
C ASN G 130 -10.74 -18.02 48.70
N LEU G 131 -10.24 -16.83 48.96
CA LEU G 131 -9.59 -16.54 50.25
C LEU G 131 -10.59 -16.59 51.39
N LEU G 132 -11.81 -16.12 51.16
CA LEU G 132 -12.85 -16.15 52.17
C LEU G 132 -13.30 -17.59 52.45
N ASP G 133 -13.24 -18.43 51.43
CA ASP G 133 -13.56 -19.85 51.60
C ASP G 133 -12.52 -20.53 52.49
N LYS G 134 -11.27 -20.09 52.37
CA LYS G 134 -10.19 -20.61 53.21
C LYS G 134 -10.36 -20.13 54.64
N ASP G 135 -10.37 -18.81 54.82
CA ASP G 135 -10.53 -18.23 56.16
C ASP G 135 -11.54 -17.09 56.12
N TRP G 136 -12.63 -17.26 56.88
CA TRP G 136 -13.71 -16.27 56.90
C TRP G 136 -13.28 -14.93 57.50
N ASN G 137 -12.28 -14.95 58.38
CA ASN G 137 -11.82 -13.74 59.06
C ASN G 137 -10.60 -13.12 58.39
N ILE G 138 -10.20 -13.67 57.24
CA ILE G 138 -8.92 -13.34 56.63
C ILE G 138 -8.69 -11.85 56.38
N PHE G 139 -9.74 -11.12 56.02
CA PHE G 139 -9.59 -9.74 55.62
C PHE G 139 -9.56 -8.75 56.78
N SER G 140 -9.04 -9.18 57.93
CA SER G 140 -8.95 -8.31 59.09
C SER G 140 -7.54 -7.81 59.35
N LYS G 141 -6.58 -8.29 58.57
CA LYS G 141 -5.18 -7.99 58.82
C LYS G 141 -4.83 -6.54 58.49
N ASN G 142 -3.94 -5.96 59.30
CA ASN G 142 -3.44 -4.61 59.08
C ASN G 142 -2.41 -4.58 57.95
N CYS G 143 -2.80 -3.97 56.83
CA CYS G 143 -1.93 -3.90 55.67
C CYS G 143 -1.23 -2.55 55.57
N ASN G 144 -1.38 -1.72 56.60
CA ASN G 144 -0.78 -0.39 56.59
C ASN G 144 0.70 -0.42 56.20
N ASN G 145 1.43 -1.37 56.76
CA ASN G 145 2.82 -1.55 56.38
C ASN G 145 2.97 -1.83 54.90
N SER G 146 2.33 -2.90 54.45
CA SER G 146 2.38 -3.29 53.05
C SER G 146 2.01 -2.13 52.13
N PHE G 147 1.06 -1.30 52.59
CA PHE G 147 0.63 -0.14 51.82
C PHE G 147 1.68 0.96 51.82
N ALA G 148 2.43 1.07 52.91
CA ALA G 148 3.40 2.13 53.07
C ALA G 148 4.48 2.13 51.99
N GLU G 149 4.92 0.94 51.59
CA GLU G 149 5.96 0.85 50.56
C GLU G 149 5.45 1.42 49.24
N CYS G 150 4.15 1.28 49.00
CA CYS G 150 3.55 1.80 47.78
C CYS G 150 3.71 3.31 47.69
N CYS H 11 -41.57 -12.52 0.43
CA CYS H 11 -40.49 -12.06 1.28
C CYS H 11 -41.03 -11.60 2.64
N SER H 12 -42.29 -11.15 2.66
CA SER H 12 -42.88 -10.55 3.85
C SER H 12 -42.58 -11.30 5.14
N HIS H 13 -42.64 -12.63 5.09
CA HIS H 13 -42.55 -13.43 6.30
C HIS H 13 -41.12 -13.90 6.58
N MET H 14 -40.13 -13.16 6.09
CA MET H 14 -38.74 -13.59 6.23
C MET H 14 -38.09 -12.98 7.48
N ILE H 15 -38.30 -11.68 7.69
CA ILE H 15 -37.77 -11.01 8.88
C ILE H 15 -38.72 -11.21 10.06
N GLY H 16 -38.42 -12.20 10.88
CA GLY H 16 -39.26 -12.52 12.03
C GLY H 16 -39.11 -11.51 13.15
N SER H 17 -40.04 -11.55 14.11
CA SER H 17 -40.01 -10.66 15.26
C SER H 17 -38.87 -11.04 16.19
N GLY H 18 -38.53 -12.33 16.22
CA GLY H 18 -37.48 -12.83 17.09
C GLY H 18 -36.12 -12.23 16.79
N HIS H 19 -35.92 -11.82 15.54
CA HIS H 19 -34.65 -11.22 15.13
C HIS H 19 -34.44 -9.86 15.77
N LEU H 20 -35.48 -9.03 15.78
CA LEU H 20 -35.39 -7.71 16.39
C LEU H 20 -35.17 -7.82 17.90
N GLN H 21 -35.66 -8.90 18.49
CA GLN H 21 -35.53 -9.11 19.92
C GLN H 21 -34.05 -9.23 20.28
N SER H 22 -33.35 -10.12 19.58
CA SER H 22 -31.93 -10.39 19.86
C SER H 22 -31.06 -9.15 19.72
N LEU H 23 -31.38 -8.28 18.75
CA LEU H 23 -30.60 -7.07 18.55
C LEU H 23 -30.68 -6.16 19.76
N GLN H 24 -31.88 -6.02 20.31
CA GLN H 24 -32.08 -5.20 21.50
C GLN H 24 -31.35 -5.81 22.69
N ARG H 25 -31.18 -7.14 22.68
CA ARG H 25 -30.44 -7.81 23.74
C ARG H 25 -28.98 -7.38 23.72
N LEU H 26 -28.42 -7.26 22.51
CA LEU H 26 -27.05 -6.78 22.36
C LEU H 26 -26.93 -5.35 22.87
N ILE H 27 -27.84 -4.48 22.41
CA ILE H 27 -27.84 -3.09 22.84
C ILE H 27 -27.97 -2.98 24.35
N ASP H 28 -28.94 -3.68 24.93
CA ASP H 28 -29.13 -3.69 26.37
C ASP H 28 -27.92 -4.32 27.05
N SER H 29 -27.26 -5.21 26.34
CA SER H 29 -26.11 -5.93 26.88
C SER H 29 -24.85 -5.05 26.97
N GLN H 30 -24.78 -4.04 26.12
CA GLN H 30 -23.56 -3.25 25.99
C GLN H 30 -23.34 -2.23 27.11
N MET H 31 -22.07 -2.08 27.47
CA MET H 31 -21.66 -1.17 28.53
C MET H 31 -21.48 0.23 27.96
N GLU H 32 -21.74 1.24 28.78
CA GLU H 32 -21.67 2.63 28.34
C GLU H 32 -20.28 3.21 28.53
N THR H 33 -19.72 3.78 27.48
CA THR H 33 -18.42 4.44 27.54
C THR H 33 -18.37 5.60 26.55
N SER H 34 -17.38 6.47 26.74
CA SER H 34 -17.18 7.60 25.83
C SER H 34 -16.57 7.14 24.52
N CYS H 35 -16.13 5.89 24.50
CA CYS H 35 -15.47 5.31 23.34
C CYS H 35 -16.21 5.58 22.04
N GLN H 36 -15.45 5.73 20.96
CA GLN H 36 -16.02 5.94 19.65
C GLN H 36 -15.15 5.26 18.60
N ILE H 37 -15.79 4.76 17.55
CA ILE H 37 -15.08 4.03 16.50
C ILE H 37 -15.53 4.52 15.13
N THR H 38 -14.75 4.16 14.11
CA THR H 38 -15.06 4.55 12.74
C THR H 38 -15.66 3.36 11.98
N PHE H 39 -16.79 3.59 11.33
CA PHE H 39 -17.42 2.54 10.54
C PHE H 39 -18.09 3.12 9.30
N GLU H 40 -18.02 2.37 8.20
CA GLU H 40 -18.61 2.80 6.94
C GLU H 40 -20.11 2.56 6.98
N PHE H 41 -20.88 3.45 6.36
CA PHE H 41 -22.34 3.34 6.38
C PHE H 41 -22.98 4.34 5.42
N VAL H 42 -24.24 4.11 5.06
CA VAL H 42 -24.95 4.98 4.11
C VAL H 42 -25.15 6.38 4.65
N ASP H 43 -24.85 7.38 3.81
CA ASP H 43 -25.10 8.77 4.15
C ASP H 43 -26.58 9.06 3.92
N GLN H 44 -27.32 9.26 5.00
CA GLN H 44 -28.76 9.46 4.92
C GLN H 44 -29.11 10.69 4.10
N GLU H 45 -28.25 11.70 4.17
CA GLU H 45 -28.47 12.95 3.44
C GLU H 45 -28.38 12.75 1.94
N GLN H 46 -27.36 12.01 1.51
CA GLN H 46 -27.09 11.84 0.08
C GLN H 46 -28.20 11.11 -0.66
N LEU H 47 -28.81 10.12 -0.01
CA LEU H 47 -29.90 9.36 -0.62
C LEU H 47 -31.22 9.64 0.12
N LYS H 48 -32.04 10.50 -0.48
CA LYS H 48 -33.28 10.95 0.16
C LYS H 48 -34.32 9.84 0.24
N ASP H 49 -34.48 9.11 -0.85
CA ASP H 49 -35.53 8.09 -0.94
C ASP H 49 -35.43 7.06 0.18
N PRO H 50 -36.55 6.79 0.86
CA PRO H 50 -36.60 5.81 1.96
C PRO H 50 -36.53 4.37 1.47
N VAL H 51 -37.07 4.11 0.28
CA VAL H 51 -37.14 2.77 -0.26
C VAL H 51 -35.76 2.28 -0.69
N CYS H 52 -35.02 3.16 -1.35
CA CYS H 52 -33.72 2.81 -1.89
C CYS H 52 -32.63 2.93 -0.83
N TYR H 53 -32.86 3.80 0.15
CA TYR H 53 -31.95 3.94 1.28
C TYR H 53 -31.85 2.62 2.04
N LEU H 54 -32.99 1.97 2.24
CA LEU H 54 -33.03 0.72 3.01
C LEU H 54 -32.36 -0.42 2.26
N LYS H 55 -32.55 -0.45 0.93
CA LYS H 55 -31.88 -1.45 0.11
C LYS H 55 -30.38 -1.39 0.33
N LYS H 56 -29.80 -0.22 0.08
CA LYS H 56 -28.37 -0.01 0.24
C LYS H 56 -27.96 -0.16 1.68
N ALA H 57 -28.72 0.46 2.58
CA ALA H 57 -28.44 0.40 4.00
C ALA H 57 -28.29 -1.05 4.45
N PHE H 58 -29.04 -1.94 3.82
CA PHE H 58 -29.03 -3.35 4.21
C PHE H 58 -27.78 -4.08 3.72
N LEU H 59 -27.49 -3.98 2.43
CA LEU H 59 -26.40 -4.78 1.84
C LEU H 59 -25.08 -4.55 2.54
N LEU H 60 -24.82 -3.30 2.98
CA LEU H 60 -23.57 -2.97 3.60
C LEU H 60 -23.51 -3.49 5.04
N VAL H 61 -24.67 -3.58 5.69
CA VAL H 61 -24.72 -4.08 7.05
C VAL H 61 -24.16 -5.49 7.11
N GLN H 62 -24.39 -6.26 6.06
CA GLN H 62 -23.97 -7.65 6.02
C GLN H 62 -22.45 -7.76 5.91
N ASP H 63 -21.84 -6.88 5.14
CA ASP H 63 -20.38 -6.82 5.05
C ASP H 63 -19.81 -6.16 6.30
N ILE H 64 -20.60 -5.29 6.92
CA ILE H 64 -20.19 -4.60 8.13
C ILE H 64 -20.04 -5.55 9.32
N MET H 65 -21.08 -6.34 9.58
CA MET H 65 -21.11 -7.23 10.73
C MET H 65 -19.81 -8.02 10.88
N GLU H 66 -19.44 -8.74 9.83
CA GLU H 66 -18.26 -9.61 9.85
C GLU H 66 -17.08 -8.95 10.57
N ASP H 67 -16.85 -7.67 10.29
CA ASP H 67 -15.69 -6.96 10.81
C ASP H 67 -16.06 -6.05 11.99
N THR H 68 -17.35 -5.74 12.12
CA THR H 68 -17.80 -4.75 13.09
C THR H 68 -18.28 -5.39 14.41
N MET H 69 -19.33 -6.20 14.33
CA MET H 69 -19.88 -6.83 15.53
C MET H 69 -19.20 -8.16 15.78
N ARG H 70 -18.49 -8.26 16.90
CA ARG H 70 -17.78 -9.49 17.24
C ARG H 70 -17.90 -9.80 18.73
N PHE H 71 -18.09 -11.08 19.04
CA PHE H 71 -18.22 -11.53 20.42
C PHE H 71 -17.45 -12.82 20.60
N ARG H 72 -17.05 -13.11 21.83
CA ARG H 72 -16.37 -14.37 22.12
C ARG H 72 -17.21 -15.53 21.58
N ASP H 73 -16.53 -16.55 21.07
CA ASP H 73 -17.23 -17.68 20.45
C ASP H 73 -18.17 -18.37 21.42
N ASN H 74 -19.34 -18.75 20.91
CA ASN H 74 -20.35 -19.50 21.67
C ASN H 74 -21.13 -18.64 22.67
N THR H 75 -20.84 -17.35 22.73
CA THR H 75 -21.58 -16.45 23.60
C THR H 75 -22.96 -16.17 23.01
N PRO H 76 -23.90 -15.69 23.84
CA PRO H 76 -25.26 -15.43 23.39
C PRO H 76 -25.31 -14.51 22.18
N ASN H 77 -24.39 -13.55 22.12
CA ASN H 77 -24.39 -12.56 21.06
C ASN H 77 -23.61 -13.02 19.84
N ALA H 78 -22.58 -13.83 20.06
CA ALA H 78 -21.85 -14.41 18.94
C ALA H 78 -22.81 -15.27 18.13
N ILE H 79 -23.74 -15.91 18.84
CA ILE H 79 -24.79 -16.69 18.19
C ILE H 79 -25.82 -15.77 17.55
N ALA H 80 -26.09 -14.65 18.20
CA ALA H 80 -27.03 -13.66 17.68
C ALA H 80 -26.58 -13.15 16.31
N ILE H 81 -25.27 -12.99 16.14
CA ILE H 81 -24.73 -12.54 14.87
C ILE H 81 -24.87 -13.63 13.82
N VAL H 82 -24.49 -14.86 14.17
CA VAL H 82 -24.62 -15.99 13.28
C VAL H 82 -26.06 -16.13 12.81
N GLN H 83 -27.00 -15.92 13.72
CA GLN H 83 -28.42 -16.00 13.40
C GLN H 83 -28.80 -14.94 12.35
N LEU H 84 -28.17 -13.77 12.44
CA LEU H 84 -28.42 -12.70 11.50
C LEU H 84 -27.79 -12.99 10.14
N GLN H 85 -26.67 -13.70 10.15
CA GLN H 85 -25.99 -14.08 8.92
C GLN H 85 -26.78 -15.15 8.17
N GLU H 86 -27.19 -16.18 8.89
CA GLU H 86 -27.98 -17.25 8.30
C GLU H 86 -29.20 -16.68 7.59
N LEU H 87 -29.92 -15.81 8.28
CA LEU H 87 -31.06 -15.12 7.69
C LEU H 87 -30.63 -14.37 6.44
N SER H 88 -29.55 -13.59 6.57
CA SER H 88 -29.09 -12.71 5.50
C SER H 88 -28.87 -13.43 4.18
N LEU H 89 -28.20 -14.57 4.22
CA LEU H 89 -27.87 -15.31 3.00
C LEU H 89 -29.06 -15.43 2.05
N ARG H 90 -30.24 -15.69 2.62
CA ARG H 90 -31.44 -15.87 1.83
C ARG H 90 -32.04 -14.53 1.37
N LEU H 91 -31.81 -13.48 2.15
CA LEU H 91 -32.46 -12.20 1.92
C LEU H 91 -32.01 -11.51 0.64
N LYS H 92 -30.80 -11.81 0.18
CA LYS H 92 -30.24 -11.12 -0.98
C LYS H 92 -31.20 -11.15 -2.17
N SER H 93 -31.94 -12.25 -2.30
CA SER H 93 -32.84 -12.43 -3.44
C SER H 93 -33.96 -11.38 -3.48
N CYS H 94 -34.45 -10.99 -2.30
CA CYS H 94 -35.53 -10.01 -2.23
C CYS H 94 -35.03 -8.65 -2.73
N PHE H 95 -33.71 -8.48 -2.71
CA PHE H 95 -33.08 -7.29 -3.28
C PHE H 95 -32.41 -7.65 -4.60
N THR H 96 -32.89 -7.05 -5.68
CA THR H 96 -32.30 -7.31 -7.00
C THR H 96 -31.10 -6.39 -7.21
N LYS H 97 -29.94 -6.99 -7.45
CA LYS H 97 -28.70 -6.24 -7.60
C LYS H 97 -28.87 -5.11 -8.62
N ASP H 98 -28.49 -3.91 -8.21
CA ASP H 98 -28.63 -2.73 -9.05
C ASP H 98 -27.42 -2.49 -9.93
N GLU H 100 -23.20 -2.45 -10.47
CA GLU H 100 -21.87 -2.79 -9.95
C GLU H 100 -21.11 -1.54 -9.59
N GLU H 101 -21.19 -0.53 -10.45
CA GLU H 101 -20.52 0.75 -10.22
C GLU H 101 -21.03 1.42 -8.95
N HIS H 102 -22.29 1.19 -8.62
CA HIS H 102 -22.92 1.85 -7.49
C HIS H 102 -22.49 1.26 -6.15
N ASP H 103 -22.04 0.01 -6.16
CA ASP H 103 -21.47 -0.58 -4.96
C ASP H 103 -20.25 0.24 -4.55
N LYS H 104 -20.16 0.58 -3.27
CA LYS H 104 -19.11 1.47 -2.77
C LYS H 104 -19.40 2.95 -3.08
N ALA H 105 -20.63 3.24 -3.48
CA ALA H 105 -21.06 4.61 -3.73
C ALA H 105 -22.21 5.00 -2.80
N CYS H 106 -22.40 6.30 -2.61
CA CYS H 106 -23.41 6.82 -1.69
C CYS H 106 -23.12 6.43 -0.25
N VAL H 107 -21.86 6.11 0.04
CA VAL H 107 -21.47 5.68 1.37
C VAL H 107 -20.51 6.69 2.02
N ARG H 108 -20.75 6.99 3.30
CA ARG H 108 -19.85 7.85 4.06
C ARG H 108 -19.32 7.09 5.26
N THR H 109 -18.63 7.80 6.15
CA THR H 109 -18.07 7.19 7.34
C THR H 109 -18.55 7.93 8.58
N PHE H 110 -18.75 7.17 9.68
CA PHE H 110 -19.21 7.75 10.93
C PHE H 110 -18.25 7.44 12.06
N TYR H 111 -17.90 8.47 12.83
CA TYR H 111 -17.09 8.32 14.03
C TYR H 111 -18.02 8.41 15.24
N GLU H 112 -18.62 7.28 15.61
CA GLU H 112 -19.65 7.26 16.64
C GLU H 112 -19.51 6.07 17.58
N THR H 113 -20.15 6.19 18.74
CA THR H 113 -20.11 5.15 19.76
C THR H 113 -20.81 3.89 19.26
N PRO H 114 -20.27 2.70 19.61
CA PRO H 114 -20.89 1.46 19.13
C PRO H 114 -22.39 1.44 19.38
N LEU H 115 -22.80 1.88 20.57
CA LEU H 115 -24.21 1.97 20.90
C LEU H 115 -24.99 2.74 19.84
N GLN H 116 -24.40 3.81 19.33
CA GLN H 116 -25.02 4.58 18.26
C GLN H 116 -25.08 3.76 16.97
N LEU H 117 -24.05 2.96 16.75
CA LEU H 117 -23.98 2.08 15.59
C LEU H 117 -25.09 1.03 15.65
N LEU H 118 -25.25 0.40 16.80
CA LEU H 118 -26.29 -0.60 16.98
C LEU H 118 -27.66 0.03 16.85
N GLU H 119 -27.78 1.28 17.30
CA GLU H 119 -29.03 2.01 17.15
C GLU H 119 -29.38 2.13 15.68
N LYS H 120 -28.37 2.38 14.86
CA LYS H 120 -28.55 2.45 13.41
C LYS H 120 -28.94 1.10 12.83
N VAL H 121 -28.29 0.04 13.33
CA VAL H 121 -28.56 -1.31 12.84
C VAL H 121 -29.97 -1.74 13.19
N LYS H 122 -30.33 -1.64 14.48
CA LYS H 122 -31.68 -1.95 14.93
C LYS H 122 -32.69 -1.13 14.14
N ASN H 123 -32.41 0.16 13.98
CA ASN H 123 -33.28 1.05 13.24
C ASN H 123 -33.46 0.55 11.82
N VAL H 124 -32.37 0.15 11.17
CA VAL H 124 -32.43 -0.34 9.80
C VAL H 124 -33.23 -1.63 9.69
N PHE H 125 -32.97 -2.58 10.58
CA PHE H 125 -33.71 -3.84 10.59
C PHE H 125 -35.18 -3.61 10.90
N ASN H 126 -35.45 -2.62 11.75
CA ASN H 126 -36.82 -2.29 12.13
C ASN H 126 -37.58 -1.65 10.98
N GLU H 127 -36.95 -0.67 10.33
CA GLU H 127 -37.55 0.00 9.18
C GLU H 127 -37.71 -0.97 8.02
N THR H 128 -36.71 -1.83 7.83
CA THR H 128 -36.77 -2.84 6.78
C THR H 128 -37.97 -3.74 7.01
N LYS H 129 -38.14 -4.20 8.24
CA LYS H 129 -39.26 -5.07 8.59
C LYS H 129 -40.60 -4.39 8.30
N ASN H 130 -40.74 -3.15 8.74
CA ASN H 130 -41.99 -2.42 8.61
C ASN H 130 -42.40 -2.21 7.14
N LEU H 131 -41.44 -1.84 6.30
CA LEU H 131 -41.73 -1.61 4.89
C LEU H 131 -41.68 -2.90 4.07
N LEU H 132 -41.06 -3.93 4.63
CA LEU H 132 -40.97 -5.21 3.94
C LEU H 132 -42.29 -5.97 4.04
N ASP H 133 -42.88 -6.00 5.23
CA ASP H 133 -44.14 -6.68 5.44
C ASP H 133 -45.25 -6.08 4.58
N LYS H 134 -45.38 -4.75 4.63
CA LYS H 134 -46.40 -4.05 3.86
C LYS H 134 -45.82 -3.53 2.55
N ASP H 135 -46.48 -3.86 1.43
CA ASP H 135 -45.98 -3.49 0.12
C ASP H 135 -44.54 -4.01 -0.03
N TRP H 136 -44.40 -5.33 -0.02
CA TRP H 136 -43.10 -5.98 0.08
C TRP H 136 -42.27 -5.88 -1.20
N ASN H 137 -42.90 -6.06 -2.35
CA ASN H 137 -42.18 -6.16 -3.62
C ASN H 137 -41.38 -4.90 -3.99
N ILE H 138 -41.44 -3.87 -3.15
CA ILE H 138 -40.76 -2.61 -3.43
C ILE H 138 -39.24 -2.73 -3.31
N PHE H 139 -38.76 -3.88 -2.87
CA PHE H 139 -37.32 -4.08 -2.68
C PHE H 139 -36.61 -4.56 -3.95
N SER H 140 -37.39 -4.86 -4.99
CA SER H 140 -36.81 -5.26 -6.26
C SER H 140 -36.62 -4.04 -7.18
N LYS H 141 -37.22 -2.93 -6.80
CA LYS H 141 -37.18 -1.72 -7.61
C LYS H 141 -35.76 -1.39 -8.07
N ASN H 142 -35.62 -1.01 -9.34
CA ASN H 142 -34.33 -0.65 -9.89
C ASN H 142 -33.84 0.69 -9.35
N CYS H 143 -33.21 0.65 -8.17
CA CYS H 143 -32.71 1.86 -7.55
C CYS H 143 -31.38 2.32 -8.17
N ASN H 144 -30.77 1.44 -8.97
CA ASN H 144 -29.50 1.75 -9.62
C ASN H 144 -29.44 3.19 -10.10
N ASN H 145 -30.43 3.60 -10.89
CA ASN H 145 -30.48 4.96 -11.39
C ASN H 145 -30.72 5.98 -10.29
N SER H 146 -31.42 5.55 -9.24
CA SER H 146 -31.68 6.41 -8.08
C SER H 146 -30.46 6.54 -7.18
N PHE H 147 -29.56 5.56 -7.24
CA PHE H 147 -28.32 5.62 -6.48
C PHE H 147 -27.39 6.66 -7.09
N ALA H 148 -27.40 6.76 -8.42
CA ALA H 148 -26.58 7.73 -9.13
C ALA H 148 -26.91 9.15 -8.69
N GLU H 149 -28.13 9.35 -8.19
CA GLU H 149 -28.59 10.67 -7.75
C GLU H 149 -27.74 11.21 -6.60
N CYS H 150 -27.28 10.32 -5.73
CA CYS H 150 -26.49 10.72 -4.57
C CYS H 150 -25.41 11.74 -4.94
#